data_2PFL
#
_entry.id   2PFL
#
_cell.length_a   159.020
_cell.length_b   159.020
_cell.length_c   160.640
_cell.angle_alpha   90.00
_cell.angle_beta   90.00
_cell.angle_gamma   90.00
#
_symmetry.space_group_name_H-M   'P 43 21 2'
#
loop_
_entity.id
_entity.type
_entity.pdbx_description
1 polymer 'PROTEIN (PYRUVATE FORMATE-LYASE)'
2 non-polymer 'CHLORIDE ION'
3 non-polymer 'SODIUM ION'
4 water water
#
_entity_poly.entity_id   1
_entity_poly.type   'polypeptide(L)'
_entity_poly.pdbx_seq_one_letter_code
;SELNEKLATAWEGFTKGDWQNEVNVRDFIQKNYTPYEGDESFLAGATEATTTLWDKVMEGVKLENRTHAPVDFDTAVAST
ITSHDAGYINKQLEKIVGLQTEAPLKRALIPFGGIKMIEGSCKAYNRELDPMIKKIFTEYRKTHNQGVFDVYTPDILRCR
KSGVLTGLPDAYGRGRIIGDYRRVALYGIDYLMKDKLAQFTSLQADLENGVNLEQTIRLREEIAEQHRALGQMKEMAAKY
GYDISGPATNAQEAIQWTYFGYLAAVKSQNGAAMSFGRTSTFLDVYIERDLKAGKITEQEAQEMVDHLVMKLRMVRFLRT
PEYDELFSGDPIWATESIGGMGLDGRTLVTKNSFRFLNTLYTMGPSPEPNMTILWSEKLPLNFKKFAAKVSIDTSSLQYE
NDDLMRPDFNNDDYAIACCVSPMIVGKQMQFFGARANLAKTMLYAINGGVDEKLKMQVGPKSEPIKGDVLNYDEVMERMD
HFMDWLAKQYITALNIIHYMHDKYSYEASLMALHDRDVIRTMACGIAGLSVAADSLSAIKYAKVKPIRDEDGLAIDFEIE
GEYPQFGNNDPRVDDLAVDLVERFMKKIQKLHTYRDAIPTQSVLTITSNVVYGKKTGNTPDGRRAGAPFGPGANPMHGRD
QKGAVASLTSVAKLPFAYAKDGISYTFSIVPNALGKDDEVRKTNLAGLMDGYFHHEASIEGGQHLNVNVMNREMLLDAME
NPEKYPQLTIRVSGYAVRFNSLTKEQQQDVITRTFTQSM
;
_entity_poly.pdbx_strand_id   A,B
#
loop_
_chem_comp.id
_chem_comp.type
_chem_comp.name
_chem_comp.formula
CL non-polymer 'CHLORIDE ION' 'Cl -1'
NA non-polymer 'SODIUM ION' 'Na 1'
#
# COMPACT_ATOMS: atom_id res chain seq x y z
N SER A 1 0.37 7.70 -39.09
CA SER A 1 0.38 6.38 -39.81
C SER A 1 0.40 5.21 -38.83
N GLU A 2 -0.79 4.72 -38.46
CA GLU A 2 -0.92 3.59 -37.53
C GLU A 2 -1.20 2.26 -38.26
N LEU A 3 -0.20 1.81 -39.04
CA LEU A 3 -0.29 0.56 -39.79
C LEU A 3 1.12 0.02 -40.05
N ASN A 4 1.52 -0.95 -39.22
CA ASN A 4 2.81 -1.61 -39.31
C ASN A 4 2.71 -2.69 -40.41
N GLU A 5 3.83 -3.32 -40.75
CA GLU A 5 3.84 -4.36 -41.79
C GLU A 5 3.10 -5.63 -41.32
N LYS A 6 3.31 -5.99 -40.05
CA LYS A 6 2.70 -7.17 -39.48
C LYS A 6 1.21 -6.96 -39.20
N LEU A 7 0.87 -5.75 -38.76
CA LEU A 7 -0.53 -5.41 -38.47
C LEU A 7 -1.39 -5.59 -39.72
N ALA A 8 -0.84 -5.20 -40.87
CA ALA A 8 -1.55 -5.31 -42.15
C ALA A 8 -1.69 -6.77 -42.62
N THR A 9 -0.72 -7.60 -42.25
CA THR A 9 -0.74 -9.00 -42.62
C THR A 9 -1.78 -9.74 -41.78
N ALA A 10 -1.82 -9.42 -40.50
CA ALA A 10 -2.76 -10.05 -39.58
C ALA A 10 -4.18 -9.58 -39.84
N TRP A 11 -4.32 -8.29 -40.14
CA TRP A 11 -5.63 -7.71 -40.38
C TRP A 11 -6.07 -7.73 -41.85
N GLU A 12 -5.42 -8.57 -42.66
CA GLU A 12 -5.74 -8.69 -44.08
C GLU A 12 -7.21 -9.05 -44.32
N GLY A 13 -7.91 -8.17 -45.03
CA GLY A 13 -9.31 -8.43 -45.33
C GLY A 13 -10.29 -7.71 -44.42
N PHE A 14 -9.82 -7.28 -43.26
CA PHE A 14 -10.68 -6.58 -42.31
C PHE A 14 -11.04 -5.16 -42.75
N THR A 15 -12.29 -4.79 -42.52
CA THR A 15 -12.80 -3.46 -42.87
C THR A 15 -12.10 -2.39 -42.03
N LYS A 16 -11.95 -1.19 -42.59
CA LYS A 16 -11.30 -0.08 -41.89
C LYS A 16 -12.19 0.59 -40.86
N GLY A 17 -11.54 1.20 -39.87
CA GLY A 17 -12.27 1.90 -38.82
C GLY A 17 -11.31 2.47 -37.78
N ASP A 18 -11.84 3.23 -36.84
CA ASP A 18 -11.05 3.84 -35.78
C ASP A 18 -10.20 2.80 -35.05
N TRP A 19 -10.77 1.60 -34.92
CA TRP A 19 -10.10 0.49 -34.24
C TRP A 19 -8.67 0.21 -34.70
N GLN A 20 -8.29 0.67 -35.88
CA GLN A 20 -6.94 0.43 -36.36
C GLN A 20 -5.95 1.45 -35.82
N ASN A 21 -6.48 2.55 -35.28
CA ASN A 21 -5.66 3.64 -34.76
C ASN A 21 -5.63 3.77 -33.24
N GLU A 22 -6.58 3.13 -32.58
CA GLU A 22 -6.66 3.19 -31.13
C GLU A 22 -7.22 1.87 -30.65
N VAL A 23 -7.25 1.68 -29.33
CA VAL A 23 -7.80 0.47 -28.75
C VAL A 23 -9.31 0.65 -28.72
N ASN A 24 -9.99 -0.14 -29.56
CA ASN A 24 -11.44 -0.06 -29.65
C ASN A 24 -11.94 -1.38 -30.22
N VAL A 25 -12.16 -2.35 -29.33
CA VAL A 25 -12.62 -3.67 -29.71
C VAL A 25 -14.05 -3.62 -30.27
N ARG A 26 -14.87 -2.74 -29.71
CA ARG A 26 -16.26 -2.59 -30.13
C ARG A 26 -16.37 -2.16 -31.59
N ASP A 27 -15.51 -1.25 -32.03
CA ASP A 27 -15.51 -0.78 -33.42
C ASP A 27 -15.13 -1.90 -34.36
N PHE A 28 -14.09 -2.65 -34.01
CA PHE A 28 -13.63 -3.77 -34.82
C PHE A 28 -14.76 -4.76 -35.05
N ILE A 29 -15.51 -5.05 -34.00
CA ILE A 29 -16.63 -5.98 -34.08
C ILE A 29 -17.69 -5.39 -35.02
N GLN A 30 -18.04 -4.12 -34.81
CA GLN A 30 -19.04 -3.47 -35.64
C GLN A 30 -18.72 -3.45 -37.13
N LYS A 31 -17.47 -3.17 -37.48
CA LYS A 31 -17.07 -3.12 -38.88
C LYS A 31 -16.82 -4.48 -39.51
N ASN A 32 -16.67 -5.53 -38.71
CA ASN A 32 -16.36 -6.83 -39.28
C ASN A 32 -17.25 -8.05 -39.06
N TYR A 33 -18.03 -8.09 -37.98
CA TYR A 33 -18.85 -9.27 -37.74
C TYR A 33 -19.96 -9.49 -38.77
N THR A 34 -20.20 -10.75 -39.12
CA THR A 34 -21.24 -11.10 -40.07
C THR A 34 -22.46 -11.63 -39.31
N PRO A 35 -23.57 -10.86 -39.30
CA PRO A 35 -24.77 -11.30 -38.60
C PRO A 35 -25.30 -12.59 -39.23
N TYR A 36 -25.78 -13.51 -38.39
CA TYR A 36 -26.32 -14.78 -38.87
C TYR A 36 -27.75 -15.03 -38.38
N GLU A 37 -28.68 -15.20 -39.32
CA GLU A 37 -30.08 -15.43 -38.99
C GLU A 37 -30.57 -16.85 -39.28
N GLY A 38 -29.67 -17.69 -39.80
CA GLY A 38 -30.02 -19.07 -40.12
C GLY A 38 -30.22 -19.97 -38.92
N ASP A 39 -30.27 -21.28 -39.13
CA ASP A 39 -30.46 -22.22 -38.02
C ASP A 39 -29.23 -23.05 -37.63
N GLU A 40 -29.49 -24.16 -36.93
CA GLU A 40 -28.44 -25.05 -36.43
C GLU A 40 -27.94 -26.16 -37.36
N SER A 41 -28.50 -26.25 -38.55
CA SER A 41 -28.13 -27.30 -39.50
C SER A 41 -26.65 -27.34 -39.93
N PHE A 42 -25.92 -26.26 -39.71
CA PHE A 42 -24.51 -26.21 -40.11
C PHE A 42 -23.56 -26.77 -39.05
N LEU A 43 -24.04 -26.84 -37.81
CA LEU A 43 -23.26 -27.33 -36.68
C LEU A 43 -22.64 -28.70 -36.87
N ALA A 44 -21.35 -28.80 -36.55
CA ALA A 44 -20.61 -30.05 -36.67
C ALA A 44 -20.63 -30.84 -35.35
N GLY A 45 -19.95 -31.99 -35.35
CA GLY A 45 -19.90 -32.80 -34.16
C GLY A 45 -18.50 -32.83 -33.57
N ALA A 46 -18.40 -33.39 -32.35
CA ALA A 46 -17.12 -33.49 -31.66
C ALA A 46 -16.14 -34.37 -32.42
N THR A 47 -14.87 -33.99 -32.42
CA THR A 47 -13.84 -34.78 -33.09
C THR A 47 -13.35 -35.86 -32.10
N GLU A 48 -12.57 -36.81 -32.60
CA GLU A 48 -12.04 -37.88 -31.75
C GLU A 48 -11.14 -37.32 -30.66
N ALA A 49 -10.36 -36.31 -31.02
CA ALA A 49 -9.44 -35.66 -30.10
C ALA A 49 -10.22 -34.98 -29.00
N THR A 50 -11.30 -34.29 -29.38
CA THR A 50 -12.13 -33.60 -28.40
C THR A 50 -12.68 -34.56 -27.35
N THR A 51 -13.30 -35.65 -27.80
CA THR A 51 -13.87 -36.65 -26.89
C THR A 51 -12.80 -37.31 -26.04
N THR A 52 -11.68 -37.67 -26.64
CA THR A 52 -10.59 -38.31 -25.91
C THR A 52 -10.14 -37.42 -24.74
N LEU A 53 -9.96 -36.14 -25.04
CA LEU A 53 -9.53 -35.15 -24.05
C LEU A 53 -10.58 -34.90 -22.97
N TRP A 54 -11.82 -34.69 -23.40
CA TRP A 54 -12.88 -34.44 -22.44
C TRP A 54 -13.15 -35.60 -21.50
N ASP A 55 -13.15 -36.82 -22.04
CA ASP A 55 -13.39 -38.01 -21.23
C ASP A 55 -12.32 -38.17 -20.16
N LYS A 56 -11.09 -37.85 -20.52
CA LYS A 56 -9.96 -37.91 -19.60
C LYS A 56 -10.17 -36.91 -18.46
N VAL A 57 -10.65 -35.72 -18.82
CA VAL A 57 -10.91 -34.66 -17.85
C VAL A 57 -12.09 -35.02 -16.96
N MET A 58 -13.08 -35.70 -17.52
CA MET A 58 -14.24 -36.12 -16.75
C MET A 58 -13.84 -37.07 -15.65
N GLU A 59 -12.73 -37.79 -15.83
CA GLU A 59 -12.27 -38.73 -14.82
C GLU A 59 -11.85 -38.01 -13.55
N GLY A 60 -11.28 -36.82 -13.72
CA GLY A 60 -10.88 -36.00 -12.58
C GLY A 60 -12.10 -35.30 -11.98
N VAL A 61 -13.07 -34.95 -12.83
CA VAL A 61 -14.30 -34.28 -12.39
C VAL A 61 -15.13 -35.19 -11.51
N LYS A 62 -15.13 -36.49 -11.85
CA LYS A 62 -15.87 -37.50 -11.10
C LYS A 62 -15.24 -37.64 -9.72
N LEU A 63 -13.91 -37.59 -9.69
CA LEU A 63 -13.17 -37.69 -8.44
C LEU A 63 -13.52 -36.50 -7.55
N GLU A 64 -13.57 -35.31 -8.15
CA GLU A 64 -13.89 -34.09 -7.42
C GLU A 64 -15.25 -34.20 -6.77
N ASN A 65 -16.26 -34.49 -7.58
CA ASN A 65 -17.64 -34.61 -7.08
C ASN A 65 -17.76 -35.64 -5.97
N ARG A 66 -17.14 -36.80 -6.16
CA ARG A 66 -17.20 -37.87 -5.17
C ARG A 66 -16.57 -37.47 -3.84
N THR A 67 -15.32 -37.00 -3.91
CA THR A 67 -14.59 -36.59 -2.71
C THR A 67 -14.90 -35.18 -2.19
N HIS A 68 -15.71 -34.44 -2.92
CA HIS A 68 -16.06 -33.06 -2.58
C HIS A 68 -14.81 -32.28 -2.16
N ALA A 69 -13.73 -32.52 -2.89
CA ALA A 69 -12.45 -31.89 -2.61
C ALA A 69 -11.59 -31.83 -3.87
N PRO A 70 -10.52 -31.03 -3.83
CA PRO A 70 -9.60 -30.87 -4.96
C PRO A 70 -8.94 -32.18 -5.35
N VAL A 71 -8.61 -32.31 -6.64
CA VAL A 71 -7.94 -33.49 -7.13
C VAL A 71 -6.53 -33.44 -6.56
N ASP A 72 -5.98 -32.24 -6.56
CA ASP A 72 -4.64 -31.97 -6.06
C ASP A 72 -4.48 -30.45 -6.08
N PHE A 73 -3.51 -29.94 -5.31
CA PHE A 73 -3.24 -28.50 -5.26
C PHE A 73 -1.84 -28.23 -4.70
N ASP A 74 -1.29 -27.06 -5.03
CA ASP A 74 0.04 -26.66 -4.58
C ASP A 74 0.09 -26.46 -3.07
N THR A 75 1.27 -26.66 -2.47
CA THR A 75 1.43 -26.45 -1.04
C THR A 75 2.69 -25.67 -0.77
N ALA A 76 3.55 -25.57 -1.78
CA ALA A 76 4.81 -24.87 -1.63
C ALA A 76 5.15 -23.84 -2.68
N VAL A 77 4.22 -23.55 -3.58
CA VAL A 77 4.46 -22.58 -4.64
C VAL A 77 3.46 -21.45 -4.66
N ALA A 78 3.96 -20.21 -4.63
CA ALA A 78 3.14 -19.01 -4.68
C ALA A 78 2.86 -18.70 -6.14
N SER A 79 1.62 -18.88 -6.57
CA SER A 79 1.25 -18.65 -7.96
C SER A 79 1.25 -17.21 -8.44
N THR A 80 1.76 -17.03 -9.65
CA THR A 80 1.84 -15.74 -10.33
C THR A 80 1.57 -16.04 -11.80
N ILE A 81 1.80 -15.08 -12.68
CA ILE A 81 1.56 -15.32 -14.10
C ILE A 81 2.62 -16.28 -14.68
N THR A 82 3.87 -16.06 -14.29
CA THR A 82 4.98 -16.85 -14.79
C THR A 82 5.46 -17.97 -13.88
N SER A 83 4.78 -18.22 -12.77
CA SER A 83 5.21 -19.25 -11.82
C SER A 83 5.24 -20.70 -12.29
N HIS A 84 4.21 -21.11 -13.02
CA HIS A 84 4.12 -22.50 -13.48
C HIS A 84 4.61 -22.80 -14.88
N ASP A 85 5.09 -24.03 -15.08
CA ASP A 85 5.54 -24.48 -16.38
C ASP A 85 4.28 -24.86 -17.15
N ALA A 86 4.42 -25.04 -18.46
CA ALA A 86 3.28 -25.41 -19.29
C ALA A 86 2.68 -26.72 -18.80
N GLY A 87 1.35 -26.82 -18.85
CA GLY A 87 0.68 -28.02 -18.42
C GLY A 87 -0.29 -28.46 -19.49
N TYR A 88 -0.40 -29.77 -19.71
CA TYR A 88 -1.29 -30.31 -20.75
C TYR A 88 -2.11 -31.51 -20.32
N ILE A 89 -3.20 -31.73 -21.04
CA ILE A 89 -4.08 -32.88 -20.83
C ILE A 89 -3.46 -33.98 -21.70
N ASN A 90 -3.08 -33.56 -22.90
CA ASN A 90 -2.44 -34.40 -23.91
C ASN A 90 -1.97 -33.42 -24.99
N LYS A 91 -0.70 -33.03 -24.91
CA LYS A 91 -0.08 -32.08 -25.82
C LYS A 91 -0.37 -32.30 -27.31
N GLN A 92 -0.44 -33.56 -27.73
CA GLN A 92 -0.69 -33.92 -29.13
C GLN A 92 -2.10 -33.70 -29.63
N LEU A 93 -3.07 -33.61 -28.74
CA LEU A 93 -4.45 -33.45 -29.17
C LEU A 93 -5.05 -32.06 -29.03
N GLU A 94 -4.52 -31.27 -28.11
CA GLU A 94 -5.04 -29.92 -27.86
C GLU A 94 -4.79 -28.89 -28.93
N LYS A 95 -5.89 -28.29 -29.42
CA LYS A 95 -5.84 -27.25 -30.43
C LYS A 95 -5.59 -25.91 -29.74
N ILE A 96 -6.15 -25.76 -28.53
CA ILE A 96 -5.97 -24.55 -27.72
C ILE A 96 -5.33 -25.00 -26.40
N VAL A 97 -4.24 -24.34 -25.99
CA VAL A 97 -3.54 -24.73 -24.77
C VAL A 97 -3.56 -23.73 -23.60
N GLY A 98 -3.13 -24.20 -22.43
CA GLY A 98 -3.08 -23.37 -21.25
C GLY A 98 -3.84 -23.85 -20.02
N LEU A 99 -3.10 -24.08 -18.94
CA LEU A 99 -3.68 -24.51 -17.66
C LEU A 99 -3.12 -23.62 -16.55
N GLN A 100 -3.86 -23.51 -15.45
CA GLN A 100 -3.44 -22.69 -14.32
C GLN A 100 -2.14 -23.17 -13.72
N THR A 101 -1.98 -24.48 -13.61
CA THR A 101 -0.75 -25.06 -13.08
C THR A 101 -0.16 -26.02 -14.12
N GLU A 102 0.71 -26.91 -13.66
CA GLU A 102 1.36 -27.87 -14.54
C GLU A 102 0.56 -29.17 -14.73
N ALA A 103 -0.63 -29.24 -14.14
CA ALA A 103 -1.48 -30.43 -14.24
C ALA A 103 -2.95 -30.05 -14.29
N PRO A 104 -3.76 -30.82 -15.04
CA PRO A 104 -5.19 -30.57 -15.18
C PRO A 104 -5.91 -30.67 -13.84
N LEU A 105 -6.67 -29.62 -13.53
CA LEU A 105 -7.46 -29.54 -12.30
C LEU A 105 -6.68 -29.38 -10.99
N LYS A 106 -5.36 -29.27 -11.08
CA LYS A 106 -4.56 -29.09 -9.87
C LYS A 106 -4.67 -27.61 -9.50
N ARG A 107 -5.24 -27.35 -8.33
CA ARG A 107 -5.45 -25.99 -7.85
C ARG A 107 -4.18 -25.31 -7.35
N ALA A 108 -4.13 -24.00 -7.40
CA ALA A 108 -2.95 -23.24 -6.99
C ALA A 108 -3.08 -22.46 -5.68
N LEU A 109 -2.00 -21.79 -5.29
CA LEU A 109 -1.99 -20.94 -4.11
C LEU A 109 -1.85 -19.50 -4.58
N ILE A 110 -2.86 -18.69 -4.26
CA ILE A 110 -2.87 -17.28 -4.59
C ILE A 110 -2.83 -16.66 -3.19
N PRO A 111 -1.62 -16.52 -2.62
CA PRO A 111 -1.39 -15.98 -1.28
C PRO A 111 -1.62 -14.50 -1.00
N PHE A 112 -1.58 -13.67 -2.04
CA PHE A 112 -1.76 -12.23 -1.87
C PHE A 112 -3.06 -11.85 -1.19
N GLY A 113 -4.07 -12.71 -1.30
CA GLY A 113 -5.35 -12.43 -0.68
C GLY A 113 -5.40 -12.75 0.80
N GLY A 114 -4.56 -13.68 1.24
CA GLY A 114 -4.53 -14.07 2.63
C GLY A 114 -3.96 -15.45 2.80
N ILE A 115 -3.16 -15.64 3.84
CA ILE A 115 -2.53 -16.92 4.09
C ILE A 115 -3.39 -17.85 4.96
N LYS A 116 -4.26 -17.25 5.79
CA LYS A 116 -5.12 -18.04 6.68
C LYS A 116 -6.09 -18.96 5.95
N MET A 117 -6.66 -18.48 4.84
CA MET A 117 -7.59 -19.29 4.07
C MET A 117 -6.86 -20.45 3.42
N ILE A 118 -5.61 -20.23 3.02
CA ILE A 118 -4.82 -21.27 2.42
C ILE A 118 -4.54 -22.35 3.47
N GLU A 119 -4.21 -21.92 4.69
CA GLU A 119 -3.98 -22.85 5.79
C GLU A 119 -5.25 -23.67 6.04
N GLY A 120 -6.38 -22.98 6.15
CA GLY A 120 -7.65 -23.64 6.38
C GLY A 120 -7.96 -24.70 5.34
N SER A 121 -7.65 -24.40 4.07
CA SER A 121 -7.88 -25.32 2.97
C SER A 121 -6.96 -26.51 3.13
N CYS A 122 -5.70 -26.21 3.44
CA CYS A 122 -4.70 -27.24 3.62
C CYS A 122 -5.05 -28.26 4.70
N LYS A 123 -5.64 -27.81 5.80
CA LYS A 123 -6.01 -28.75 6.83
C LYS A 123 -7.28 -29.47 6.46
N ALA A 124 -8.22 -28.76 5.86
CA ALA A 124 -9.48 -29.38 5.46
C ALA A 124 -9.25 -30.53 4.49
N TYR A 125 -8.34 -30.37 3.55
CA TYR A 125 -8.10 -31.40 2.55
C TYR A 125 -6.93 -32.31 2.85
N ASN A 126 -6.43 -32.20 4.08
CA ASN A 126 -5.33 -33.04 4.56
C ASN A 126 -4.00 -32.92 3.80
N ARG A 127 -3.45 -31.71 3.75
CA ARG A 127 -2.17 -31.43 3.11
C ARG A 127 -1.39 -30.45 3.99
N GLU A 128 -0.07 -30.44 3.85
CA GLU A 128 0.77 -29.57 4.67
C GLU A 128 1.31 -28.35 3.97
N LEU A 129 0.92 -27.18 4.47
CA LEU A 129 1.37 -25.94 3.91
C LEU A 129 2.88 -25.78 4.14
N ASP A 130 3.61 -25.38 3.10
CA ASP A 130 5.04 -25.18 3.23
C ASP A 130 5.28 -24.07 4.24
N PRO A 131 6.14 -24.31 5.23
CA PRO A 131 6.43 -23.29 6.26
C PRO A 131 7.01 -21.98 5.73
N MET A 132 7.76 -22.04 4.63
CA MET A 132 8.35 -20.84 4.05
C MET A 132 7.26 -19.92 3.48
N ILE A 133 6.32 -20.48 2.73
CA ILE A 133 5.21 -19.72 2.15
C ILE A 133 4.47 -19.00 3.27
N LYS A 134 4.21 -19.72 4.35
CA LYS A 134 3.51 -19.16 5.50
C LYS A 134 4.25 -17.97 6.11
N LYS A 135 5.55 -18.16 6.32
CA LYS A 135 6.39 -17.12 6.91
C LYS A 135 6.38 -15.85 6.06
N ILE A 136 6.52 -16.03 4.74
CA ILE A 136 6.54 -14.91 3.80
C ILE A 136 5.26 -14.09 3.89
N PHE A 137 4.13 -14.79 3.77
CA PHE A 137 2.84 -14.14 3.75
C PHE A 137 2.16 -13.83 5.07
N THR A 138 2.97 -13.68 6.12
CA THR A 138 2.46 -13.32 7.44
C THR A 138 3.43 -12.28 8.01
N GLU A 139 4.70 -12.38 7.64
CA GLU A 139 5.74 -11.47 8.12
C GLU A 139 6.33 -10.47 7.12
N TYR A 140 6.43 -10.86 5.86
CA TYR A 140 7.01 -10.00 4.84
C TYR A 140 5.97 -9.30 3.95
N ARG A 141 5.21 -10.09 3.22
CA ARG A 141 4.18 -9.56 2.34
C ARG A 141 2.84 -9.60 3.09
N LYS A 142 2.29 -8.42 3.38
CA LYS A 142 1.03 -8.33 4.08
C LYS A 142 -0.06 -8.67 3.09
N THR A 143 -1.08 -9.37 3.53
CA THR A 143 -2.15 -9.79 2.63
C THR A 143 -3.41 -8.97 2.76
N HIS A 144 -4.30 -9.12 1.79
CA HIS A 144 -5.58 -8.41 1.77
C HIS A 144 -6.36 -8.72 3.04
N ASN A 145 -6.41 -10.01 3.39
CA ASN A 145 -7.13 -10.47 4.56
C ASN A 145 -6.65 -9.82 5.86
N GLN A 146 -5.34 -9.69 6.02
N GLN A 146 -5.32 -9.68 5.96
CA GLN A 146 -4.81 -9.07 7.22
CA GLN A 146 -4.69 -9.09 7.14
C GLN A 146 -5.02 -7.57 7.29
C GLN A 146 -4.99 -7.60 7.28
N GLY A 147 -4.99 -6.90 6.14
CA GLY A 147 -5.23 -5.47 6.12
C GLY A 147 -6.63 -5.10 6.52
N VAL A 148 -7.60 -5.88 6.07
CA VAL A 148 -8.99 -5.63 6.38
C VAL A 148 -9.28 -5.75 7.88
N PHE A 149 -8.90 -6.90 8.46
CA PHE A 149 -9.11 -7.15 9.88
C PHE A 149 -8.34 -6.23 10.81
N ASP A 150 -7.37 -5.50 10.27
CA ASP A 150 -6.60 -4.56 11.07
C ASP A 150 -7.39 -3.26 11.18
N VAL A 151 -8.25 -3.00 10.19
CA VAL A 151 -9.05 -1.78 10.14
C VAL A 151 -10.53 -1.96 10.52
N TYR A 152 -11.02 -3.20 10.43
CA TYR A 152 -12.41 -3.52 10.79
C TYR A 152 -12.79 -3.00 12.18
N THR A 153 -14.07 -2.73 12.37
CA THR A 153 -14.58 -2.25 13.66
C THR A 153 -15.19 -3.43 14.39
N PRO A 154 -15.23 -3.40 15.73
CA PRO A 154 -15.82 -4.52 16.47
C PRO A 154 -17.31 -4.67 16.16
N ASP A 155 -17.92 -3.61 15.66
CA ASP A 155 -19.33 -3.60 15.29
C ASP A 155 -19.51 -4.51 14.09
N ILE A 156 -18.66 -4.30 13.09
CA ILE A 156 -18.67 -5.09 11.87
C ILE A 156 -18.38 -6.54 12.20
N LEU A 157 -17.41 -6.76 13.08
CA LEU A 157 -17.05 -8.12 13.48
C LEU A 157 -18.26 -8.84 14.07
N ARG A 158 -19.10 -8.10 14.81
CA ARG A 158 -20.30 -8.66 15.42
C ARG A 158 -21.34 -9.05 14.37
N CYS A 159 -21.50 -8.20 13.35
CA CYS A 159 -22.44 -8.45 12.26
C CYS A 159 -22.04 -9.70 11.50
N ARG A 160 -20.74 -9.91 11.37
CA ARG A 160 -20.18 -11.05 10.66
C ARG A 160 -20.54 -12.36 11.39
N LYS A 161 -20.37 -12.32 12.71
CA LYS A 161 -20.65 -13.47 13.56
C LYS A 161 -22.14 -13.82 13.69
N SER A 162 -22.98 -12.79 13.83
CA SER A 162 -24.42 -13.01 13.99
C SER A 162 -25.16 -13.41 12.72
N GLY A 163 -24.60 -13.07 11.58
CA GLY A 163 -25.24 -13.42 10.33
C GLY A 163 -26.04 -12.29 9.73
N VAL A 164 -25.62 -11.06 9.97
CA VAL A 164 -26.33 -9.90 9.43
C VAL A 164 -25.55 -9.39 8.22
N LEU A 165 -24.23 -9.52 8.31
CA LEU A 165 -23.30 -9.09 7.26
C LEU A 165 -22.22 -10.15 7.24
N THR A 166 -22.41 -11.18 6.43
CA THR A 166 -21.45 -12.27 6.36
C THR A 166 -21.13 -12.69 4.94
N GLY A 167 -19.91 -13.17 4.73
CA GLY A 167 -19.48 -13.61 3.42
C GLY A 167 -18.94 -12.52 2.50
N LEU A 168 -18.58 -11.37 3.06
CA LEU A 168 -18.05 -10.27 2.29
C LEU A 168 -16.63 -10.65 1.84
N PRO A 169 -16.18 -10.09 0.70
CA PRO A 169 -14.86 -10.40 0.18
C PRO A 169 -13.66 -9.97 1.04
N ASP A 170 -13.61 -10.47 2.28
CA ASP A 170 -12.50 -10.16 3.15
C ASP A 170 -11.58 -11.38 3.30
N ALA A 171 -11.99 -12.50 2.70
CA ALA A 171 -11.24 -13.76 2.77
C ALA A 171 -11.08 -14.49 1.45
N TYR A 172 -11.19 -13.76 0.35
CA TYR A 172 -11.05 -14.34 -0.98
C TYR A 172 -11.02 -13.18 -1.94
N GLY A 173 -10.53 -13.42 -3.16
CA GLY A 173 -10.47 -12.39 -4.17
C GLY A 173 -11.84 -11.80 -4.45
N ARG A 174 -11.92 -10.48 -4.62
CA ARG A 174 -13.19 -9.83 -4.87
C ARG A 174 -13.84 -10.18 -6.20
N GLY A 175 -13.02 -10.40 -7.22
CA GLY A 175 -13.56 -10.73 -8.52
C GLY A 175 -14.27 -9.54 -9.11
N ARG A 176 -15.38 -9.80 -9.81
CA ARG A 176 -16.22 -8.77 -10.45
C ARG A 176 -15.47 -7.86 -11.43
N ILE A 177 -14.41 -8.39 -12.02
CA ILE A 177 -13.63 -7.64 -12.99
C ILE A 177 -13.47 -8.49 -14.22
N ILE A 178 -13.75 -7.91 -15.37
CA ILE A 178 -13.61 -8.60 -16.64
C ILE A 178 -12.66 -7.82 -17.54
N GLY A 179 -11.43 -8.28 -17.63
CA GLY A 179 -10.49 -7.60 -18.51
C GLY A 179 -10.91 -7.96 -19.92
N ASP A 180 -10.69 -7.06 -20.88
CA ASP A 180 -11.07 -7.36 -22.24
C ASP A 180 -9.96 -8.21 -22.83
N TYR A 181 -10.13 -9.52 -22.77
CA TYR A 181 -9.13 -10.44 -23.28
C TYR A 181 -9.03 -10.43 -24.79
N ARG A 182 -10.10 -9.95 -25.44
CA ARG A 182 -10.17 -9.84 -26.90
C ARG A 182 -9.09 -8.87 -27.41
N ARG A 183 -8.68 -7.94 -26.55
CA ARG A 183 -7.64 -6.97 -26.89
C ARG A 183 -6.34 -7.64 -27.27
N VAL A 184 -6.01 -8.76 -26.62
CA VAL A 184 -4.78 -9.49 -26.90
C VAL A 184 -4.83 -10.09 -28.30
N ALA A 185 -5.96 -10.70 -28.63
CA ALA A 185 -6.14 -11.31 -29.95
C ALA A 185 -6.07 -10.24 -31.04
N LEU A 186 -6.76 -9.12 -30.82
CA LEU A 186 -6.80 -8.05 -31.78
C LEU A 186 -5.48 -7.32 -32.00
N TYR A 187 -4.95 -6.72 -30.94
CA TYR A 187 -3.71 -5.93 -31.04
C TYR A 187 -2.35 -6.55 -30.74
N GLY A 188 -2.33 -7.60 -29.94
CA GLY A 188 -1.06 -8.21 -29.55
C GLY A 188 -0.54 -7.50 -28.30
N ILE A 189 0.27 -8.20 -27.51
CA ILE A 189 0.80 -7.61 -26.29
C ILE A 189 1.56 -6.31 -26.49
N ASP A 190 2.49 -6.30 -27.45
CA ASP A 190 3.33 -5.11 -27.73
C ASP A 190 2.56 -3.81 -27.94
N TYR A 191 1.56 -3.86 -28.79
CA TYR A 191 0.75 -2.67 -29.06
C TYR A 191 0.05 -2.19 -27.79
N LEU A 192 -0.32 -3.11 -26.91
CA LEU A 192 -1.00 -2.78 -25.68
C LEU A 192 -0.07 -2.19 -24.63
N MET A 193 1.19 -2.61 -24.63
CA MET A 193 2.17 -2.08 -23.70
C MET A 193 2.54 -0.64 -24.08
N LYS A 194 2.60 -0.38 -25.39
CA LYS A 194 2.91 0.94 -25.89
C LYS A 194 1.74 1.89 -25.57
N ASP A 195 0.54 1.35 -25.63
CA ASP A 195 -0.65 2.14 -25.32
C ASP A 195 -0.70 2.48 -23.83
N LYS A 196 -0.29 1.52 -22.99
CA LYS A 196 -0.28 1.72 -21.55
C LYS A 196 0.78 2.74 -21.17
N LEU A 197 1.94 2.67 -21.81
CA LEU A 197 3.03 3.62 -21.55
C LEU A 197 2.58 5.04 -21.85
N ALA A 198 1.67 5.16 -22.80
CA ALA A 198 1.13 6.46 -23.18
C ALA A 198 0.21 6.93 -22.06
N GLN A 199 -0.58 6.00 -21.53
CA GLN A 199 -1.52 6.32 -20.45
C GLN A 199 -0.74 6.73 -19.22
N PHE A 200 0.38 6.05 -18.97
CA PHE A 200 1.24 6.34 -17.84
C PHE A 200 1.80 7.76 -17.95
N THR A 201 2.28 8.11 -19.15
CA THR A 201 2.86 9.43 -19.42
C THR A 201 1.85 10.57 -19.37
N SER A 202 0.61 10.30 -19.76
CA SER A 202 -0.42 11.32 -19.77
C SER A 202 -0.75 11.84 -18.38
N LEU A 203 -0.24 11.16 -17.36
CA LEU A 203 -0.49 11.54 -15.98
C LEU A 203 0.64 12.35 -15.36
N GLN A 204 1.74 12.50 -16.09
CA GLN A 204 2.89 13.23 -15.58
C GLN A 204 2.60 14.69 -15.23
N ALA A 205 1.85 15.38 -16.09
CA ALA A 205 1.52 16.77 -15.86
C ALA A 205 0.83 16.96 -14.51
N ASP A 206 -0.33 16.31 -14.35
CA ASP A 206 -1.11 16.37 -13.12
C ASP A 206 -0.27 16.07 -11.88
N LEU A 207 0.69 15.16 -12.04
CA LEU A 207 1.58 14.80 -10.95
C LEU A 207 2.45 15.98 -10.55
N GLU A 208 3.17 16.53 -11.52
CA GLU A 208 4.06 17.66 -11.29
C GLU A 208 3.30 18.89 -10.82
N ASN A 209 2.03 19.00 -11.18
CA ASN A 209 1.23 20.15 -10.80
C ASN A 209 0.42 20.00 -9.51
N GLY A 210 0.58 18.86 -8.83
CA GLY A 210 -0.11 18.61 -7.58
C GLY A 210 -1.62 18.45 -7.67
N VAL A 211 -2.11 18.14 -8.87
CA VAL A 211 -3.53 17.95 -9.11
C VAL A 211 -3.94 16.56 -8.65
N ASN A 212 -4.72 16.46 -7.57
CA ASN A 212 -5.15 15.16 -7.04
C ASN A 212 -3.94 14.27 -6.83
N LEU A 213 -2.95 14.81 -6.12
CA LEU A 213 -1.69 14.14 -5.86
C LEU A 213 -1.71 12.64 -5.60
N GLU A 214 -2.32 12.24 -4.49
CA GLU A 214 -2.37 10.83 -4.12
C GLU A 214 -3.11 9.92 -5.10
N GLN A 215 -4.18 10.43 -5.70
CA GLN A 215 -4.95 9.65 -6.68
C GLN A 215 -4.13 9.48 -7.95
N THR A 216 -3.32 10.49 -8.27
CA THR A 216 -2.48 10.45 -9.47
C THR A 216 -1.34 9.45 -9.28
N ILE A 217 -0.67 9.57 -8.14
CA ILE A 217 0.45 8.68 -7.83
C ILE A 217 -0.01 7.23 -7.85
N ARG A 218 -1.19 6.99 -7.27
CA ARG A 218 -1.75 5.64 -7.24
C ARG A 218 -1.96 5.11 -8.64
N LEU A 219 -2.63 5.91 -9.48
CA LEU A 219 -2.92 5.52 -10.84
C LEU A 219 -1.65 5.28 -11.63
N ARG A 220 -0.62 6.10 -11.41
CA ARG A 220 0.64 5.89 -12.14
C ARG A 220 1.22 4.55 -11.78
N GLU A 221 1.25 4.23 -10.48
CA GLU A 221 1.80 2.95 -10.02
C GLU A 221 0.99 1.76 -10.54
N GLU A 222 -0.33 1.90 -10.56
CA GLU A 222 -1.18 0.84 -11.05
C GLU A 222 -0.92 0.58 -12.52
N ILE A 223 -0.83 1.65 -13.29
CA ILE A 223 -0.56 1.51 -14.72
C ILE A 223 0.80 0.89 -14.94
N ALA A 224 1.73 1.17 -14.04
CA ALA A 224 3.07 0.62 -14.15
C ALA A 224 3.04 -0.89 -13.92
N GLU A 225 2.16 -1.34 -13.03
CA GLU A 225 2.02 -2.76 -12.71
C GLU A 225 1.28 -3.45 -13.85
N GLN A 226 0.38 -2.71 -14.49
CA GLN A 226 -0.39 -3.23 -15.61
C GLN A 226 0.55 -3.50 -16.77
N HIS A 227 1.47 -2.57 -16.96
CA HIS A 227 2.46 -2.65 -18.02
C HIS A 227 3.33 -3.87 -17.79
N ARG A 228 3.79 -4.05 -16.56
CA ARG A 228 4.64 -5.19 -16.19
C ARG A 228 3.90 -6.51 -16.37
N ALA A 229 2.60 -6.51 -16.08
CA ALA A 229 1.79 -7.70 -16.21
C ALA A 229 1.68 -8.14 -17.67
N LEU A 230 1.51 -7.18 -18.58
CA LEU A 230 1.40 -7.48 -20.00
C LEU A 230 2.65 -8.18 -20.50
N GLY A 231 3.80 -7.80 -19.95
CA GLY A 231 5.06 -8.42 -20.34
C GLY A 231 5.18 -9.85 -19.84
N GLN A 232 4.58 -10.12 -18.69
CA GLN A 232 4.57 -11.45 -18.09
C GLN A 232 3.61 -12.34 -18.85
N MET A 233 2.64 -11.73 -19.53
CA MET A 233 1.69 -12.49 -20.33
C MET A 233 2.47 -13.14 -21.44
N LYS A 234 3.37 -12.37 -22.05
CA LYS A 234 4.22 -12.87 -23.13
C LYS A 234 5.07 -14.02 -22.61
N GLU A 235 5.75 -13.82 -21.48
CA GLU A 235 6.59 -14.85 -20.88
C GLU A 235 5.82 -16.12 -20.61
N MET A 236 4.56 -15.97 -20.18
CA MET A 236 3.69 -17.09 -19.88
C MET A 236 3.41 -17.90 -21.15
N ALA A 237 2.93 -17.20 -22.18
CA ALA A 237 2.61 -17.83 -23.45
C ALA A 237 3.86 -18.46 -24.04
N ALA A 238 4.99 -17.79 -23.87
CA ALA A 238 6.27 -18.29 -24.37
C ALA A 238 6.59 -19.67 -23.83
N LYS A 239 6.12 -19.99 -22.63
CA LYS A 239 6.36 -21.29 -22.03
C LYS A 239 5.62 -22.36 -22.83
N TYR A 240 4.52 -21.97 -23.46
CA TYR A 240 3.72 -22.87 -24.26
C TYR A 240 4.19 -22.87 -25.71
N GLY A 241 5.28 -22.14 -25.98
CA GLY A 241 5.83 -22.06 -27.32
C GLY A 241 5.15 -21.07 -28.24
N TYR A 242 4.42 -20.13 -27.67
CA TYR A 242 3.73 -19.12 -28.44
C TYR A 242 4.31 -17.73 -28.29
N ASP A 243 4.16 -16.93 -29.34
CA ASP A 243 4.63 -15.56 -29.34
C ASP A 243 3.39 -14.70 -29.57
N ILE A 244 2.95 -14.04 -28.52
CA ILE A 244 1.76 -13.20 -28.60
C ILE A 244 2.08 -11.71 -28.59
N SER A 245 3.32 -11.36 -28.96
CA SER A 245 3.73 -9.95 -28.99
C SER A 245 3.02 -9.19 -30.11
N GLY A 246 2.67 -9.92 -31.16
CA GLY A 246 1.97 -9.35 -32.30
C GLY A 246 0.54 -9.87 -32.33
N PRO A 247 -0.34 -9.29 -33.16
CA PRO A 247 -1.75 -9.67 -33.33
C PRO A 247 -2.00 -11.08 -33.89
N ALA A 248 -3.16 -11.64 -33.58
CA ALA A 248 -3.56 -12.96 -34.05
C ALA A 248 -3.79 -12.92 -35.55
N THR A 249 -3.03 -13.73 -36.30
CA THR A 249 -3.14 -13.78 -37.75
C THR A 249 -4.27 -14.65 -38.30
N ASN A 250 -4.77 -15.58 -37.49
CA ASN A 250 -5.88 -16.46 -37.91
C ASN A 250 -6.90 -16.74 -36.80
N ALA A 251 -7.80 -17.69 -37.04
CA ALA A 251 -8.84 -18.06 -36.08
C ALA A 251 -8.30 -18.76 -34.84
N GLN A 252 -7.44 -19.74 -35.05
CA GLN A 252 -6.85 -20.49 -33.96
C GLN A 252 -6.07 -19.57 -33.00
N GLU A 253 -5.41 -18.58 -33.57
CA GLU A 253 -4.63 -17.65 -32.77
C GLU A 253 -5.51 -16.65 -32.05
N ALA A 254 -6.64 -16.28 -32.64
CA ALA A 254 -7.55 -15.34 -32.01
C ALA A 254 -8.09 -15.99 -30.75
N ILE A 255 -8.48 -17.26 -30.86
CA ILE A 255 -9.01 -18.00 -29.73
C ILE A 255 -7.89 -18.18 -28.70
N GLN A 256 -6.72 -18.63 -29.15
CA GLN A 256 -5.58 -18.83 -28.27
C GLN A 256 -5.11 -17.56 -27.57
N TRP A 257 -4.99 -16.47 -28.32
CA TRP A 257 -4.55 -15.17 -27.79
C TRP A 257 -5.53 -14.64 -26.74
N THR A 258 -6.82 -14.80 -27.01
CA THR A 258 -7.86 -14.33 -26.10
C THR A 258 -7.84 -15.14 -24.81
N TYR A 259 -7.67 -16.47 -24.95
CA TYR A 259 -7.61 -17.33 -23.80
C TYR A 259 -6.35 -17.04 -22.97
N PHE A 260 -5.23 -16.82 -23.64
CA PHE A 260 -3.98 -16.51 -22.95
C PHE A 260 -4.15 -15.26 -22.08
N GLY A 261 -5.00 -14.34 -22.53
CA GLY A 261 -5.25 -13.13 -21.77
C GLY A 261 -5.99 -13.49 -20.49
N TYR A 262 -6.98 -14.37 -20.62
CA TYR A 262 -7.78 -14.83 -19.49
C TYR A 262 -6.94 -15.73 -18.58
N LEU A 263 -6.12 -16.59 -19.17
CA LEU A 263 -5.30 -17.50 -18.39
C LEU A 263 -4.43 -16.73 -17.41
N ALA A 264 -3.87 -15.61 -17.84
CA ALA A 264 -3.03 -14.79 -16.98
C ALA A 264 -3.82 -14.31 -15.76
N ALA A 265 -5.09 -13.98 -15.97
CA ALA A 265 -5.95 -13.52 -14.91
C ALA A 265 -6.17 -14.63 -13.88
N VAL A 266 -6.62 -15.79 -14.34
CA VAL A 266 -6.88 -16.92 -13.46
C VAL A 266 -5.64 -17.60 -12.87
N LYS A 267 -4.47 -17.10 -13.22
CA LYS A 267 -3.22 -17.62 -12.70
C LYS A 267 -2.73 -16.68 -11.59
N SER A 268 -3.26 -15.46 -11.57
CA SER A 268 -2.83 -14.47 -10.59
C SER A 268 -3.85 -13.98 -9.57
N GLN A 269 -5.14 -14.14 -9.86
CA GLN A 269 -6.19 -13.68 -8.95
C GLN A 269 -7.22 -14.78 -8.73
N ASN A 270 -7.66 -14.95 -7.49
CA ASN A 270 -8.64 -15.98 -7.18
C ASN A 270 -10.01 -15.39 -6.88
N GLY A 271 -10.43 -14.45 -7.71
CA GLY A 271 -11.72 -13.82 -7.51
C GLY A 271 -12.88 -14.79 -7.47
N ALA A 272 -13.92 -14.42 -6.74
CA ALA A 272 -15.11 -15.28 -6.63
C ALA A 272 -15.67 -15.57 -8.02
N ALA A 273 -15.66 -14.56 -8.88
CA ALA A 273 -16.13 -14.67 -10.25
C ALA A 273 -15.04 -14.15 -11.16
N MET A 274 -14.61 -14.99 -12.10
CA MET A 274 -13.59 -14.61 -13.07
C MET A 274 -14.24 -14.84 -14.43
N SER A 275 -15.12 -13.92 -14.82
CA SER A 275 -15.85 -14.01 -16.08
C SER A 275 -15.03 -13.83 -17.37
N PHE A 276 -15.55 -14.38 -18.46
CA PHE A 276 -14.90 -14.33 -19.76
C PHE A 276 -15.25 -13.08 -20.56
N GLY A 277 -16.49 -12.63 -20.47
CA GLY A 277 -16.92 -11.43 -21.19
C GLY A 277 -17.80 -11.74 -22.39
N ARG A 278 -17.83 -10.83 -23.36
CA ARG A 278 -18.60 -10.98 -24.59
C ARG A 278 -17.58 -11.28 -25.70
N THR A 279 -17.33 -12.56 -25.94
CA THR A 279 -16.33 -12.97 -26.93
C THR A 279 -16.77 -13.83 -28.12
N SER A 280 -17.84 -14.62 -27.95
CA SER A 280 -18.30 -15.49 -29.04
C SER A 280 -18.40 -14.80 -30.41
N THR A 281 -19.11 -13.67 -30.48
CA THR A 281 -19.26 -12.91 -31.71
C THR A 281 -17.93 -12.39 -32.23
N PHE A 282 -17.12 -11.84 -31.32
CA PHE A 282 -15.80 -11.30 -31.65
C PHE A 282 -14.96 -12.35 -32.36
N LEU A 283 -14.83 -13.52 -31.75
CA LEU A 283 -14.05 -14.59 -32.34
C LEU A 283 -14.59 -15.07 -33.68
N ASP A 284 -15.90 -14.90 -33.90
CA ASP A 284 -16.52 -15.33 -35.15
C ASP A 284 -15.88 -14.65 -36.35
N VAL A 285 -15.52 -13.40 -36.17
CA VAL A 285 -14.89 -12.62 -37.22
C VAL A 285 -13.64 -13.34 -37.75
N TYR A 286 -12.89 -13.96 -36.86
CA TYR A 286 -11.69 -14.65 -37.29
C TYR A 286 -11.99 -16.02 -37.88
N ILE A 287 -13.02 -16.69 -37.35
CA ILE A 287 -13.42 -18.00 -37.84
C ILE A 287 -13.97 -17.85 -39.25
N GLU A 288 -14.87 -16.88 -39.44
CA GLU A 288 -15.48 -16.62 -40.74
C GLU A 288 -14.42 -16.43 -41.82
N ARG A 289 -13.44 -15.57 -41.55
CA ARG A 289 -12.37 -15.29 -42.51
C ARG A 289 -11.60 -16.56 -42.91
N ASP A 290 -11.35 -17.43 -41.93
CA ASP A 290 -10.64 -18.67 -42.18
C ASP A 290 -11.47 -19.70 -42.95
N LEU A 291 -12.78 -19.66 -42.78
CA LEU A 291 -13.68 -20.58 -43.49
C LEU A 291 -13.74 -20.11 -44.94
N LYS A 292 -14.03 -18.82 -45.13
CA LYS A 292 -14.12 -18.20 -46.45
C LYS A 292 -12.84 -18.37 -47.26
N ALA A 293 -11.70 -18.37 -46.58
CA ALA A 293 -10.42 -18.55 -47.25
C ALA A 293 -10.10 -20.03 -47.41
N GLY A 294 -11.01 -20.87 -46.94
CA GLY A 294 -10.83 -22.31 -47.02
C GLY A 294 -9.66 -22.86 -46.23
N LYS A 295 -9.24 -22.14 -45.21
CA LYS A 295 -8.13 -22.58 -44.36
C LYS A 295 -8.63 -23.54 -43.28
N ILE A 296 -9.85 -23.29 -42.81
CA ILE A 296 -10.44 -24.09 -41.76
C ILE A 296 -11.82 -24.62 -42.16
N THR A 297 -12.08 -25.90 -41.85
CA THR A 297 -13.36 -26.52 -42.15
C THR A 297 -14.32 -26.19 -41.00
N GLU A 298 -15.61 -26.43 -41.20
CA GLU A 298 -16.58 -26.13 -40.15
C GLU A 298 -16.36 -26.99 -38.91
N GLN A 299 -15.90 -28.22 -39.10
CA GLN A 299 -15.65 -29.12 -37.99
C GLN A 299 -14.44 -28.67 -37.18
N GLU A 300 -13.41 -28.20 -37.87
CA GLU A 300 -12.19 -27.70 -37.22
C GLU A 300 -12.49 -26.47 -36.38
N ALA A 301 -13.52 -25.74 -36.79
CA ALA A 301 -13.98 -24.53 -36.11
C ALA A 301 -14.57 -24.92 -34.76
N GLN A 302 -15.46 -25.90 -34.78
CA GLN A 302 -16.09 -26.39 -33.55
C GLN A 302 -15.02 -26.92 -32.61
N GLU A 303 -14.11 -27.74 -33.15
CA GLU A 303 -13.01 -28.32 -32.37
C GLU A 303 -12.27 -27.24 -31.58
N MET A 304 -11.98 -26.13 -32.23
CA MET A 304 -11.29 -25.01 -31.61
C MET A 304 -12.13 -24.40 -30.49
N VAL A 305 -13.40 -24.14 -30.77
CA VAL A 305 -14.32 -23.58 -29.78
C VAL A 305 -14.48 -24.58 -28.64
N ASP A 306 -14.52 -25.85 -28.99
CA ASP A 306 -14.66 -26.92 -28.02
C ASP A 306 -13.49 -26.93 -27.05
N HIS A 307 -12.28 -26.91 -27.59
CA HIS A 307 -11.07 -26.92 -26.78
C HIS A 307 -10.94 -25.68 -25.87
N LEU A 308 -11.46 -24.55 -26.31
CA LEU A 308 -11.44 -23.32 -25.52
C LEU A 308 -12.43 -23.48 -24.39
N VAL A 309 -13.67 -23.80 -24.75
CA VAL A 309 -14.73 -23.98 -23.76
C VAL A 309 -14.36 -25.09 -22.78
N MET A 310 -13.57 -26.04 -23.25
CA MET A 310 -13.13 -27.16 -22.42
C MET A 310 -12.17 -26.64 -21.35
N LYS A 311 -11.33 -25.67 -21.73
CA LYS A 311 -10.39 -25.10 -20.78
C LYS A 311 -11.18 -24.29 -19.74
N LEU A 312 -12.27 -23.66 -20.17
CA LEU A 312 -13.10 -22.89 -19.28
C LEU A 312 -13.86 -23.82 -18.34
N ARG A 313 -13.91 -25.10 -18.68
CA ARG A 313 -14.58 -26.11 -17.84
C ARG A 313 -13.55 -26.64 -16.84
N MET A 314 -12.31 -26.22 -16.99
CA MET A 314 -11.23 -26.69 -16.15
C MET A 314 -10.65 -25.67 -15.18
N VAL A 315 -11.23 -24.49 -15.12
CA VAL A 315 -10.73 -23.48 -14.20
C VAL A 315 -11.11 -23.87 -12.79
N ARG A 316 -10.15 -23.79 -11.87
CA ARG A 316 -10.35 -24.16 -10.46
C ARG A 316 -9.59 -23.25 -9.52
N PHE A 317 -10.13 -23.11 -8.31
CA PHE A 317 -9.52 -22.31 -7.26
C PHE A 317 -9.62 -23.04 -5.93
N LEU A 318 -8.55 -22.96 -5.14
CA LEU A 318 -8.50 -23.59 -3.83
C LEU A 318 -9.35 -22.77 -2.88
N ARG A 319 -10.42 -23.37 -2.39
CA ARG A 319 -11.33 -22.69 -1.48
C ARG A 319 -11.46 -23.41 -0.14
N THR A 320 -11.96 -22.68 0.86
CA THR A 320 -12.16 -23.19 2.21
C THR A 320 -13.58 -23.77 2.33
N PRO A 321 -13.83 -24.60 3.35
CA PRO A 321 -15.18 -25.18 3.52
C PRO A 321 -16.20 -24.07 3.78
N GLU A 322 -15.75 -22.99 4.39
CA GLU A 322 -16.58 -21.82 4.71
C GLU A 322 -17.05 -21.17 3.41
N TYR A 323 -16.12 -21.05 2.46
CA TYR A 323 -16.38 -20.47 1.16
C TYR A 323 -17.32 -21.40 0.40
N ASP A 324 -17.09 -22.70 0.55
CA ASP A 324 -17.89 -23.73 -0.10
C ASP A 324 -19.38 -23.67 0.22
N GLU A 325 -19.74 -23.18 1.40
CA GLU A 325 -21.15 -23.08 1.77
C GLU A 325 -21.78 -21.75 1.37
N LEU A 326 -20.95 -20.71 1.22
CA LEU A 326 -21.37 -19.37 0.82
C LEU A 326 -21.57 -19.34 -0.70
N PHE A 327 -20.69 -20.08 -1.39
CA PHE A 327 -20.71 -20.21 -2.86
C PHE A 327 -20.61 -21.71 -3.17
N SER A 328 -21.76 -22.39 -3.16
CA SER A 328 -21.82 -23.83 -3.39
C SER A 328 -21.61 -24.34 -4.82
N GLY A 329 -21.22 -25.61 -4.92
CA GLY A 329 -21.01 -26.25 -6.21
C GLY A 329 -19.71 -26.05 -6.96
N ASP A 330 -18.68 -25.52 -6.31
CA ASP A 330 -17.38 -25.31 -6.98
C ASP A 330 -17.55 -24.42 -8.21
N PRO A 331 -18.17 -23.23 -8.05
CA PRO A 331 -18.41 -22.28 -9.15
C PRO A 331 -17.23 -21.40 -9.55
N ILE A 332 -17.18 -21.03 -10.82
CA ILE A 332 -16.12 -20.18 -11.33
C ILE A 332 -16.70 -18.91 -11.92
N TRP A 333 -17.89 -19.04 -12.48
CA TRP A 333 -18.59 -17.93 -13.12
C TRP A 333 -17.84 -17.40 -14.33
N ALA A 334 -17.29 -18.31 -15.14
CA ALA A 334 -16.58 -17.92 -16.35
C ALA A 334 -17.68 -17.59 -17.36
N THR A 335 -18.40 -16.53 -17.07
CA THR A 335 -19.53 -16.07 -17.86
C THR A 335 -19.21 -15.60 -19.27
N GLU A 336 -20.04 -16.04 -20.22
CA GLU A 336 -19.93 -15.69 -21.64
C GLU A 336 -21.24 -15.05 -22.07
N SER A 337 -21.17 -13.83 -22.57
CA SER A 337 -22.37 -13.16 -23.04
C SER A 337 -22.52 -13.43 -24.54
N ILE A 338 -23.58 -14.16 -24.87
CA ILE A 338 -23.87 -14.55 -26.25
C ILE A 338 -25.07 -13.86 -26.89
N GLY A 339 -24.91 -13.50 -28.15
CA GLY A 339 -25.98 -12.85 -28.88
C GLY A 339 -26.21 -11.37 -28.64
N GLY A 340 -27.48 -11.03 -28.43
CA GLY A 340 -27.86 -9.64 -28.21
C GLY A 340 -28.05 -8.88 -29.52
N MET A 341 -28.55 -7.66 -29.41
CA MET A 341 -28.78 -6.82 -30.59
C MET A 341 -27.82 -5.64 -30.55
N GLY A 342 -27.51 -5.09 -31.72
CA GLY A 342 -26.64 -3.95 -31.79
C GLY A 342 -27.45 -2.67 -31.58
N LEU A 343 -26.76 -1.54 -31.48
CA LEU A 343 -27.43 -0.26 -31.32
C LEU A 343 -28.07 0.15 -32.63
N ASP A 344 -27.46 -0.27 -33.74
CA ASP A 344 -27.93 0.03 -35.10
C ASP A 344 -29.14 -0.81 -35.56
N GLY A 345 -29.43 -1.90 -34.84
CA GLY A 345 -30.57 -2.73 -35.20
C GLY A 345 -30.30 -4.17 -35.54
N ARG A 346 -29.15 -4.46 -36.15
CA ARG A 346 -28.80 -5.83 -36.51
C ARG A 346 -28.53 -6.67 -35.25
N THR A 347 -28.68 -7.99 -35.37
CA THR A 347 -28.43 -8.88 -34.25
C THR A 347 -26.94 -9.21 -34.14
N LEU A 348 -26.45 -9.30 -32.90
CA LEU A 348 -25.05 -9.64 -32.68
C LEU A 348 -24.87 -11.16 -32.76
N VAL A 349 -25.97 -11.88 -32.97
CA VAL A 349 -25.92 -13.34 -33.08
C VAL A 349 -25.09 -13.71 -34.30
N THR A 350 -24.31 -14.78 -34.18
CA THR A 350 -23.44 -15.23 -35.26
C THR A 350 -23.41 -16.75 -35.28
N LYS A 351 -22.64 -17.31 -36.22
CA LYS A 351 -22.52 -18.75 -36.30
C LYS A 351 -21.84 -19.26 -35.04
N ASN A 352 -20.91 -18.46 -34.51
CA ASN A 352 -20.18 -18.83 -33.31
C ASN A 352 -21.13 -18.89 -32.13
N SER A 353 -22.21 -18.12 -32.18
CA SER A 353 -23.20 -18.15 -31.11
C SER A 353 -23.70 -19.58 -31.00
N PHE A 354 -24.02 -20.17 -32.14
CA PHE A 354 -24.49 -21.55 -32.20
C PHE A 354 -23.37 -22.51 -31.79
N ARG A 355 -22.16 -22.25 -32.26
CA ARG A 355 -21.02 -23.09 -31.93
C ARG A 355 -20.79 -23.21 -30.43
N PHE A 356 -20.97 -22.10 -29.72
CA PHE A 356 -20.78 -22.07 -28.28
C PHE A 356 -21.84 -22.88 -27.57
N LEU A 357 -23.10 -22.67 -27.96
CA LEU A 357 -24.20 -23.43 -27.36
C LEU A 357 -24.04 -24.91 -27.68
N ASN A 358 -23.47 -25.19 -28.85
CA ASN A 358 -23.24 -26.55 -29.31
C ASN A 358 -22.26 -27.33 -28.41
N THR A 359 -21.43 -26.64 -27.64
CA THR A 359 -20.49 -27.33 -26.76
C THR A 359 -21.24 -28.17 -25.74
N LEU A 360 -22.52 -27.83 -25.51
CA LEU A 360 -23.35 -28.58 -24.58
C LEU A 360 -23.69 -29.93 -25.17
N TYR A 361 -23.70 -30.02 -26.50
CA TYR A 361 -23.99 -31.26 -27.19
C TYR A 361 -22.71 -32.02 -27.50
N THR A 362 -21.69 -31.32 -27.96
CA THR A 362 -20.42 -31.94 -28.31
C THR A 362 -19.68 -32.54 -27.12
N MET A 363 -19.80 -31.91 -25.96
CA MET A 363 -19.11 -32.39 -24.76
C MET A 363 -20.05 -32.60 -23.57
N GLY A 364 -21.35 -32.67 -23.84
CA GLY A 364 -22.32 -32.88 -22.79
C GLY A 364 -22.59 -31.62 -21.98
N PRO A 365 -23.56 -31.66 -21.04
CA PRO A 365 -23.90 -30.52 -20.20
C PRO A 365 -22.77 -30.12 -19.27
N SER A 366 -22.69 -28.82 -18.98
CA SER A 366 -21.64 -28.33 -18.12
C SER A 366 -22.05 -27.02 -17.46
N PRO A 367 -21.72 -26.86 -16.17
CA PRO A 367 -22.02 -25.68 -15.34
C PRO A 367 -21.26 -24.48 -15.88
N GLU A 368 -19.99 -24.72 -16.21
CA GLU A 368 -19.10 -23.70 -16.75
C GLU A 368 -18.78 -24.02 -18.20
N PRO A 369 -18.62 -22.99 -19.06
CA PRO A 369 -18.75 -21.56 -18.79
C PRO A 369 -20.20 -21.20 -18.52
N ASN A 370 -20.40 -20.15 -17.75
CA ASN A 370 -21.75 -19.70 -17.43
C ASN A 370 -22.28 -18.97 -18.65
N MET A 371 -22.81 -19.75 -19.61
CA MET A 371 -23.33 -19.19 -20.86
C MET A 371 -24.63 -18.43 -20.70
N THR A 372 -24.55 -17.14 -21.00
CA THR A 372 -25.68 -16.24 -20.87
C THR A 372 -26.13 -15.68 -22.22
N ILE A 373 -27.42 -15.88 -22.51
CA ILE A 373 -28.02 -15.38 -23.74
C ILE A 373 -28.59 -13.99 -23.49
N LEU A 374 -28.09 -13.00 -24.22
CA LEU A 374 -28.59 -11.63 -24.10
C LEU A 374 -29.85 -11.62 -24.96
N TRP A 375 -30.98 -11.81 -24.28
CA TRP A 375 -32.29 -11.88 -24.92
C TRP A 375 -32.92 -10.58 -25.40
N SER A 376 -33.48 -10.64 -26.60
CA SER A 376 -34.16 -9.51 -27.23
C SER A 376 -35.33 -10.05 -28.05
N GLU A 377 -36.45 -9.32 -28.04
CA GLU A 377 -37.61 -9.72 -28.82
C GLU A 377 -37.30 -9.69 -30.32
N LYS A 378 -36.35 -8.85 -30.70
CA LYS A 378 -35.96 -8.72 -32.10
C LYS A 378 -34.96 -9.78 -32.57
N LEU A 379 -34.61 -10.73 -31.70
CA LEU A 379 -33.66 -11.78 -32.09
C LEU A 379 -34.23 -12.67 -33.20
N PRO A 380 -33.35 -13.29 -34.02
CA PRO A 380 -33.81 -14.17 -35.10
C PRO A 380 -34.59 -15.31 -34.46
N LEU A 381 -35.82 -15.54 -34.91
CA LEU A 381 -36.64 -16.62 -34.35
C LEU A 381 -35.88 -17.95 -34.28
N ASN A 382 -35.01 -18.17 -35.26
CA ASN A 382 -34.20 -19.39 -35.34
C ASN A 382 -33.33 -19.59 -34.11
N PHE A 383 -32.71 -18.51 -33.66
CA PHE A 383 -31.85 -18.56 -32.48
C PHE A 383 -32.67 -18.72 -31.20
N LYS A 384 -33.78 -17.99 -31.12
CA LYS A 384 -34.68 -18.06 -29.96
C LYS A 384 -35.10 -19.50 -29.65
N LYS A 385 -35.42 -20.25 -30.70
CA LYS A 385 -35.84 -21.63 -30.57
C LYS A 385 -34.69 -22.53 -30.18
N PHE A 386 -33.57 -22.43 -30.88
CA PHE A 386 -32.42 -23.26 -30.58
C PHE A 386 -31.96 -23.07 -29.13
N ALA A 387 -32.00 -21.83 -28.67
CA ALA A 387 -31.60 -21.51 -27.30
C ALA A 387 -32.52 -22.25 -26.32
N ALA A 388 -33.82 -22.16 -26.57
CA ALA A 388 -34.82 -22.83 -25.75
C ALA A 388 -34.62 -24.36 -25.80
N LYS A 389 -34.32 -24.89 -26.97
CA LYS A 389 -34.09 -26.31 -27.16
C LYS A 389 -32.98 -26.77 -26.23
N VAL A 390 -31.88 -26.01 -26.26
CA VAL A 390 -30.71 -26.29 -25.44
C VAL A 390 -31.06 -26.24 -23.97
N SER A 391 -31.91 -25.29 -23.59
CA SER A 391 -32.34 -25.17 -22.19
C SER A 391 -33.17 -26.38 -21.81
N ILE A 392 -34.04 -26.82 -22.73
CA ILE A 392 -34.89 -27.99 -22.50
C ILE A 392 -34.04 -29.26 -22.34
N ASP A 393 -33.01 -29.39 -23.17
CA ASP A 393 -32.14 -30.55 -23.13
C ASP A 393 -31.14 -30.58 -22.00
N THR A 394 -30.60 -29.41 -21.65
CA THR A 394 -29.56 -29.36 -20.62
C THR A 394 -29.79 -28.56 -19.35
N SER A 395 -30.64 -27.55 -19.41
CA SER A 395 -30.90 -26.67 -18.25
C SER A 395 -29.58 -26.02 -17.84
N SER A 396 -28.74 -25.73 -18.84
CA SER A 396 -27.44 -25.13 -18.60
C SER A 396 -27.34 -23.65 -18.98
N LEU A 397 -28.39 -23.11 -19.60
CA LEU A 397 -28.38 -21.71 -20.01
C LEU A 397 -29.13 -20.75 -19.09
N GLN A 398 -28.80 -19.47 -19.22
CA GLN A 398 -29.48 -18.42 -18.47
C GLN A 398 -29.77 -17.25 -19.41
N TYR A 399 -30.82 -16.50 -19.13
CA TYR A 399 -31.22 -15.40 -20.00
C TYR A 399 -31.28 -14.07 -19.28
N GLU A 400 -30.77 -13.04 -19.95
CA GLU A 400 -30.79 -11.69 -19.41
C GLU A 400 -31.30 -10.71 -20.46
N ASN A 401 -32.08 -9.73 -20.01
CA ASN A 401 -32.72 -8.74 -20.85
C ASN A 401 -31.84 -7.73 -21.58
N ASP A 402 -31.58 -8.00 -22.86
CA ASP A 402 -30.77 -7.10 -23.70
C ASP A 402 -31.57 -5.85 -24.05
N ASP A 403 -32.89 -6.03 -24.15
CA ASP A 403 -33.78 -4.92 -24.48
C ASP A 403 -33.80 -3.88 -23.38
N LEU A 404 -33.37 -4.28 -22.19
CA LEU A 404 -33.33 -3.38 -21.04
C LEU A 404 -31.95 -2.77 -20.79
N MET A 405 -30.94 -3.64 -20.76
CA MET A 405 -29.57 -3.22 -20.49
C MET A 405 -28.89 -2.45 -21.61
N ARG A 406 -29.08 -2.89 -22.86
CA ARG A 406 -28.47 -2.18 -24.00
C ARG A 406 -28.85 -0.69 -24.02
N PRO A 407 -30.15 -0.37 -23.96
CA PRO A 407 -30.56 1.04 -23.96
C PRO A 407 -30.06 1.78 -22.73
N ASP A 408 -30.09 1.11 -21.58
CA ASP A 408 -29.64 1.71 -20.35
C ASP A 408 -28.19 2.18 -20.45
N PHE A 409 -27.32 1.30 -20.94
CA PHE A 409 -25.91 1.62 -21.11
C PHE A 409 -25.70 2.39 -22.41
N ASN A 410 -26.62 2.23 -23.35
CA ASN A 410 -26.51 2.83 -24.67
C ASN A 410 -25.17 2.33 -25.22
N ASN A 411 -25.02 1.01 -25.18
CA ASN A 411 -23.81 0.36 -25.63
C ASN A 411 -24.16 -1.08 -25.97
N ASP A 412 -23.64 -1.58 -27.08
CA ASP A 412 -23.92 -2.94 -27.49
C ASP A 412 -22.73 -3.86 -27.22
N ASP A 413 -21.80 -3.41 -26.39
CA ASP A 413 -20.62 -4.21 -26.06
C ASP A 413 -20.39 -4.32 -24.55
N TYR A 414 -21.47 -4.58 -23.81
CA TYR A 414 -21.38 -4.76 -22.36
C TYR A 414 -21.42 -6.27 -22.10
N ALA A 415 -20.88 -6.69 -20.96
CA ALA A 415 -20.87 -8.11 -20.59
C ALA A 415 -21.40 -8.35 -19.19
N ILE A 416 -21.73 -9.61 -18.89
CA ILE A 416 -22.25 -9.98 -17.59
C ILE A 416 -21.17 -10.58 -16.73
N ALA A 417 -20.95 -10.02 -15.56
CA ALA A 417 -19.94 -10.55 -14.66
C ALA A 417 -20.65 -11.35 -13.59
N CYS A 418 -20.04 -12.46 -13.19
CA CYS A 418 -20.58 -13.33 -12.15
C CYS A 418 -21.95 -13.89 -12.52
N CYS A 419 -23.00 -13.31 -11.97
CA CYS A 419 -24.35 -13.77 -12.22
C CYS A 419 -25.21 -12.88 -13.10
N VAL A 420 -25.45 -11.66 -12.61
CA VAL A 420 -26.31 -10.70 -13.32
C VAL A 420 -25.81 -9.25 -13.33
N SER A 421 -24.56 -9.04 -12.93
CA SER A 421 -23.97 -7.69 -12.87
C SER A 421 -23.31 -7.27 -14.19
N PRO A 422 -23.97 -6.35 -14.92
CA PRO A 422 -23.49 -5.84 -16.22
C PRO A 422 -22.43 -4.74 -16.19
N MET A 423 -21.57 -4.77 -17.20
CA MET A 423 -20.48 -3.80 -17.32
C MET A 423 -20.02 -3.66 -18.76
N ILE A 424 -19.67 -2.44 -19.15
CA ILE A 424 -19.19 -2.16 -20.50
C ILE A 424 -17.74 -2.66 -20.56
N VAL A 425 -17.49 -3.67 -21.39
CA VAL A 425 -16.19 -4.29 -21.52
C VAL A 425 -14.97 -3.38 -21.66
N GLY A 426 -14.04 -3.52 -20.72
CA GLY A 426 -12.82 -2.76 -20.73
C GLY A 426 -12.92 -1.32 -20.28
N LYS A 427 -14.12 -0.91 -19.87
CA LYS A 427 -14.35 0.47 -19.45
C LYS A 427 -15.08 0.58 -18.11
N GLN A 428 -15.37 -0.56 -17.48
CA GLN A 428 -16.13 -0.55 -16.23
C GLN A 428 -16.02 -1.84 -15.43
N MET A 429 -15.90 -1.69 -14.11
CA MET A 429 -15.81 -2.84 -13.19
C MET A 429 -16.70 -2.61 -11.96
N GLN A 430 -16.77 -3.61 -11.10
CA GLN A 430 -17.54 -3.52 -9.87
C GLN A 430 -16.70 -3.78 -8.64
N PHE A 431 -17.14 -3.24 -7.51
CA PHE A 431 -16.48 -3.48 -6.24
C PHE A 431 -17.46 -4.44 -5.58
N PHE A 432 -17.18 -5.73 -5.72
CA PHE A 432 -18.04 -6.77 -5.19
C PHE A 432 -18.35 -6.55 -3.73
N GLY A 433 -19.61 -6.72 -3.35
CA GLY A 433 -19.99 -6.51 -1.97
C GLY A 433 -20.77 -7.63 -1.33
N ALA A 434 -20.90 -8.76 -2.01
CA ALA A 434 -21.66 -9.90 -1.51
C ALA A 434 -23.08 -9.44 -1.19
N ARG A 435 -23.64 -9.89 -0.08
CA ARG A 435 -25.00 -9.49 0.28
C ARG A 435 -25.25 -9.39 1.77
N ALA A 436 -26.18 -8.50 2.14
CA ALA A 436 -26.58 -8.27 3.53
C ALA A 436 -27.88 -9.03 3.84
N ASN A 437 -28.08 -9.41 5.09
CA ASN A 437 -29.27 -10.15 5.51
C ASN A 437 -30.41 -9.21 5.91
N LEU A 438 -31.29 -8.89 4.96
CA LEU A 438 -32.40 -7.99 5.22
C LEU A 438 -33.42 -8.57 6.19
N ALA A 439 -33.62 -9.87 6.11
CA ALA A 439 -34.57 -10.57 6.95
C ALA A 439 -34.21 -10.38 8.43
N LYS A 440 -32.94 -10.61 8.77
CA LYS A 440 -32.47 -10.46 10.14
C LYS A 440 -32.55 -9.00 10.59
N THR A 441 -32.50 -8.08 9.63
CA THR A 441 -32.60 -6.66 9.94
C THR A 441 -34.01 -6.35 10.46
N MET A 442 -35.00 -7.09 9.97
CA MET A 442 -36.37 -6.92 10.43
C MET A 442 -36.51 -7.45 11.86
N LEU A 443 -36.02 -8.66 12.11
CA LEU A 443 -36.08 -9.26 13.44
C LEU A 443 -35.35 -8.38 14.45
N TYR A 444 -34.31 -7.69 14.00
CA TYR A 444 -33.54 -6.82 14.88
C TYR A 444 -34.38 -5.61 15.27
N ALA A 445 -35.20 -5.16 14.32
CA ALA A 445 -36.07 -4.02 14.55
C ALA A 445 -37.07 -4.39 15.64
N ILE A 446 -37.63 -5.58 15.52
CA ILE A 446 -38.60 -6.07 16.49
C ILE A 446 -37.98 -6.37 17.86
N ASN A 447 -36.73 -6.79 17.87
CA ASN A 447 -36.06 -7.14 19.12
C ASN A 447 -35.07 -6.12 19.70
N GLY A 448 -35.16 -4.87 19.23
CA GLY A 448 -34.28 -3.83 19.73
C GLY A 448 -32.80 -3.99 19.48
N GLY A 449 -32.45 -4.69 18.40
CA GLY A 449 -31.04 -4.88 18.07
C GLY A 449 -30.38 -6.11 18.63
N VAL A 450 -31.12 -6.88 19.43
CA VAL A 450 -30.56 -8.09 20.00
C VAL A 450 -30.77 -9.26 19.05
N ASP A 451 -29.71 -10.00 18.77
CA ASP A 451 -29.80 -11.16 17.87
C ASP A 451 -30.62 -12.28 18.50
N GLU A 452 -31.64 -12.72 17.77
CA GLU A 452 -32.56 -13.76 18.21
C GLU A 452 -32.00 -15.15 18.50
N LYS A 453 -30.73 -15.40 18.15
CA LYS A 453 -30.12 -16.71 18.42
C LYS A 453 -29.01 -16.60 19.44
N LEU A 454 -28.08 -15.68 19.20
CA LEU A 454 -26.96 -15.49 20.10
C LEU A 454 -27.35 -14.70 21.33
N LYS A 455 -28.50 -14.02 21.24
CA LYS A 455 -29.06 -13.20 22.32
C LYS A 455 -28.09 -12.16 22.89
N MET A 456 -27.35 -11.53 21.98
CA MET A 456 -26.38 -10.49 22.34
C MET A 456 -26.76 -9.25 21.52
N GLN A 457 -26.25 -8.09 21.91
CA GLN A 457 -26.56 -6.85 21.21
C GLN A 457 -25.69 -6.72 19.96
N VAL A 458 -26.33 -6.55 18.81
CA VAL A 458 -25.62 -6.43 17.55
C VAL A 458 -25.95 -5.09 16.91
N GLY A 459 -27.24 -4.86 16.69
CA GLY A 459 -27.66 -3.60 16.10
C GLY A 459 -27.66 -2.51 17.15
N PRO A 460 -28.17 -1.29 16.85
CA PRO A 460 -28.19 -0.21 17.83
C PRO A 460 -29.10 -0.57 18.98
N LYS A 461 -28.70 -0.22 20.21
CA LYS A 461 -29.53 -0.52 21.37
C LYS A 461 -30.77 0.34 21.30
N SER A 462 -31.91 -0.32 21.23
CA SER A 462 -33.20 0.35 21.15
C SER A 462 -34.28 -0.50 21.80
N GLU A 463 -35.41 0.13 22.10
CA GLU A 463 -36.51 -0.57 22.73
C GLU A 463 -37.25 -1.48 21.76
N PRO A 464 -37.40 -2.77 22.14
CA PRO A 464 -38.08 -3.80 21.35
C PRO A 464 -39.58 -3.49 21.22
N ILE A 465 -40.18 -3.92 20.11
CA ILE A 465 -41.60 -3.68 19.87
C ILE A 465 -42.51 -4.35 20.88
N LYS A 466 -43.41 -3.55 21.46
CA LYS A 466 -44.36 -4.02 22.46
C LYS A 466 -45.70 -4.42 21.84
N GLY A 467 -46.57 -4.97 22.69
CA GLY A 467 -47.87 -5.40 22.25
C GLY A 467 -47.90 -6.90 22.04
N ASP A 468 -49.08 -7.49 22.10
CA ASP A 468 -49.23 -8.93 21.88
C ASP A 468 -49.47 -9.26 20.40
N VAL A 469 -49.76 -8.22 19.61
CA VAL A 469 -49.99 -8.33 18.17
C VAL A 469 -49.17 -7.29 17.41
N LEU A 470 -48.53 -7.71 16.32
CA LEU A 470 -47.69 -6.86 15.50
C LEU A 470 -48.46 -5.88 14.63
N ASN A 471 -47.97 -4.64 14.55
CA ASN A 471 -48.63 -3.61 13.76
C ASN A 471 -47.71 -3.12 12.64
N TYR A 472 -48.15 -3.26 11.39
CA TYR A 472 -47.37 -2.87 10.21
C TYR A 472 -46.64 -1.55 10.29
N ASP A 473 -47.38 -0.45 10.33
CA ASP A 473 -46.78 0.88 10.36
C ASP A 473 -45.66 1.04 11.37
N GLU A 474 -45.79 0.39 12.52
CA GLU A 474 -44.77 0.49 13.55
C GLU A 474 -43.58 -0.38 13.19
N VAL A 475 -43.83 -1.66 12.89
CA VAL A 475 -42.78 -2.59 12.51
C VAL A 475 -41.94 -2.04 11.35
N MET A 476 -42.61 -1.45 10.36
CA MET A 476 -41.93 -0.89 9.21
C MET A 476 -41.10 0.35 9.56
N GLU A 477 -41.60 1.14 10.51
CA GLU A 477 -40.95 2.36 10.94
C GLU A 477 -39.65 2.07 11.67
N ARG A 478 -39.64 0.96 12.41
CA ARG A 478 -38.45 0.55 13.15
C ARG A 478 -37.46 -0.04 12.15
N MET A 479 -37.97 -0.83 11.21
CA MET A 479 -37.14 -1.46 10.21
C MET A 479 -36.42 -0.40 9.43
N ASP A 480 -37.15 0.64 9.02
CA ASP A 480 -36.56 1.74 8.26
C ASP A 480 -35.34 2.35 8.95
N HIS A 481 -35.36 2.42 10.29
CA HIS A 481 -34.24 2.95 11.05
C HIS A 481 -33.08 1.95 11.06
N PHE A 482 -33.41 0.68 11.26
CA PHE A 482 -32.40 -0.36 11.28
C PHE A 482 -31.72 -0.55 9.94
N MET A 483 -32.44 -0.22 8.87
CA MET A 483 -31.89 -0.31 7.53
C MET A 483 -30.86 0.79 7.31
N ASP A 484 -31.06 1.92 8.00
CA ASP A 484 -30.13 3.03 7.93
C ASP A 484 -28.82 2.54 8.53
N TRP A 485 -28.93 1.88 9.68
CA TRP A 485 -27.78 1.32 10.37
C TRP A 485 -27.10 0.24 9.52
N LEU A 486 -27.89 -0.67 8.96
CA LEU A 486 -27.36 -1.74 8.11
C LEU A 486 -26.60 -1.14 6.93
N ALA A 487 -27.13 -0.08 6.35
CA ALA A 487 -26.51 0.58 5.21
C ALA A 487 -25.17 1.18 5.57
N LYS A 488 -25.07 1.78 6.76
CA LYS A 488 -23.81 2.38 7.19
C LYS A 488 -22.73 1.33 7.46
N GLN A 489 -23.08 0.27 8.17
CA GLN A 489 -22.13 -0.79 8.47
C GLN A 489 -21.66 -1.48 7.20
N TYR A 490 -22.60 -1.71 6.29
CA TYR A 490 -22.32 -2.37 5.02
C TYR A 490 -21.37 -1.55 4.15
N ILE A 491 -21.66 -0.26 4.01
CA ILE A 491 -20.79 0.58 3.19
C ILE A 491 -19.43 0.73 3.82
N THR A 492 -19.38 0.86 5.13
CA THR A 492 -18.13 1.01 5.84
C THR A 492 -17.25 -0.23 5.67
N ALA A 493 -17.88 -1.40 5.75
CA ALA A 493 -17.17 -2.65 5.60
C ALA A 493 -16.57 -2.77 4.20
N LEU A 494 -17.34 -2.36 3.19
CA LEU A 494 -16.88 -2.43 1.82
C LEU A 494 -15.80 -1.40 1.50
N ASN A 495 -15.85 -0.25 2.16
CA ASN A 495 -14.84 0.79 1.96
C ASN A 495 -13.50 0.28 2.43
N ILE A 496 -13.49 -0.33 3.61
CA ILE A 496 -12.26 -0.88 4.16
C ILE A 496 -11.76 -1.99 3.23
N ILE A 497 -12.66 -2.89 2.87
CA ILE A 497 -12.36 -4.02 2.00
C ILE A 497 -11.70 -3.65 0.69
N HIS A 498 -12.29 -2.71 -0.03
CA HIS A 498 -11.73 -2.31 -1.33
C HIS A 498 -10.50 -1.42 -1.27
N TYR A 499 -10.30 -0.75 -0.16
CA TYR A 499 -9.11 0.07 0.01
C TYR A 499 -7.95 -0.92 0.13
N MET A 500 -8.16 -1.97 0.93
CA MET A 500 -7.17 -3.00 1.17
C MET A 500 -6.89 -3.90 -0.01
N HIS A 501 -7.92 -4.17 -0.82
CA HIS A 501 -7.78 -5.00 -2.01
C HIS A 501 -6.98 -4.27 -3.10
N ASP A 502 -7.17 -2.96 -3.21
CA ASP A 502 -6.43 -2.15 -4.19
C ASP A 502 -4.97 -2.09 -3.75
N LYS A 503 -4.75 -2.19 -2.44
CA LYS A 503 -3.41 -2.11 -1.88
C LYS A 503 -2.63 -3.42 -1.89
N TYR A 504 -3.27 -4.49 -1.45
CA TYR A 504 -2.57 -5.76 -1.36
C TYR A 504 -2.85 -6.80 -2.43
N SER A 505 -3.79 -6.56 -3.31
CA SER A 505 -4.10 -7.54 -4.35
C SER A 505 -4.73 -6.90 -5.58
N TYR A 506 -4.08 -5.85 -6.08
CA TYR A 506 -4.55 -5.15 -7.27
C TYR A 506 -4.44 -6.08 -8.48
N GLU A 507 -5.57 -6.33 -9.12
CA GLU A 507 -5.64 -7.21 -10.27
C GLU A 507 -4.96 -6.60 -11.49
N ALA A 508 -3.65 -6.55 -11.44
CA ALA A 508 -2.82 -5.98 -12.50
C ALA A 508 -3.07 -6.48 -13.90
N SER A 509 -3.11 -7.79 -14.09
CA SER A 509 -3.32 -8.33 -15.43
C SER A 509 -4.71 -8.15 -16.00
N LEU A 510 -5.69 -7.84 -15.17
CA LEU A 510 -7.04 -7.64 -15.69
C LEU A 510 -7.26 -6.16 -16.03
N MET A 511 -6.71 -5.30 -15.18
CA MET A 511 -6.85 -3.87 -15.38
C MET A 511 -5.96 -3.40 -16.53
N ALA A 512 -4.99 -4.22 -16.90
CA ALA A 512 -4.09 -3.91 -18.00
C ALA A 512 -4.86 -4.00 -19.30
N LEU A 513 -5.99 -4.69 -19.26
CA LEU A 513 -6.81 -4.85 -20.45
C LEU A 513 -8.10 -4.03 -20.30
N HIS A 514 -7.95 -2.86 -19.71
CA HIS A 514 -9.03 -1.90 -19.48
C HIS A 514 -8.49 -0.54 -19.94
N ASP A 515 -9.35 0.47 -20.03
CA ASP A 515 -8.93 1.82 -20.40
C ASP A 515 -8.17 2.43 -19.24
N ARG A 516 -7.67 3.66 -19.40
CA ARG A 516 -6.92 4.30 -18.33
C ARG A 516 -7.77 4.55 -17.10
N ASP A 517 -8.98 5.07 -17.31
CA ASP A 517 -9.87 5.35 -16.22
C ASP A 517 -11.05 4.40 -16.34
N VAL A 518 -11.30 3.65 -15.28
CA VAL A 518 -12.36 2.66 -15.26
C VAL A 518 -13.48 3.08 -14.32
N ILE A 519 -14.72 2.97 -14.80
CA ILE A 519 -15.90 3.31 -13.99
C ILE A 519 -16.07 2.23 -12.92
N ARG A 520 -16.28 2.65 -11.68
CA ARG A 520 -16.44 1.71 -10.56
C ARG A 520 -17.76 1.88 -9.85
N THR A 521 -18.36 0.76 -9.44
CA THR A 521 -19.60 0.76 -8.69
C THR A 521 -19.43 -0.03 -7.39
N MET A 522 -20.14 0.37 -6.34
CA MET A 522 -20.09 -0.29 -5.05
C MET A 522 -21.32 -1.21 -4.97
N ALA A 523 -21.16 -2.41 -5.52
CA ALA A 523 -22.21 -3.41 -5.57
C ALA A 523 -22.68 -3.97 -4.24
N CYS A 524 -23.86 -3.55 -3.80
CA CYS A 524 -24.41 -4.04 -2.55
C CYS A 524 -25.55 -5.01 -2.82
N GLY A 525 -25.54 -6.12 -2.08
CA GLY A 525 -26.58 -7.13 -2.28
C GLY A 525 -27.53 -7.27 -1.11
N ILE A 526 -28.74 -7.69 -1.44
CA ILE A 526 -29.81 -7.91 -0.47
C ILE A 526 -30.20 -9.38 -0.51
N ALA A 527 -30.22 -10.01 0.65
CA ALA A 527 -30.60 -11.41 0.74
C ALA A 527 -31.86 -11.55 1.57
N GLY A 528 -32.73 -12.47 1.15
CA GLY A 528 -33.98 -12.70 1.86
C GLY A 528 -35.05 -11.66 1.60
N LEU A 529 -35.11 -11.13 0.38
CA LEU A 529 -36.10 -10.10 0.04
C LEU A 529 -37.50 -10.63 0.29
N SER A 530 -37.80 -11.81 -0.26
CA SER A 530 -39.12 -12.41 -0.10
C SER A 530 -39.47 -12.71 1.36
N VAL A 531 -38.52 -13.22 2.14
CA VAL A 531 -38.79 -13.51 3.55
C VAL A 531 -39.20 -12.22 4.26
N ALA A 532 -38.50 -11.13 3.94
CA ALA A 532 -38.79 -9.83 4.54
C ALA A 532 -40.13 -9.31 4.03
N ALA A 533 -40.32 -9.35 2.72
CA ALA A 533 -41.55 -8.89 2.10
C ALA A 533 -42.78 -9.64 2.60
N ASP A 534 -42.71 -10.97 2.60
CA ASP A 534 -43.83 -11.79 3.06
C ASP A 534 -44.13 -11.53 4.53
N SER A 535 -43.08 -11.35 5.32
CA SER A 535 -43.23 -11.09 6.76
C SER A 535 -44.03 -9.81 6.99
N LEU A 536 -43.81 -8.83 6.13
CA LEU A 536 -44.51 -7.55 6.20
C LEU A 536 -45.96 -7.73 5.75
N SER A 537 -46.16 -8.58 4.74
CA SER A 537 -47.49 -8.86 4.22
C SER A 537 -48.31 -9.51 5.33
N ALA A 538 -47.68 -10.42 6.06
CA ALA A 538 -48.35 -11.11 7.14
C ALA A 538 -48.74 -10.10 8.20
N ILE A 539 -47.79 -9.25 8.58
CA ILE A 539 -48.03 -8.23 9.59
C ILE A 539 -49.09 -7.22 9.17
N LYS A 540 -49.15 -6.93 7.88
CA LYS A 540 -50.11 -5.97 7.33
C LYS A 540 -51.51 -6.54 7.07
N TYR A 541 -51.57 -7.68 6.41
CA TYR A 541 -52.84 -8.29 6.05
C TYR A 541 -53.40 -9.39 6.97
N ALA A 542 -52.60 -9.88 7.90
CA ALA A 542 -53.06 -10.92 8.82
C ALA A 542 -52.83 -10.49 10.26
N LYS A 543 -52.89 -11.47 11.17
CA LYS A 543 -52.71 -11.22 12.60
C LYS A 543 -51.53 -12.04 13.14
N VAL A 544 -50.36 -11.41 13.10
CA VAL A 544 -49.12 -12.02 13.57
C VAL A 544 -48.86 -11.64 15.03
N LYS A 545 -48.82 -12.62 15.91
CA LYS A 545 -48.55 -12.35 17.32
C LYS A 545 -47.23 -12.97 17.76
N PRO A 546 -46.35 -12.16 18.35
CA PRO A 546 -45.03 -12.58 18.83
C PRO A 546 -45.06 -13.43 20.09
N ILE A 547 -44.27 -14.48 20.09
CA ILE A 547 -44.17 -15.35 21.24
C ILE A 547 -42.81 -15.08 21.85
N ARG A 548 -42.79 -14.17 22.83
CA ARG A 548 -41.55 -13.74 23.49
C ARG A 548 -41.10 -14.66 24.63
N ASP A 549 -39.79 -14.65 24.91
CA ASP A 549 -39.24 -15.45 26.01
C ASP A 549 -39.15 -14.59 27.27
N GLU A 550 -38.68 -15.19 28.36
CA GLU A 550 -38.55 -14.53 29.66
C GLU A 550 -37.96 -13.11 29.62
N ASP A 551 -37.02 -12.89 28.70
CA ASP A 551 -36.39 -11.59 28.57
C ASP A 551 -37.09 -10.62 27.61
N GLY A 552 -38.16 -11.09 26.97
CA GLY A 552 -38.91 -10.25 26.05
C GLY A 552 -38.42 -10.26 24.62
N LEU A 553 -37.64 -11.30 24.28
CA LEU A 553 -37.09 -11.45 22.94
C LEU A 553 -38.07 -12.28 22.09
N ALA A 554 -38.46 -11.75 20.95
CA ALA A 554 -39.39 -12.46 20.07
C ALA A 554 -38.68 -13.61 19.36
N ILE A 555 -38.98 -14.83 19.81
CA ILE A 555 -38.37 -16.03 19.24
C ILE A 555 -39.29 -16.88 18.36
N ASP A 556 -40.52 -16.43 18.14
CA ASP A 556 -41.47 -17.16 17.32
C ASP A 556 -42.67 -16.26 16.99
N PHE A 557 -43.50 -16.71 16.06
CA PHE A 557 -44.68 -15.95 15.65
C PHE A 557 -45.88 -16.84 15.33
N GLU A 558 -47.07 -16.35 15.66
CA GLU A 558 -48.31 -17.06 15.40
C GLU A 558 -49.08 -16.21 14.41
N ILE A 559 -49.63 -16.85 13.40
CA ILE A 559 -50.38 -16.12 12.40
C ILE A 559 -51.85 -16.52 12.35
N GLU A 560 -52.74 -15.52 12.36
CA GLU A 560 -54.17 -15.77 12.25
C GLU A 560 -54.61 -15.23 10.90
N GLY A 561 -55.01 -16.13 10.03
CA GLY A 561 -55.46 -15.74 8.71
C GLY A 561 -54.45 -16.05 7.63
N GLU A 562 -54.75 -15.60 6.42
CA GLU A 562 -53.89 -15.81 5.26
C GLU A 562 -53.54 -14.48 4.65
N TYR A 563 -52.34 -14.39 4.07
CA TYR A 563 -51.88 -13.16 3.47
C TYR A 563 -51.24 -13.45 2.11
N PRO A 564 -51.17 -12.44 1.24
CA PRO A 564 -50.56 -12.60 -0.09
C PRO A 564 -49.05 -12.83 0.02
N GLN A 565 -48.52 -13.75 -0.78
CA GLN A 565 -47.10 -14.04 -0.77
C GLN A 565 -46.49 -13.63 -2.11
N PHE A 566 -45.20 -13.30 -2.10
CA PHE A 566 -44.52 -12.87 -3.31
C PHE A 566 -44.51 -13.93 -4.41
N GLY A 567 -44.67 -13.48 -5.66
CA GLY A 567 -44.67 -14.41 -6.78
C GLY A 567 -46.03 -14.90 -7.26
N ASN A 568 -47.09 -14.32 -6.73
CA ASN A 568 -48.44 -14.70 -7.10
C ASN A 568 -49.16 -13.54 -7.76
N ASN A 569 -48.36 -12.67 -8.37
CA ASN A 569 -48.86 -11.49 -9.06
C ASN A 569 -49.88 -10.66 -8.26
N ASP A 570 -49.75 -10.71 -6.94
CA ASP A 570 -50.61 -9.95 -6.05
C ASP A 570 -49.84 -8.71 -5.63
N PRO A 571 -50.25 -7.53 -6.13
CA PRO A 571 -49.64 -6.23 -5.85
C PRO A 571 -49.61 -5.87 -4.36
N ARG A 572 -50.57 -6.37 -3.60
CA ARG A 572 -50.62 -6.08 -2.17
C ARG A 572 -49.29 -6.48 -1.50
N VAL A 573 -48.68 -7.56 -1.99
CA VAL A 573 -47.42 -8.02 -1.44
C VAL A 573 -46.21 -7.61 -2.29
N ASP A 574 -46.34 -7.73 -3.61
CA ASP A 574 -45.26 -7.38 -4.53
C ASP A 574 -44.81 -5.94 -4.39
N ASP A 575 -45.75 -5.03 -4.13
CA ASP A 575 -45.41 -3.62 -3.97
C ASP A 575 -44.49 -3.41 -2.77
N LEU A 576 -44.60 -4.29 -1.78
CA LEU A 576 -43.78 -4.23 -0.58
C LEU A 576 -42.34 -4.56 -0.93
N ALA A 577 -42.15 -5.64 -1.70
CA ALA A 577 -40.81 -6.06 -2.12
C ALA A 577 -40.16 -4.96 -2.95
N VAL A 578 -40.97 -4.30 -3.79
CA VAL A 578 -40.52 -3.20 -4.63
C VAL A 578 -40.12 -2.04 -3.75
N ASP A 579 -40.91 -1.84 -2.69
CA ASP A 579 -40.67 -0.77 -1.74
C ASP A 579 -39.34 -0.96 -1.01
N LEU A 580 -39.09 -2.19 -0.55
CA LEU A 580 -37.86 -2.52 0.16
C LEU A 580 -36.63 -2.25 -0.69
N VAL A 581 -36.66 -2.71 -1.94
CA VAL A 581 -35.55 -2.50 -2.87
C VAL A 581 -35.25 -1.01 -2.95
N GLU A 582 -36.31 -0.23 -3.16
CA GLU A 582 -36.19 1.21 -3.28
C GLU A 582 -35.63 1.86 -2.01
N ARG A 583 -36.16 1.49 -0.86
CA ARG A 583 -35.71 2.06 0.40
C ARG A 583 -34.21 1.90 0.64
N PHE A 584 -33.73 0.68 0.56
CA PHE A 584 -32.32 0.39 0.78
C PHE A 584 -31.42 1.13 -0.21
N MET A 585 -31.80 1.10 -1.49
CA MET A 585 -31.03 1.76 -2.53
C MET A 585 -30.88 3.25 -2.27
N LYS A 586 -31.94 3.88 -1.76
CA LYS A 586 -31.92 5.31 -1.46
C LYS A 586 -31.05 5.59 -0.25
N LYS A 587 -30.96 4.60 0.64
CA LYS A 587 -30.15 4.73 1.85
C LYS A 587 -28.65 4.66 1.62
N ILE A 588 -28.18 3.59 0.98
CA ILE A 588 -26.76 3.42 0.71
C ILE A 588 -26.27 4.52 -0.24
N GLN A 589 -27.21 5.08 -0.99
CA GLN A 589 -26.92 6.11 -1.98
C GLN A 589 -26.40 7.42 -1.41
N LYS A 590 -26.72 7.70 -0.15
CA LYS A 590 -26.30 8.94 0.50
C LYS A 590 -24.96 8.85 1.22
N LEU A 591 -24.30 7.70 1.15
CA LEU A 591 -23.03 7.51 1.86
C LEU A 591 -21.77 7.65 1.00
N HIS A 592 -20.70 8.12 1.62
CA HIS A 592 -19.41 8.28 0.94
C HIS A 592 -18.76 6.92 0.72
N THR A 593 -18.14 6.73 -0.43
CA THR A 593 -17.49 5.46 -0.75
C THR A 593 -16.05 5.60 -1.24
N TYR A 594 -15.25 4.56 -1.01
CA TYR A 594 -13.86 4.50 -1.44
C TYR A 594 -13.78 4.69 -2.96
N ARG A 595 -12.85 5.53 -3.42
CA ARG A 595 -12.67 5.82 -4.84
C ARG A 595 -13.92 6.34 -5.53
N ASP A 596 -14.87 6.83 -4.74
CA ASP A 596 -16.13 7.38 -5.24
C ASP A 596 -16.89 6.37 -6.08
N ALA A 597 -16.87 5.12 -5.66
CA ALA A 597 -17.57 4.08 -6.39
C ALA A 597 -19.07 4.30 -6.20
N ILE A 598 -19.77 4.48 -7.32
CA ILE A 598 -21.21 4.72 -7.29
C ILE A 598 -21.90 3.49 -6.76
N PRO A 599 -22.52 3.62 -5.58
CA PRO A 599 -23.21 2.49 -4.96
C PRO A 599 -24.38 2.02 -5.81
N THR A 600 -24.43 0.71 -6.03
CA THR A 600 -25.51 0.09 -6.78
C THR A 600 -26.05 -1.06 -5.93
N GLN A 601 -27.21 -1.60 -6.31
CA GLN A 601 -27.81 -2.69 -5.55
C GLN A 601 -28.10 -3.91 -6.42
N SER A 602 -28.25 -5.05 -5.76
CA SER A 602 -28.56 -6.31 -6.44
C SER A 602 -29.29 -7.26 -5.51
N VAL A 603 -30.30 -7.93 -6.06
CA VAL A 603 -31.06 -8.91 -5.30
C VAL A 603 -30.48 -10.25 -5.76
N LEU A 604 -29.36 -10.61 -5.14
CA LEU A 604 -28.61 -11.81 -5.46
C LEU A 604 -28.10 -12.41 -4.14
N THR A 605 -28.08 -13.74 -4.06
CA THR A 605 -27.66 -14.40 -2.83
C THR A 605 -26.59 -15.46 -2.98
N ILE A 606 -26.68 -16.22 -4.06
CA ILE A 606 -25.78 -17.35 -4.31
C ILE A 606 -26.23 -18.36 -3.23
N THR A 607 -25.30 -19.00 -2.53
CA THR A 607 -25.70 -19.95 -1.50
C THR A 607 -25.83 -19.27 -0.12
N SER A 608 -25.84 -17.93 -0.12
CA SER A 608 -25.99 -17.17 1.11
C SER A 608 -27.41 -17.30 1.63
N ASN A 609 -28.31 -17.77 0.76
CA ASN A 609 -29.71 -18.00 1.14
C ASN A 609 -29.75 -19.15 2.15
N VAL A 610 -28.82 -20.09 1.99
CA VAL A 610 -28.73 -21.24 2.88
C VAL A 610 -28.03 -20.86 4.18
N VAL A 611 -26.88 -20.22 4.05
CA VAL A 611 -26.08 -19.80 5.20
C VAL A 611 -26.80 -18.79 6.08
N TYR A 612 -27.37 -17.74 5.48
CA TYR A 612 -28.09 -16.72 6.23
C TYR A 612 -29.35 -17.31 6.88
N GLY A 613 -30.12 -18.07 6.10
CA GLY A 613 -31.33 -18.67 6.61
C GLY A 613 -31.01 -19.56 7.80
N LYS A 614 -29.83 -20.16 7.77
CA LYS A 614 -29.38 -21.04 8.83
C LYS A 614 -29.14 -20.24 10.11
N LYS A 615 -28.63 -19.02 9.96
CA LYS A 615 -28.35 -18.15 11.10
C LYS A 615 -29.51 -17.21 11.48
N THR A 616 -30.66 -17.35 10.81
CA THR A 616 -31.82 -16.52 11.10
C THR A 616 -32.94 -17.34 11.73
N GLY A 617 -33.49 -16.84 12.84
CA GLY A 617 -34.55 -17.53 13.54
C GLY A 617 -35.92 -17.43 12.89
N ASN A 618 -36.94 -17.85 13.64
CA ASN A 618 -38.33 -17.83 13.15
C ASN A 618 -38.73 -16.42 12.71
N THR A 619 -39.30 -16.30 11.52
CA THR A 619 -39.71 -15.01 11.01
C THR A 619 -41.23 -14.82 10.93
N PRO A 620 -41.70 -13.55 10.95
CA PRO A 620 -43.12 -13.21 10.88
C PRO A 620 -43.90 -13.81 9.71
N ASP A 621 -43.21 -14.30 8.70
CA ASP A 621 -43.88 -14.89 7.54
C ASP A 621 -44.23 -16.34 7.73
N GLY A 622 -43.79 -16.92 8.84
CA GLY A 622 -44.07 -18.33 9.10
C GLY A 622 -42.90 -19.25 8.85
N ARG A 623 -41.83 -18.72 8.24
CA ARG A 623 -40.63 -19.50 7.96
C ARG A 623 -39.98 -19.93 9.29
N ARG A 624 -39.67 -21.23 9.39
CA ARG A 624 -39.06 -21.77 10.60
C ARG A 624 -37.56 -21.44 10.65
N ALA A 625 -37.03 -21.34 11.87
CA ALA A 625 -35.61 -21.04 12.09
C ALA A 625 -34.68 -22.07 11.45
N GLY A 626 -33.61 -21.59 10.81
CA GLY A 626 -32.64 -22.47 10.17
C GLY A 626 -32.96 -22.81 8.72
N ALA A 627 -34.17 -22.48 8.30
CA ALA A 627 -34.62 -22.75 6.93
C ALA A 627 -34.05 -21.74 5.97
N PRO A 628 -33.63 -22.20 4.78
CA PRO A 628 -33.04 -21.36 3.72
C PRO A 628 -34.00 -20.32 3.17
N PHE A 629 -33.46 -19.19 2.73
CA PHE A 629 -34.25 -18.13 2.11
C PHE A 629 -34.38 -18.57 0.66
N GLY A 630 -35.04 -17.74 -0.15
CA GLY A 630 -35.18 -18.06 -1.56
C GLY A 630 -33.93 -17.61 -2.32
N PRO A 631 -33.43 -18.41 -3.27
CA PRO A 631 -32.25 -17.99 -4.02
C PRO A 631 -32.51 -16.68 -4.75
N GLY A 632 -31.61 -15.71 -4.58
CA GLY A 632 -31.77 -14.40 -5.22
C GLY A 632 -33.07 -13.67 -4.90
N ALA A 633 -33.79 -13.26 -5.92
CA ALA A 633 -35.07 -12.55 -5.76
C ALA A 633 -36.29 -13.48 -5.82
N ASN A 634 -36.03 -14.79 -5.76
CA ASN A 634 -37.08 -15.81 -5.83
C ASN A 634 -38.06 -15.76 -4.67
N PRO A 635 -39.30 -16.22 -4.90
CA PRO A 635 -40.30 -16.25 -3.84
C PRO A 635 -39.87 -17.39 -2.94
N MET A 636 -40.26 -17.38 -1.67
CA MET A 636 -39.88 -18.45 -0.75
C MET A 636 -40.38 -19.80 -1.25
N HIS A 637 -39.60 -20.85 -0.98
CA HIS A 637 -39.92 -22.22 -1.42
C HIS A 637 -41.38 -22.64 -1.49
N GLY A 638 -41.85 -22.89 -2.71
CA GLY A 638 -43.21 -23.33 -2.95
C GLY A 638 -44.33 -22.31 -2.86
N ARG A 639 -44.03 -21.11 -2.37
CA ARG A 639 -45.05 -20.08 -2.20
C ARG A 639 -45.71 -19.54 -3.46
N ASP A 640 -45.03 -19.63 -4.61
CA ASP A 640 -45.60 -19.18 -5.87
C ASP A 640 -46.35 -20.34 -6.54
N GLN A 641 -47.68 -20.30 -6.46
CA GLN A 641 -48.52 -21.37 -7.00
C GLN A 641 -49.46 -21.03 -8.16
N LYS A 642 -49.41 -19.80 -8.66
CA LYS A 642 -50.29 -19.44 -9.76
C LYS A 642 -49.63 -19.60 -11.14
N GLY A 643 -48.74 -20.59 -11.24
CA GLY A 643 -48.06 -20.86 -12.49
C GLY A 643 -46.96 -19.90 -12.88
N ALA A 644 -46.34 -20.20 -14.02
CA ALA A 644 -45.25 -19.41 -14.57
C ALA A 644 -45.54 -17.92 -14.73
N VAL A 645 -46.52 -17.58 -15.56
CA VAL A 645 -46.89 -16.19 -15.83
C VAL A 645 -47.01 -15.35 -14.56
N ALA A 646 -47.61 -15.94 -13.52
CA ALA A 646 -47.79 -15.25 -12.26
C ALA A 646 -46.45 -14.96 -11.56
N SER A 647 -45.65 -16.01 -11.35
CA SER A 647 -44.36 -15.86 -10.69
C SER A 647 -43.36 -15.03 -11.49
N LEU A 648 -43.46 -15.07 -12.81
CA LEU A 648 -42.57 -14.29 -13.66
C LEU A 648 -42.93 -12.81 -13.57
N THR A 649 -44.23 -12.52 -13.51
CA THR A 649 -44.72 -11.14 -13.43
C THR A 649 -44.35 -10.44 -12.12
N SER A 650 -44.30 -11.19 -11.02
CA SER A 650 -43.93 -10.63 -9.72
C SER A 650 -42.46 -10.20 -9.70
N VAL A 651 -41.59 -11.08 -10.18
CA VAL A 651 -40.16 -10.80 -10.22
C VAL A 651 -39.83 -9.66 -11.19
N ALA A 652 -40.59 -9.57 -12.27
CA ALA A 652 -40.38 -8.54 -13.28
C ALA A 652 -40.79 -7.16 -12.74
N LYS A 653 -41.70 -7.16 -11.77
CA LYS A 653 -42.17 -5.92 -11.16
C LYS A 653 -41.07 -5.25 -10.35
N LEU A 654 -40.05 -6.04 -9.99
CA LEU A 654 -38.90 -5.54 -9.22
C LEU A 654 -38.11 -4.55 -10.06
N PRO A 655 -37.92 -3.32 -9.55
CA PRO A 655 -37.18 -2.23 -10.20
C PRO A 655 -35.68 -2.39 -10.44
N PHE A 656 -35.30 -2.71 -11.67
CA PHE A 656 -33.88 -2.84 -12.04
C PHE A 656 -33.25 -1.44 -11.94
N ALA A 657 -34.09 -0.42 -11.90
CA ALA A 657 -33.64 0.97 -11.79
C ALA A 657 -33.12 1.27 -10.38
N TYR A 658 -33.41 0.37 -9.46
CA TYR A 658 -32.96 0.49 -8.06
C TYR A 658 -32.04 -0.66 -7.68
N ALA A 659 -31.77 -1.54 -8.65
CA ALA A 659 -30.89 -2.69 -8.44
C ALA A 659 -30.06 -2.83 -9.71
N LYS A 660 -29.30 -1.80 -10.05
CA LYS A 660 -28.46 -1.80 -11.23
C LYS A 660 -27.43 -2.93 -11.29
N ASP A 661 -27.15 -3.54 -10.13
CA ASP A 661 -26.18 -4.64 -10.07
C ASP A 661 -26.83 -5.98 -10.39
N GLY A 662 -28.15 -5.98 -10.57
CA GLY A 662 -28.85 -7.20 -10.93
C GLY A 662 -29.97 -7.72 -10.04
N ILE A 663 -30.84 -8.53 -10.65
CA ILE A 663 -31.98 -9.16 -9.99
C ILE A 663 -32.07 -10.60 -10.48
N SER A 664 -31.53 -11.53 -9.68
CA SER A 664 -31.49 -12.95 -10.02
C SER A 664 -32.78 -13.71 -9.72
N TYR A 665 -33.23 -14.50 -10.69
CA TYR A 665 -34.44 -15.30 -10.53
C TYR A 665 -34.27 -16.70 -11.12
N THR A 666 -34.28 -17.71 -10.26
CA THR A 666 -34.15 -19.12 -10.68
C THR A 666 -35.55 -19.69 -10.97
N PHE A 667 -35.80 -20.02 -12.22
CA PHE A 667 -37.09 -20.56 -12.64
C PHE A 667 -37.00 -22.02 -13.11
N SER A 668 -37.74 -22.89 -12.43
CA SER A 668 -37.78 -24.32 -12.76
C SER A 668 -39.18 -24.72 -13.22
N ILE A 669 -39.26 -25.47 -14.31
CA ILE A 669 -40.54 -25.91 -14.86
C ILE A 669 -40.48 -27.34 -15.41
N VAL A 670 -41.55 -28.11 -15.16
CA VAL A 670 -41.64 -29.50 -15.63
C VAL A 670 -41.81 -29.55 -17.15
N PRO A 671 -41.20 -30.57 -17.79
CA PRO A 671 -41.27 -30.75 -19.26
C PRO A 671 -42.68 -30.62 -19.83
N ASN A 672 -43.63 -31.28 -19.20
CA ASN A 672 -45.02 -31.26 -19.65
C ASN A 672 -45.74 -29.91 -19.51
N ALA A 673 -45.27 -29.08 -18.59
CA ALA A 673 -45.87 -27.77 -18.39
C ALA A 673 -45.65 -26.88 -19.61
N LEU A 674 -44.61 -27.19 -20.38
CA LEU A 674 -44.27 -26.42 -21.58
C LEU A 674 -44.91 -26.91 -22.88
N GLY A 675 -45.36 -28.18 -22.89
CA GLY A 675 -45.99 -28.74 -24.08
C GLY A 675 -45.97 -30.25 -24.15
N LYS A 676 -46.56 -30.79 -25.22
CA LYS A 676 -46.64 -32.24 -25.44
C LYS A 676 -45.42 -32.80 -26.17
N ASP A 677 -44.78 -31.96 -26.98
CA ASP A 677 -43.57 -32.33 -27.73
C ASP A 677 -42.63 -31.11 -27.76
N ASP A 678 -41.37 -31.34 -28.15
CA ASP A 678 -40.37 -30.29 -28.19
C ASP A 678 -40.73 -29.01 -28.96
N GLU A 679 -41.30 -29.14 -30.15
CA GLU A 679 -41.69 -27.98 -30.95
C GLU A 679 -42.59 -27.00 -30.21
N VAL A 680 -43.57 -27.56 -29.50
CA VAL A 680 -44.52 -26.76 -28.73
C VAL A 680 -43.78 -26.12 -27.54
N ARG A 681 -42.94 -26.92 -26.88
CA ARG A 681 -42.17 -26.48 -25.72
C ARG A 681 -41.24 -25.31 -26.04
N LYS A 682 -40.49 -25.42 -27.14
CA LYS A 682 -39.56 -24.38 -27.57
C LYS A 682 -40.33 -23.08 -27.84
N THR A 683 -41.40 -23.19 -28.61
CA THR A 683 -42.23 -22.06 -28.97
C THR A 683 -42.80 -21.37 -27.72
N ASN A 684 -43.29 -22.17 -26.78
CA ASN A 684 -43.86 -21.65 -25.54
C ASN A 684 -42.83 -21.02 -24.59
N LEU A 685 -41.68 -21.67 -24.45
CA LEU A 685 -40.61 -21.19 -23.59
C LEU A 685 -40.12 -19.85 -24.11
N ALA A 686 -39.89 -19.79 -25.42
CA ALA A 686 -39.44 -18.55 -26.06
C ALA A 686 -40.50 -17.47 -25.83
N GLY A 687 -41.76 -17.86 -25.96
CA GLY A 687 -42.87 -16.93 -25.75
C GLY A 687 -42.90 -16.40 -24.33
N LEU A 688 -42.59 -17.27 -23.37
CA LEU A 688 -42.57 -16.89 -21.94
C LEU A 688 -41.53 -15.81 -21.71
N MET A 689 -40.34 -16.03 -22.24
CA MET A 689 -39.23 -15.10 -22.10
C MET A 689 -39.50 -13.80 -22.85
N ASP A 690 -40.25 -13.88 -23.94
CA ASP A 690 -40.59 -12.67 -24.69
C ASP A 690 -41.51 -11.81 -23.83
N GLY A 691 -42.44 -12.46 -23.16
CA GLY A 691 -43.36 -11.75 -22.29
C GLY A 691 -42.66 -11.24 -21.04
N TYR A 692 -41.77 -12.06 -20.50
CA TYR A 692 -41.02 -11.73 -19.28
C TYR A 692 -40.04 -10.58 -19.48
N PHE A 693 -39.25 -10.66 -20.54
CA PHE A 693 -38.27 -9.62 -20.85
C PHE A 693 -38.86 -8.45 -21.62
N HIS A 694 -40.16 -8.49 -21.93
CA HIS A 694 -40.79 -7.41 -22.68
C HIS A 694 -40.54 -6.03 -22.08
N HIS A 695 -39.84 -5.20 -22.84
CA HIS A 695 -39.51 -3.84 -22.43
C HIS A 695 -40.31 -2.81 -23.21
N GLU A 696 -40.67 -1.73 -22.53
CA GLU A 696 -41.46 -0.64 -23.07
C GLU A 696 -41.22 0.58 -22.17
N ALA A 697 -41.72 1.75 -22.57
CA ALA A 697 -41.54 2.96 -21.78
C ALA A 697 -42.26 3.01 -20.41
N SER A 698 -43.36 2.27 -20.30
CA SER A 698 -44.14 2.22 -19.05
C SER A 698 -44.06 0.85 -18.36
N ILE A 699 -43.30 -0.05 -18.96
CA ILE A 699 -43.09 -1.40 -18.44
C ILE A 699 -41.59 -1.71 -18.54
N GLU A 700 -40.93 -1.80 -17.38
CA GLU A 700 -39.49 -2.09 -17.35
C GLU A 700 -39.20 -3.52 -17.78
N GLY A 701 -39.81 -4.49 -17.10
CA GLY A 701 -39.61 -5.90 -17.42
C GLY A 701 -38.54 -6.62 -16.60
N GLY A 702 -38.52 -7.95 -16.72
CA GLY A 702 -37.54 -8.74 -15.99
C GLY A 702 -36.11 -8.57 -16.49
N GLN A 703 -35.14 -8.76 -15.60
CA GLN A 703 -33.73 -8.60 -15.94
C GLN A 703 -33.01 -9.93 -16.16
N HIS A 704 -33.35 -10.93 -15.35
CA HIS A 704 -32.69 -12.23 -15.42
C HIS A 704 -33.65 -13.41 -15.31
N LEU A 705 -33.22 -14.53 -15.88
CA LEU A 705 -33.99 -15.76 -15.85
C LEU A 705 -33.16 -17.04 -16.02
N ASN A 706 -33.12 -17.84 -14.95
CA ASN A 706 -32.43 -19.14 -14.96
C ASN A 706 -33.51 -20.09 -15.45
N VAL A 707 -33.19 -20.96 -16.42
CA VAL A 707 -34.21 -21.89 -16.89
C VAL A 707 -33.87 -23.35 -16.68
N ASN A 708 -34.70 -24.00 -15.87
CA ASN A 708 -34.54 -25.41 -15.56
C ASN A 708 -35.79 -26.11 -16.05
N VAL A 709 -35.61 -27.11 -16.92
CA VAL A 709 -36.72 -27.90 -17.45
C VAL A 709 -36.47 -29.33 -16.97
N MET A 710 -37.11 -29.69 -15.86
CA MET A 710 -36.92 -31.01 -15.26
C MET A 710 -38.07 -31.41 -14.34
N ASN A 711 -37.97 -32.63 -13.79
CA ASN A 711 -38.95 -33.17 -12.85
C ASN A 711 -38.24 -33.42 -11.53
N ARG A 712 -38.92 -33.11 -10.42
CA ARG A 712 -38.35 -33.29 -9.09
C ARG A 712 -37.88 -34.74 -8.84
N GLU A 713 -38.63 -35.70 -9.41
CA GLU A 713 -38.34 -37.14 -9.26
C GLU A 713 -36.99 -37.52 -9.85
N MET A 714 -36.62 -36.86 -10.94
CA MET A 714 -35.36 -37.11 -11.63
C MET A 714 -34.21 -36.70 -10.73
N LEU A 715 -34.39 -35.63 -9.98
CA LEU A 715 -33.36 -35.15 -9.05
C LEU A 715 -33.29 -36.07 -7.83
N LEU A 716 -34.46 -36.56 -7.40
CA LEU A 716 -34.53 -37.48 -6.26
C LEU A 716 -33.78 -38.76 -6.62
N ASP A 717 -33.88 -39.16 -7.88
CA ASP A 717 -33.19 -40.35 -8.38
C ASP A 717 -31.69 -40.07 -8.49
N ALA A 718 -31.36 -38.80 -8.74
CA ALA A 718 -29.98 -38.37 -8.87
C ALA A 718 -29.29 -38.40 -7.50
N MET A 719 -30.06 -38.10 -6.46
CA MET A 719 -29.54 -38.10 -5.10
C MET A 719 -29.20 -39.52 -4.64
N GLU A 720 -30.00 -40.48 -5.09
CA GLU A 720 -29.82 -41.90 -4.74
C GLU A 720 -28.71 -42.53 -5.59
N ASN A 721 -28.69 -42.20 -6.88
CA ASN A 721 -27.71 -42.73 -7.82
C ASN A 721 -26.91 -41.64 -8.54
N PRO A 722 -25.83 -41.16 -7.90
CA PRO A 722 -24.96 -40.11 -8.44
C PRO A 722 -24.24 -40.52 -9.71
N GLU A 723 -23.66 -41.73 -9.71
CA GLU A 723 -22.90 -42.25 -10.84
C GLU A 723 -23.69 -42.33 -12.15
N LYS A 724 -25.01 -42.23 -12.07
CA LYS A 724 -25.89 -42.29 -13.25
C LYS A 724 -26.06 -40.94 -13.95
N TYR A 725 -25.80 -39.85 -13.23
CA TYR A 725 -25.92 -38.49 -13.77
C TYR A 725 -24.61 -37.70 -13.54
N PRO A 726 -23.50 -38.12 -14.20
CA PRO A 726 -22.21 -37.44 -14.04
C PRO A 726 -22.16 -35.99 -14.52
N GLN A 727 -22.78 -35.72 -15.66
CA GLN A 727 -22.77 -34.38 -16.23
C GLN A 727 -24.07 -33.58 -16.02
N LEU A 728 -24.93 -34.05 -15.11
CA LEU A 728 -26.19 -33.37 -14.81
C LEU A 728 -25.93 -31.96 -14.27
N THR A 729 -26.53 -30.96 -14.92
CA THR A 729 -26.37 -29.56 -14.53
C THR A 729 -27.69 -28.85 -14.29
N ILE A 730 -27.69 -27.98 -13.28
CA ILE A 730 -28.88 -27.19 -12.94
C ILE A 730 -28.53 -25.74 -12.59
N ARG A 731 -29.48 -24.83 -12.85
CA ARG A 731 -29.34 -23.42 -12.54
C ARG A 731 -29.75 -23.32 -11.06
N VAL A 732 -28.94 -22.68 -10.24
CA VAL A 732 -29.26 -22.60 -8.82
C VAL A 732 -29.40 -21.24 -8.15
N SER A 733 -28.85 -20.19 -8.75
CA SER A 733 -28.97 -18.85 -8.13
C SER A 733 -28.45 -17.72 -8.99
N GLY A 734 -28.13 -18.04 -10.24
CA GLY A 734 -27.60 -17.06 -11.17
C GLY A 734 -26.40 -17.67 -11.89
N TYR A 735 -26.18 -18.95 -11.62
CA TYR A 735 -25.10 -19.72 -12.21
C TYR A 735 -25.53 -21.19 -12.21
N ALA A 736 -24.71 -22.06 -12.81
CA ALA A 736 -25.03 -23.47 -12.87
C ALA A 736 -24.04 -24.29 -12.07
N VAL A 737 -24.45 -25.51 -11.69
CA VAL A 737 -23.61 -26.43 -10.93
C VAL A 737 -24.00 -27.86 -11.27
N ARG A 738 -23.04 -28.77 -11.21
CA ARG A 738 -23.33 -30.17 -11.44
C ARG A 738 -24.06 -30.56 -10.14
N PHE A 739 -25.14 -31.31 -10.26
CA PHE A 739 -25.91 -31.72 -9.09
C PHE A 739 -25.06 -32.48 -8.06
N ASN A 740 -24.17 -33.33 -8.55
CA ASN A 740 -23.31 -34.14 -7.69
C ASN A 740 -22.20 -33.35 -6.98
N SER A 741 -22.09 -32.06 -7.30
CA SER A 741 -21.06 -31.21 -6.69
C SER A 741 -21.56 -30.54 -5.40
N LEU A 742 -22.86 -30.62 -5.16
CA LEU A 742 -23.48 -30.03 -3.98
C LEU A 742 -23.45 -30.97 -2.79
N THR A 743 -23.57 -30.41 -1.59
CA THR A 743 -23.61 -31.18 -0.35
C THR A 743 -25.04 -31.66 -0.15
N LYS A 744 -25.25 -32.60 0.78
CA LYS A 744 -26.59 -33.13 1.04
C LYS A 744 -27.59 -32.04 1.42
N GLU A 745 -27.10 -31.06 2.18
CA GLU A 745 -27.92 -29.93 2.65
C GLU A 745 -28.23 -28.93 1.51
N GLN A 746 -27.24 -28.71 0.65
CA GLN A 746 -27.40 -27.80 -0.49
C GLN A 746 -28.37 -28.40 -1.51
N GLN A 747 -28.34 -29.73 -1.63
CA GLN A 747 -29.26 -30.43 -2.53
C GLN A 747 -30.66 -30.34 -1.95
N GLN A 748 -30.74 -30.45 -0.62
CA GLN A 748 -32.01 -30.37 0.11
C GLN A 748 -32.73 -29.07 -0.22
N ASP A 749 -31.95 -27.99 -0.33
CA ASP A 749 -32.46 -26.66 -0.66
C ASP A 749 -33.07 -26.71 -2.06
N VAL A 750 -32.33 -27.27 -3.01
CA VAL A 750 -32.78 -27.37 -4.39
C VAL A 750 -34.12 -28.14 -4.55
N ILE A 751 -34.15 -29.41 -4.17
CA ILE A 751 -35.36 -30.25 -4.29
C ILE A 751 -36.62 -29.69 -3.63
N THR A 752 -36.45 -28.85 -2.61
CA THR A 752 -37.60 -28.26 -1.91
C THR A 752 -38.04 -26.92 -2.51
N ARG A 753 -37.43 -26.53 -3.63
CA ARG A 753 -37.77 -25.29 -4.30
C ARG A 753 -39.01 -25.45 -5.20
N THR A 754 -39.51 -24.34 -5.72
CA THR A 754 -40.70 -24.35 -6.57
C THR A 754 -40.45 -24.95 -7.96
N PHE A 755 -41.23 -25.99 -8.28
CA PHE A 755 -41.17 -26.65 -9.58
C PHE A 755 -42.48 -26.31 -10.26
N THR A 756 -42.46 -25.26 -11.08
CA THR A 756 -43.67 -24.82 -11.78
C THR A 756 -44.34 -25.97 -12.56
N GLN A 757 -45.61 -26.22 -12.23
CA GLN A 757 -46.40 -27.29 -12.84
C GLN A 757 -47.29 -26.83 -14.01
N SER A 758 -47.66 -25.55 -14.03
CA SER A 758 -48.51 -25.02 -15.08
C SER A 758 -47.97 -23.67 -15.54
N MET A 759 -48.77 -22.94 -16.30
CA MET A 759 -48.37 -21.62 -16.78
C MET A 759 -49.29 -20.53 -16.23
N SER B 1 -10.05 6.03 41.56
CA SER B 1 -8.75 6.65 41.12
C SER B 1 -7.55 5.85 41.64
N GLU B 2 -7.73 4.53 41.69
CA GLU B 2 -6.69 3.60 42.16
C GLU B 2 -5.70 3.25 41.04
N LEU B 3 -4.47 3.76 41.14
CA LEU B 3 -3.44 3.47 40.13
C LEU B 3 -2.97 2.01 40.18
N ASN B 4 -2.77 1.44 38.98
CA ASN B 4 -2.31 0.07 38.83
C ASN B 4 -1.15 -0.14 39.80
N GLU B 5 -1.22 -1.24 40.57
CA GLU B 5 -0.18 -1.53 41.56
C GLU B 5 1.24 -1.55 41.00
N LYS B 6 1.38 -1.93 39.73
CA LYS B 6 2.69 -1.97 39.06
C LYS B 6 3.23 -0.54 38.88
N LEU B 7 2.35 0.36 38.42
CA LEU B 7 2.71 1.76 38.18
C LEU B 7 3.10 2.50 39.46
N ALA B 8 2.28 2.36 40.50
CA ALA B 8 2.53 3.01 41.78
C ALA B 8 3.86 2.62 42.45
N THR B 9 4.22 1.34 42.37
CA THR B 9 5.46 0.82 42.94
C THR B 9 6.67 1.34 42.19
N ALA B 10 6.66 1.18 40.87
CA ALA B 10 7.75 1.64 40.01
C ALA B 10 7.96 3.15 40.14
N TRP B 11 6.85 3.87 40.32
CA TRP B 11 6.89 5.32 40.44
C TRP B 11 7.01 5.82 41.87
N GLU B 12 7.40 4.95 42.78
CA GLU B 12 7.57 5.31 44.19
C GLU B 12 8.53 6.50 44.39
N GLY B 13 8.01 7.58 44.98
CA GLY B 13 8.84 8.74 45.22
C GLY B 13 8.71 9.85 44.20
N PHE B 14 8.19 9.52 43.03
CA PHE B 14 8.02 10.50 41.98
C PHE B 14 6.88 11.48 42.27
N THR B 15 7.11 12.75 41.93
CA THR B 15 6.12 13.82 42.12
C THR B 15 4.91 13.60 41.22
N LYS B 16 3.73 14.02 41.68
CA LYS B 16 2.49 13.87 40.92
C LYS B 16 2.35 14.86 39.77
N GLY B 17 1.56 14.47 38.77
CA GLY B 17 1.33 15.32 37.62
C GLY B 17 0.46 14.62 36.61
N ASP B 18 0.06 15.34 35.57
CA ASP B 18 -0.77 14.81 34.50
C ASP B 18 -0.16 13.54 33.90
N TRP B 19 1.17 13.50 33.86
CA TRP B 19 1.92 12.37 33.32
C TRP B 19 1.52 10.99 33.86
N GLN B 20 0.87 10.94 35.01
CA GLN B 20 0.45 9.68 35.59
C GLN B 20 -0.88 9.19 35.01
N ASN B 21 -1.60 10.10 34.36
CA ASN B 21 -2.90 9.79 33.78
C ASN B 21 -2.95 9.70 32.26
N GLU B 22 -1.91 10.21 31.61
CA GLU B 22 -1.84 10.18 30.15
C GLU B 22 -0.37 10.07 29.76
N VAL B 23 -0.12 9.89 28.48
CA VAL B 23 1.25 9.80 28.00
C VAL B 23 1.75 11.24 27.87
N ASN B 24 2.71 11.59 28.73
CA ASN B 24 3.28 12.92 28.74
C ASN B 24 4.65 12.83 29.39
N VAL B 25 5.66 12.52 28.58
CA VAL B 25 7.03 12.40 29.07
C VAL B 25 7.58 13.74 29.55
N ARG B 26 7.20 14.81 28.86
CA ARG B 26 7.65 16.15 29.21
C ARG B 26 7.23 16.57 30.63
N ASP B 27 6.00 16.24 31.01
CA ASP B 27 5.50 16.59 32.34
C ASP B 27 6.29 15.83 33.42
N PHE B 28 6.52 14.54 33.19
CA PHE B 28 7.26 13.71 34.12
C PHE B 28 8.62 14.32 34.38
N ILE B 29 9.29 14.75 33.32
CA ILE B 29 10.60 15.36 33.44
C ILE B 29 10.50 16.64 34.27
N GLN B 30 9.54 17.50 33.91
CA GLN B 30 9.35 18.75 34.63
C GLN B 30 9.07 18.63 36.13
N LYS B 31 8.28 17.64 36.51
CA LYS B 31 7.95 17.45 37.91
C LYS B 31 9.04 16.68 38.68
N ASN B 32 9.94 15.99 37.98
CA ASN B 32 10.93 15.20 38.69
C ASN B 32 12.42 15.45 38.55
N TYR B 33 12.87 16.04 37.45
CA TYR B 33 14.31 16.24 37.27
C TYR B 33 14.92 17.21 38.27
N THR B 34 16.14 16.90 38.70
CA THR B 34 16.87 17.74 39.64
C THR B 34 17.91 18.56 38.86
N PRO B 35 17.71 19.89 38.73
CA PRO B 35 18.69 20.71 38.00
C PRO B 35 20.05 20.68 38.72
N TYR B 36 21.13 20.63 37.95
CA TYR B 36 22.48 20.60 38.52
C TYR B 36 23.36 21.72 37.96
N GLU B 37 23.86 22.56 38.87
CA GLU B 37 24.72 23.69 38.49
C GLU B 37 26.18 23.53 38.90
N GLY B 38 26.50 22.40 39.52
CA GLY B 38 27.86 22.13 39.97
C GLY B 38 28.83 21.80 38.84
N ASP B 39 30.01 21.30 39.18
CA ASP B 39 31.01 20.98 38.17
C ASP B 39 31.25 19.48 37.92
N GLU B 40 32.39 19.16 37.31
CA GLU B 40 32.75 17.79 36.95
C GLU B 40 33.45 16.94 38.01
N SER B 41 33.70 17.51 39.18
CA SER B 41 34.42 16.81 40.23
C SER B 41 33.79 15.51 40.74
N PHE B 42 32.50 15.30 40.46
CA PHE B 42 31.81 14.09 40.92
C PHE B 42 31.97 12.90 39.97
N LEU B 43 32.32 13.20 38.71
CA LEU B 43 32.49 12.18 37.68
C LEU B 43 33.43 11.03 38.03
N ALA B 44 32.96 9.82 37.79
CA ALA B 44 33.74 8.62 38.05
C ALA B 44 34.52 8.18 36.81
N GLY B 45 35.25 7.07 36.95
CA GLY B 45 36.03 6.55 35.84
C GLY B 45 35.48 5.24 35.34
N ALA B 46 36.00 4.79 34.20
CA ALA B 46 35.55 3.55 33.59
C ALA B 46 35.87 2.36 34.49
N THR B 47 34.98 1.38 34.50
CA THR B 47 35.21 0.18 35.31
C THR B 47 36.01 -0.82 34.46
N GLU B 48 36.49 -1.89 35.08
CA GLU B 48 37.26 -2.89 34.35
C GLU B 48 36.42 -3.57 33.27
N ALA B 49 35.15 -3.80 33.59
CA ALA B 49 34.22 -4.42 32.66
C ALA B 49 34.02 -3.51 31.45
N THR B 50 33.85 -2.21 31.69
CA THR B 50 33.66 -1.24 30.62
C THR B 50 34.83 -1.26 29.64
N THR B 51 36.06 -1.16 30.16
CA THR B 51 37.25 -1.17 29.33
C THR B 51 37.43 -2.48 28.58
N THR B 52 37.23 -3.59 29.29
CA THR B 52 37.34 -4.92 28.67
C THR B 52 36.42 -5.03 27.45
N LEU B 53 35.17 -4.60 27.63
CA LEU B 53 34.15 -4.64 26.59
C LEU B 53 34.47 -3.68 25.44
N TRP B 54 34.80 -2.44 25.77
CA TRP B 54 35.11 -1.47 24.74
C TRP B 54 36.33 -1.83 23.90
N ASP B 55 37.39 -2.31 24.55
CA ASP B 55 38.61 -2.69 23.85
C ASP B 55 38.33 -3.80 22.85
N LYS B 56 37.49 -4.74 23.24
CA LYS B 56 37.11 -5.86 22.40
C LYS B 56 36.36 -5.33 21.17
N VAL B 57 35.51 -4.34 21.38
CA VAL B 57 34.72 -3.74 20.32
C VAL B 57 35.62 -2.93 19.39
N MET B 58 36.63 -2.29 19.97
CA MET B 58 37.57 -1.50 19.18
C MET B 58 38.32 -2.37 18.18
N GLU B 59 38.46 -3.65 18.49
CA GLU B 59 39.16 -4.58 17.60
C GLU B 59 38.40 -4.75 16.28
N GLY B 60 37.07 -4.71 16.36
CA GLY B 60 36.23 -4.81 15.19
C GLY B 60 36.18 -3.47 14.46
N VAL B 61 36.24 -2.37 15.21
CA VAL B 61 36.22 -1.02 14.65
C VAL B 61 37.46 -0.75 13.82
N LYS B 62 38.60 -1.28 14.28
CA LYS B 62 39.88 -1.13 13.59
C LYS B 62 39.80 -1.88 12.26
N LEU B 63 39.18 -3.05 12.30
CA LEU B 63 39.02 -3.88 11.11
C LEU B 63 38.16 -3.13 10.09
N GLU B 64 37.09 -2.50 10.57
CA GLU B 64 36.17 -1.74 9.71
C GLU B 64 36.91 -0.63 9.02
N ASN B 65 37.56 0.23 9.80
CA ASN B 65 38.30 1.36 9.24
C ASN B 65 39.36 0.94 8.23
N ARG B 66 40.08 -0.13 8.57
N ARG B 66 40.11 -0.10 8.59
CA ARG B 66 41.16 -0.69 7.74
CA ARG B 66 41.17 -0.66 7.77
C ARG B 66 40.65 -1.23 6.41
C ARG B 66 40.66 -1.23 6.43
N THR B 67 39.59 -2.03 6.46
CA THR B 67 39.01 -2.63 5.25
C THR B 67 37.92 -1.79 4.59
N HIS B 68 37.57 -0.66 5.19
CA HIS B 68 36.51 0.24 4.70
C HIS B 68 35.30 -0.59 4.26
N ALA B 69 34.97 -1.60 5.08
CA ALA B 69 33.88 -2.49 4.81
C ALA B 69 33.35 -3.11 6.10
N PRO B 70 32.17 -3.73 6.04
CA PRO B 70 31.54 -4.38 7.20
C PRO B 70 32.41 -5.50 7.74
N VAL B 71 32.30 -5.75 9.04
CA VAL B 71 33.03 -6.83 9.69
C VAL B 71 32.38 -8.12 9.19
N ASP B 72 31.06 -8.10 9.09
CA ASP B 72 30.25 -9.22 8.65
C ASP B 72 28.82 -8.70 8.53
N PHE B 73 28.00 -9.40 7.77
CA PHE B 73 26.60 -9.03 7.59
C PHE B 73 25.76 -10.20 7.11
N ASP B 74 24.46 -10.15 7.37
CA ASP B 74 23.54 -11.19 6.96
C ASP B 74 23.47 -11.34 5.46
N THR B 75 23.25 -12.59 5.04
CA THR B 75 23.20 -12.92 3.64
C THR B 75 21.90 -13.66 3.27
N ALA B 76 21.22 -14.18 4.29
CA ALA B 76 20.02 -14.96 4.07
C ALA B 76 18.87 -14.71 5.03
N VAL B 77 18.97 -13.66 5.85
CA VAL B 77 17.90 -13.38 6.82
C VAL B 77 17.34 -11.99 6.69
N ALA B 78 16.02 -11.89 6.56
CA ALA B 78 15.31 -10.62 6.46
C ALA B 78 15.06 -10.11 7.87
N SER B 79 15.75 -9.04 8.24
CA SER B 79 15.63 -8.48 9.58
C SER B 79 14.30 -7.84 9.91
N THR B 80 13.84 -8.10 11.14
CA THR B 80 12.62 -7.55 11.70
C THR B 80 12.91 -7.31 13.18
N ILE B 81 11.89 -7.02 13.97
CA ILE B 81 12.13 -6.77 15.40
C ILE B 81 12.48 -8.07 16.12
N THR B 82 11.75 -9.13 15.79
CA THR B 82 11.94 -10.45 16.41
C THR B 82 12.79 -11.46 15.63
N SER B 83 13.38 -11.05 14.52
CA SER B 83 14.17 -11.96 13.70
C SER B 83 15.43 -12.58 14.30
N HIS B 84 16.21 -11.77 15.01
CA HIS B 84 17.46 -12.25 15.59
C HIS B 84 17.43 -12.69 17.05
N ASP B 85 18.29 -13.64 17.40
CA ASP B 85 18.42 -14.13 18.76
C ASP B 85 19.27 -13.11 19.48
N ALA B 86 19.29 -13.20 20.81
CA ALA B 86 20.08 -12.29 21.61
C ALA B 86 21.55 -12.37 21.21
N GLY B 87 22.22 -11.22 21.18
CA GLY B 87 23.62 -11.18 20.83
C GLY B 87 24.37 -10.41 21.90
N TYR B 88 25.58 -10.85 22.24
CA TYR B 88 26.39 -10.19 23.27
C TYR B 88 27.86 -10.02 22.90
N ILE B 89 28.49 -9.07 23.58
CA ILE B 89 29.92 -8.80 23.45
C ILE B 89 30.57 -9.77 24.44
N ASN B 90 29.96 -9.83 25.62
CA ASN B 90 30.35 -10.67 26.74
C ASN B 90 29.20 -10.57 27.74
N LYS B 91 28.30 -11.54 27.69
CA LYS B 91 27.12 -11.56 28.55
C LYS B 91 27.38 -11.29 30.04
N GLN B 92 28.51 -11.75 30.56
CA GLN B 92 28.84 -11.56 31.97
C GLN B 92 29.25 -10.15 32.38
N LEU B 93 29.65 -9.32 31.42
CA LEU B 93 30.08 -7.99 31.78
C LEU B 93 29.12 -6.85 31.47
N GLU B 94 28.22 -7.08 30.52
CA GLU B 94 27.28 -6.05 30.11
C GLU B 94 26.16 -5.72 31.09
N LYS B 95 26.09 -4.44 31.47
CA LYS B 95 25.05 -3.95 32.38
C LYS B 95 23.79 -3.64 31.57
N ILE B 96 23.98 -3.17 30.33
CA ILE B 96 22.88 -2.87 29.41
C ILE B 96 23.07 -3.76 28.16
N VAL B 97 22.03 -4.47 27.76
CA VAL B 97 22.15 -5.37 26.61
C VAL B 97 21.34 -5.05 25.37
N GLY B 98 21.64 -5.74 24.26
CA GLY B 98 20.94 -5.52 23.02
C GLY B 98 21.78 -5.16 21.80
N LEU B 99 21.73 -6.01 20.78
CA LEU B 99 22.45 -5.78 19.54
C LEU B 99 21.48 -5.99 18.39
N GLN B 100 21.77 -5.38 17.24
CA GLN B 100 20.93 -5.50 16.05
C GLN B 100 20.82 -6.93 15.55
N THR B 101 21.93 -7.65 15.59
CA THR B 101 21.93 -9.05 15.18
C THR B 101 22.46 -9.90 16.33
N GLU B 102 22.91 -11.12 16.01
CA GLU B 102 23.42 -12.04 17.00
C GLU B 102 24.92 -11.88 17.28
N ALA B 103 25.54 -10.90 16.63
CA ALA B 103 26.97 -10.64 16.80
C ALA B 103 27.29 -9.14 16.74
N PRO B 104 28.30 -8.70 17.53
CA PRO B 104 28.70 -7.29 17.56
C PRO B 104 29.19 -6.80 16.21
N LEU B 105 28.60 -5.70 15.76
CA LEU B 105 28.95 -5.07 14.50
C LEU B 105 28.53 -5.81 13.22
N LYS B 106 27.84 -6.94 13.36
CA LYS B 106 27.39 -7.68 12.19
C LYS B 106 26.15 -6.98 11.66
N ARG B 107 26.25 -6.46 10.45
CA ARG B 107 25.16 -5.71 9.82
C ARG B 107 24.03 -6.61 9.31
N ALA B 108 22.82 -6.05 9.25
CA ALA B 108 21.64 -6.82 8.82
C ALA B 108 21.07 -6.46 7.45
N LEU B 109 20.04 -7.21 7.05
CA LEU B 109 19.34 -6.95 5.80
C LEU B 109 17.96 -6.40 6.13
N ILE B 110 17.70 -5.17 5.70
CA ILE B 110 16.43 -4.49 5.90
C ILE B 110 15.94 -4.39 4.44
N PRO B 111 15.32 -5.46 3.93
CA PRO B 111 14.80 -5.56 2.57
C PRO B 111 13.60 -4.73 2.13
N PHE B 112 12.77 -4.31 3.09
CA PHE B 112 11.58 -3.53 2.78
C PHE B 112 11.85 -2.24 2.00
N GLY B 113 13.06 -1.72 2.13
CA GLY B 113 13.44 -0.50 1.43
C GLY B 113 13.84 -0.73 -0.02
N GLY B 114 14.31 -1.93 -0.33
CA GLY B 114 14.73 -2.24 -1.68
C GLY B 114 15.74 -3.37 -1.70
N ILE B 115 15.60 -4.28 -2.65
CA ILE B 115 16.49 -5.42 -2.75
C ILE B 115 17.75 -5.14 -3.59
N LYS B 116 17.67 -4.17 -4.50
CA LYS B 116 18.81 -3.82 -5.35
C LYS B 116 20.01 -3.31 -4.58
N MET B 117 19.76 -2.49 -3.56
CA MET B 117 20.84 -1.93 -2.74
C MET B 117 21.51 -3.05 -1.95
N ILE B 118 20.74 -4.02 -1.53
CA ILE B 118 21.28 -5.14 -0.80
C ILE B 118 22.21 -5.92 -1.73
N GLU B 119 21.74 -6.14 -2.97
CA GLU B 119 22.54 -6.85 -3.97
C GLU B 119 23.84 -6.11 -4.21
N GLY B 120 23.73 -4.81 -4.42
CA GLY B 120 24.90 -3.98 -4.66
C GLY B 120 25.92 -4.06 -3.54
N SER B 121 25.45 -4.09 -2.31
CA SER B 121 26.31 -4.18 -1.13
C SER B 121 26.97 -5.56 -1.13
N CYS B 122 26.17 -6.58 -1.39
CA CYS B 122 26.65 -7.96 -1.43
C CYS B 122 27.75 -8.14 -2.47
N LYS B 123 27.61 -7.45 -3.60
CA LYS B 123 28.58 -7.52 -4.69
C LYS B 123 29.86 -6.78 -4.31
N ALA B 124 29.69 -5.61 -3.72
CA ALA B 124 30.79 -4.76 -3.30
C ALA B 124 31.67 -5.38 -2.22
N TYR B 125 31.05 -6.04 -1.24
CA TYR B 125 31.82 -6.63 -0.14
C TYR B 125 32.14 -8.10 -0.31
N ASN B 126 31.89 -8.61 -1.50
CA ASN B 126 32.19 -10.01 -1.86
C ASN B 126 31.44 -11.07 -1.07
N ARG B 127 30.11 -11.06 -1.20
CA ARG B 127 29.26 -12.03 -0.52
C ARG B 127 28.10 -12.32 -1.44
N GLU B 128 27.42 -13.43 -1.22
CA GLU B 128 26.31 -13.80 -2.08
C GLU B 128 24.95 -13.75 -1.43
N LEU B 129 24.08 -12.93 -2.00
CA LEU B 129 22.72 -12.77 -1.50
C LEU B 129 21.92 -14.05 -1.72
N ASP B 130 21.27 -14.53 -0.65
CA ASP B 130 20.46 -15.74 -0.72
C ASP B 130 19.42 -15.55 -1.82
N PRO B 131 19.32 -16.51 -2.74
CA PRO B 131 18.35 -16.41 -3.83
C PRO B 131 16.89 -16.31 -3.40
N MET B 132 16.54 -16.91 -2.26
CA MET B 132 15.16 -16.86 -1.76
C MET B 132 14.78 -15.45 -1.33
N ILE B 133 15.67 -14.79 -0.60
CA ILE B 133 15.43 -13.41 -0.14
C ILE B 133 15.19 -12.53 -1.37
N LYS B 134 16.02 -12.70 -2.40
CA LYS B 134 15.90 -11.93 -3.62
C LYS B 134 14.56 -12.13 -4.30
N LYS B 135 14.14 -13.40 -4.41
CA LYS B 135 12.88 -13.76 -5.05
C LYS B 135 11.69 -13.12 -4.32
N ILE B 136 11.71 -13.21 -3.00
CA ILE B 136 10.65 -12.65 -2.17
C ILE B 136 10.50 -11.14 -2.39
N PHE B 137 11.61 -10.42 -2.26
CA PHE B 137 11.61 -8.98 -2.38
C PHE B 137 11.72 -8.35 -3.77
N THR B 138 11.29 -9.10 -4.77
CA THR B 138 11.26 -8.63 -6.16
C THR B 138 9.94 -9.08 -6.76
N GLU B 139 9.44 -10.24 -6.32
CA GLU B 139 8.20 -10.80 -6.83
C GLU B 139 6.97 -10.81 -5.92
N TYR B 140 7.20 -10.95 -4.61
CA TYR B 140 6.11 -11.00 -3.63
C TYR B 140 5.89 -9.70 -2.88
N ARG B 141 6.89 -9.30 -2.10
CA ARG B 141 6.82 -8.06 -1.35
C ARG B 141 7.48 -6.95 -2.15
N LYS B 142 6.69 -5.97 -2.57
CA LYS B 142 7.21 -4.84 -3.34
C LYS B 142 7.95 -3.94 -2.38
N THR B 143 9.06 -3.38 -2.83
CA THR B 143 9.86 -2.52 -1.97
C THR B 143 9.70 -1.03 -2.23
N HIS B 144 10.16 -0.23 -1.28
CA HIS B 144 10.09 1.23 -1.39
C HIS B 144 10.79 1.69 -2.68
N ASN B 145 11.96 1.11 -2.94
CA ASN B 145 12.70 1.48 -4.12
C ASN B 145 11.89 1.29 -5.42
N GLN B 146 11.43 0.06 -5.65
N GLN B 146 11.44 0.06 -5.68
CA GLN B 146 10.69 -0.25 -6.87
CA GLN B 146 10.67 -0.25 -6.89
C GLN B 146 9.43 0.60 -7.05
C GLN B 146 9.40 0.59 -7.05
N GLY B 147 8.76 0.94 -5.95
CA GLY B 147 7.56 1.77 -6.04
C GLY B 147 7.88 3.17 -6.55
N VAL B 148 8.95 3.74 -6.04
CA VAL B 148 9.38 5.08 -6.42
C VAL B 148 9.74 5.15 -7.91
N PHE B 149 10.62 4.27 -8.36
CA PHE B 149 11.02 4.21 -9.76
C PHE B 149 9.91 3.84 -10.74
N ASP B 150 8.80 3.35 -10.23
CA ASP B 150 7.66 3.01 -11.07
C ASP B 150 6.85 4.27 -11.34
N VAL B 151 6.97 5.25 -10.45
CA VAL B 151 6.21 6.50 -10.56
C VAL B 151 7.05 7.69 -10.98
N TYR B 152 8.36 7.61 -10.81
CA TYR B 152 9.29 8.68 -11.19
C TYR B 152 9.07 9.12 -12.65
N THR B 153 9.41 10.38 -12.94
CA THR B 153 9.28 10.92 -14.29
C THR B 153 10.66 10.88 -14.92
N PRO B 154 10.74 10.81 -16.27
CA PRO B 154 12.05 10.78 -16.92
C PRO B 154 12.84 12.08 -16.67
N ASP B 155 12.11 13.15 -16.32
CA ASP B 155 12.72 14.44 -16.02
C ASP B 155 13.54 14.30 -14.74
N ILE B 156 12.90 13.73 -13.72
CA ILE B 156 13.54 13.50 -12.43
C ILE B 156 14.73 12.57 -12.61
N LEU B 157 14.56 11.55 -13.43
CA LEU B 157 15.63 10.59 -13.69
C LEU B 157 16.84 11.30 -14.27
N ARG B 158 16.60 12.32 -15.10
CA ARG B 158 17.67 13.09 -15.73
C ARG B 158 18.41 13.94 -14.69
N CYS B 159 17.64 14.58 -13.81
CA CYS B 159 18.21 15.40 -12.76
C CYS B 159 19.04 14.52 -11.83
N ARG B 160 18.62 13.28 -11.68
CA ARG B 160 19.31 12.32 -10.83
C ARG B 160 20.66 12.00 -11.46
N LYS B 161 20.67 11.84 -12.78
CA LYS B 161 21.90 11.49 -13.50
C LYS B 161 22.94 12.61 -13.64
N SER B 162 22.45 13.83 -13.92
CA SER B 162 23.31 15.00 -14.12
C SER B 162 23.94 15.57 -12.85
N GLY B 163 23.28 15.37 -11.71
CA GLY B 163 23.81 15.89 -10.47
C GLY B 163 23.11 17.16 -10.03
N VAL B 164 21.84 17.30 -10.39
CA VAL B 164 21.08 18.47 -9.98
C VAL B 164 20.21 18.11 -8.79
N LEU B 165 19.73 16.86 -8.79
CA LEU B 165 18.89 16.31 -7.73
C LEU B 165 19.35 14.88 -7.53
N THR B 166 20.31 14.68 -6.64
CA THR B 166 20.87 13.35 -6.43
C THR B 166 21.00 12.99 -4.97
N GLY B 167 20.88 11.70 -4.65
CA GLY B 167 21.01 11.24 -3.28
C GLY B 167 19.74 11.34 -2.45
N LEU B 168 18.59 11.46 -3.09
CA LEU B 168 17.31 11.54 -2.40
C LEU B 168 16.99 10.16 -1.84
N PRO B 169 16.24 10.09 -0.74
CA PRO B 169 15.88 8.82 -0.12
C PRO B 169 15.02 7.86 -0.95
N ASP B 170 15.52 7.49 -2.13
CA ASP B 170 14.80 6.54 -2.98
C ASP B 170 15.50 5.17 -2.95
N ALA B 171 16.65 5.10 -2.27
CA ALA B 171 17.42 3.87 -2.19
C ALA B 171 17.94 3.53 -0.79
N TYR B 172 17.27 4.03 0.23
CA TYR B 172 17.65 3.77 1.61
C TYR B 172 16.53 4.34 2.46
N GLY B 173 16.46 3.90 3.71
CA GLY B 173 15.43 4.40 4.62
C GLY B 173 15.51 5.90 4.76
N ARG B 174 14.36 6.57 4.79
CA ARG B 174 14.32 8.02 4.91
C ARG B 174 14.83 8.57 6.24
N GLY B 175 14.61 7.83 7.32
CA GLY B 175 15.04 8.28 8.63
C GLY B 175 14.26 9.50 9.08
N ARG B 176 14.95 10.44 9.73
CA ARG B 176 14.36 11.69 10.21
C ARG B 176 13.16 11.50 11.13
N ILE B 177 13.14 10.37 11.84
CA ILE B 177 12.06 10.08 12.76
C ILE B 177 12.69 9.68 14.08
N ILE B 178 12.21 10.29 15.16
CA ILE B 178 12.67 9.98 16.50
C ILE B 178 11.50 9.55 17.37
N GLY B 179 11.37 8.25 17.57
CA GLY B 179 10.31 7.77 18.43
C GLY B 179 10.72 8.12 19.84
N ASP B 180 9.77 8.40 20.72
CA ASP B 180 10.12 8.73 22.09
C ASP B 180 10.34 7.43 22.83
N TYR B 181 11.59 6.99 22.86
CA TYR B 181 11.94 5.74 23.50
C TYR B 181 11.80 5.81 25.02
N ARG B 182 11.79 7.03 25.56
CA ARG B 182 11.63 7.26 26.99
C ARG B 182 10.26 6.77 27.47
N ARG B 183 9.30 6.71 26.56
CA ARG B 183 7.95 6.25 26.85
C ARG B 183 7.96 4.82 27.37
N VAL B 184 8.85 3.99 26.83
CA VAL B 184 8.93 2.59 27.24
C VAL B 184 9.40 2.50 28.69
N ALA B 185 10.43 3.27 29.02
CA ALA B 185 10.96 3.27 30.38
C ALA B 185 9.92 3.76 31.38
N LEU B 186 9.24 4.84 31.02
CA LEU B 186 8.23 5.45 31.87
C LEU B 186 6.97 4.60 32.09
N TYR B 187 6.26 4.30 31.01
CA TYR B 187 5.00 3.56 31.09
C TYR B 187 4.98 2.03 30.91
N GLY B 188 5.97 1.48 30.21
CA GLY B 188 6.00 0.04 29.95
C GLY B 188 5.21 -0.23 28.69
N ILE B 189 5.52 -1.32 28.01
CA ILE B 189 4.83 -1.65 26.77
C ILE B 189 3.31 -1.74 26.88
N ASP B 190 2.83 -2.48 27.88
CA ASP B 190 1.40 -2.67 28.08
C ASP B 190 0.56 -1.40 28.12
N TYR B 191 0.99 -0.44 28.91
CA TYR B 191 0.28 0.82 29.03
C TYR B 191 0.23 1.54 27.70
N LEU B 192 1.28 1.36 26.89
CA LEU B 192 1.35 2.02 25.60
C LEU B 192 0.46 1.35 24.54
N MET B 193 0.27 0.05 24.66
CA MET B 193 -0.57 -0.68 23.73
C MET B 193 -2.04 -0.35 24.01
N LYS B 194 -2.36 -0.17 25.29
CA LYS B 194 -3.71 0.18 25.74
C LYS B 194 -4.06 1.59 25.29
N ASP B 195 -3.03 2.44 25.22
CA ASP B 195 -3.20 3.83 24.79
C ASP B 195 -3.38 3.89 23.29
N LYS B 196 -2.66 3.04 22.56
CA LYS B 196 -2.75 2.98 21.11
C LYS B 196 -4.12 2.44 20.67
N LEU B 197 -4.62 1.44 21.39
CA LEU B 197 -5.93 0.85 21.10
C LEU B 197 -7.00 1.91 21.23
N ALA B 198 -6.78 2.87 22.11
CA ALA B 198 -7.72 3.94 22.35
C ALA B 198 -7.66 4.88 21.15
N GLN B 199 -6.45 5.15 20.67
CA GLN B 199 -6.25 6.01 19.52
C GLN B 199 -6.90 5.39 18.29
N PHE B 200 -6.76 4.08 18.17
CA PHE B 200 -7.33 3.33 17.06
C PHE B 200 -8.86 3.47 17.07
N THR B 201 -9.44 3.30 18.26
CA THR B 201 -10.88 3.36 18.44
C THR B 201 -11.48 4.75 18.21
N SER B 202 -10.70 5.77 18.56
CA SER B 202 -11.15 7.16 18.42
C SER B 202 -11.37 7.56 16.97
N LEU B 203 -10.95 6.71 16.05
CA LEU B 203 -11.10 6.98 14.63
C LEU B 203 -12.28 6.26 14.00
N GLN B 204 -12.94 5.40 14.76
CA GLN B 204 -14.08 4.65 14.25
C GLN B 204 -15.23 5.52 13.74
N ALA B 205 -15.57 6.56 14.49
CA ALA B 205 -16.67 7.45 14.11
C ALA B 205 -16.44 8.04 12.72
N ASP B 206 -15.33 8.75 12.57
CA ASP B 206 -14.96 9.38 11.31
C ASP B 206 -15.00 8.38 10.15
N LEU B 207 -14.61 7.15 10.43
CA LEU B 207 -14.62 6.10 9.41
C LEU B 207 -16.03 5.79 8.96
N GLU B 208 -16.90 5.49 9.92
CA GLU B 208 -18.29 5.16 9.62
C GLU B 208 -19.04 6.32 8.99
N ASN B 209 -18.58 7.55 9.28
CA ASN B 209 -19.23 8.75 8.75
C ASN B 209 -18.67 9.29 7.44
N GLY B 210 -17.69 8.58 6.88
CA GLY B 210 -17.10 8.99 5.62
C GLY B 210 -16.28 10.28 5.65
N VAL B 211 -15.86 10.68 6.84
CA VAL B 211 -15.07 11.89 7.04
C VAL B 211 -13.60 11.60 6.69
N ASN B 212 -13.11 12.17 5.60
CA ASN B 212 -11.73 11.94 5.16
C ASN B 212 -11.45 10.43 5.11
N LEU B 213 -12.31 9.73 4.39
CA LEU B 213 -12.27 8.28 4.25
C LEU B 213 -10.91 7.61 4.12
N GLU B 214 -10.21 7.89 3.02
CA GLU B 214 -8.90 7.29 2.79
C GLU B 214 -7.81 7.64 3.81
N GLN B 215 -7.83 8.87 4.31
CA GLN B 215 -6.86 9.30 5.31
C GLN B 215 -7.16 8.61 6.64
N THR B 216 -8.44 8.35 6.91
CA THR B 216 -8.85 7.70 8.14
C THR B 216 -8.46 6.23 8.11
N ILE B 217 -8.79 5.56 7.02
CA ILE B 217 -8.46 4.15 6.85
C ILE B 217 -6.95 3.94 6.99
N ARG B 218 -6.18 4.81 6.37
CA ARG B 218 -4.72 4.74 6.43
C ARG B 218 -4.23 4.84 7.87
N LEU B 219 -4.71 5.85 8.59
CA LEU B 219 -4.32 6.07 9.96
C LEU B 219 -4.71 4.89 10.83
N ARG B 220 -5.88 4.32 10.59
CA ARG B 220 -6.30 3.18 11.38
C ARG B 220 -5.33 2.02 11.17
N GLU B 221 -4.98 1.74 9.92
CA GLU B 221 -4.05 0.65 9.63
C GLU B 221 -2.67 0.90 10.21
N GLU B 222 -2.21 2.14 10.16
CA GLU B 222 -0.91 2.48 10.70
C GLU B 222 -0.89 2.26 12.20
N ILE B 223 -1.93 2.71 12.87
CA ILE B 223 -2.03 2.55 14.31
C ILE B 223 -2.09 1.08 14.67
N ALA B 224 -2.70 0.28 13.80
CA ALA B 224 -2.80 -1.15 14.03
C ALA B 224 -1.43 -1.79 13.94
N GLU B 225 -0.59 -1.30 13.02
CA GLU B 225 0.77 -1.81 12.84
C GLU B 225 1.66 -1.35 14.00
N GLN B 226 1.36 -0.16 14.52
CA GLN B 226 2.08 0.40 15.64
C GLN B 226 1.84 -0.46 16.87
N HIS B 227 0.58 -0.86 17.04
CA HIS B 227 0.16 -1.69 18.15
C HIS B 227 0.88 -3.04 18.08
N ARG B 228 0.90 -3.63 16.90
CA ARG B 228 1.56 -4.91 16.70
C ARG B 228 3.06 -4.81 16.97
N ALA B 229 3.66 -3.69 16.62
CA ALA B 229 5.09 -3.45 16.83
C ALA B 229 5.44 -3.42 18.31
N LEU B 230 4.61 -2.75 19.10
CA LEU B 230 4.86 -2.66 20.52
C LEU B 230 4.88 -4.05 21.14
N GLY B 231 4.06 -4.96 20.62
CA GLY B 231 4.03 -6.32 21.12
C GLY B 231 5.29 -7.09 20.78
N GLN B 232 5.85 -6.79 19.61
CA GLN B 232 7.08 -7.43 19.16
C GLN B 232 8.25 -6.89 19.96
N MET B 233 8.11 -5.69 20.53
CA MET B 233 9.16 -5.10 21.34
C MET B 233 9.32 -5.98 22.56
N LYS B 234 8.20 -6.41 23.12
CA LYS B 234 8.20 -7.29 24.28
C LYS B 234 8.90 -8.59 23.92
N GLU B 235 8.48 -9.20 22.81
CA GLU B 235 9.07 -10.47 22.36
C GLU B 235 10.57 -10.35 22.16
N MET B 236 11.00 -9.19 21.67
CA MET B 236 12.41 -8.93 21.43
C MET B 236 13.17 -8.92 22.75
N ALA B 237 12.72 -8.09 23.68
CA ALA B 237 13.34 -7.97 25.00
C ALA B 237 13.32 -9.32 25.71
N ALA B 238 12.23 -10.06 25.51
CA ALA B 238 12.06 -11.39 26.12
C ALA B 238 13.19 -12.34 25.74
N LYS B 239 13.75 -12.15 24.54
CA LYS B 239 14.85 -12.98 24.08
C LYS B 239 16.10 -12.71 24.94
N TYR B 240 16.19 -11.49 25.47
CA TYR B 240 17.31 -11.12 26.32
C TYR B 240 17.01 -11.41 27.80
N GLY B 241 15.86 -12.03 28.05
CA GLY B 241 15.45 -12.39 29.40
C GLY B 241 14.80 -11.27 30.19
N TYR B 242 14.32 -10.25 29.48
CA TYR B 242 13.68 -9.11 30.12
C TYR B 242 12.19 -9.03 29.87
N ASP B 243 11.48 -8.46 30.83
CA ASP B 243 10.05 -8.27 30.74
C ASP B 243 9.80 -6.77 30.82
N ILE B 244 9.50 -6.16 29.69
CA ILE B 244 9.26 -4.74 29.63
C ILE B 244 7.78 -4.37 29.50
N SER B 245 6.89 -5.30 29.87
CA SER B 245 5.46 -5.05 29.80
C SER B 245 5.03 -3.99 30.82
N GLY B 246 5.77 -3.91 31.92
CA GLY B 246 5.51 -2.93 32.95
C GLY B 246 6.61 -1.87 32.96
N PRO B 247 6.42 -0.75 33.69
CA PRO B 247 7.37 0.36 33.80
C PRO B 247 8.69 0.01 34.47
N ALA B 248 9.73 0.79 34.16
CA ALA B 248 11.07 0.61 34.73
C ALA B 248 11.05 0.96 36.22
N THR B 249 11.40 0.00 37.06
CA THR B 249 11.39 0.20 38.52
C THR B 249 12.62 0.89 39.10
N ASN B 250 13.73 0.87 38.36
CA ASN B 250 14.98 1.50 38.80
C ASN B 250 15.74 2.19 37.66
N ALA B 251 16.98 2.59 37.94
CA ALA B 251 17.82 3.28 36.95
C ALA B 251 18.29 2.39 35.82
N GLN B 252 18.77 1.21 36.16
CA GLN B 252 19.26 0.26 35.17
C GLN B 252 18.15 -0.12 34.19
N GLU B 253 16.92 -0.25 34.71
CA GLU B 253 15.79 -0.60 33.87
C GLU B 253 15.33 0.57 33.01
N ALA B 254 15.49 1.79 33.50
CA ALA B 254 15.09 2.97 32.73
C ALA B 254 16.00 3.07 31.51
N ILE B 255 17.29 2.86 31.72
CA ILE B 255 18.25 2.89 30.65
C ILE B 255 17.97 1.72 29.70
N GLN B 256 17.84 0.52 30.26
CA GLN B 256 17.56 -0.66 29.45
C GLN B 256 16.26 -0.59 28.65
N TRP B 257 15.18 -0.15 29.30
CA TRP B 257 13.86 -0.03 28.67
C TRP B 257 13.87 0.98 27.53
N THR B 258 14.56 2.10 27.75
CA THR B 258 14.67 3.15 26.74
C THR B 258 15.47 2.64 25.54
N TYR B 259 16.57 1.95 25.81
CA TYR B 259 17.40 1.41 24.74
C TYR B 259 16.63 0.33 23.97
N PHE B 260 15.88 -0.50 24.68
CA PHE B 260 15.11 -1.55 24.02
C PHE B 260 14.13 -0.94 23.02
N GLY B 261 13.65 0.27 23.35
CA GLY B 261 12.73 0.96 22.46
C GLY B 261 13.45 1.35 21.18
N TYR B 262 14.67 1.86 21.35
CA TYR B 262 15.50 2.27 20.23
C TYR B 262 15.99 1.06 19.44
N LEU B 263 16.36 -0.01 20.16
CA LEU B 263 16.84 -1.22 19.52
C LEU B 263 15.83 -1.75 18.50
N ALA B 264 14.55 -1.72 18.87
CA ALA B 264 13.51 -2.19 17.97
C ALA B 264 13.52 -1.39 16.68
N ALA B 265 13.75 -0.08 16.80
CA ALA B 265 13.80 0.79 15.64
C ALA B 265 14.95 0.42 14.70
N VAL B 266 16.15 0.35 15.26
CA VAL B 266 17.33 0.03 14.47
C VAL B 266 17.42 -1.44 14.02
N LYS B 267 16.42 -2.23 14.38
CA LYS B 267 16.38 -3.62 13.96
C LYS B 267 15.40 -3.75 12.81
N SER B 268 14.55 -2.75 12.66
CA SER B 268 13.53 -2.78 11.60
C SER B 268 13.61 -1.73 10.50
N GLN B 269 14.30 -0.63 10.75
CA GLN B 269 14.42 0.43 9.74
C GLN B 269 15.87 0.87 9.56
N ASN B 270 16.30 1.06 8.32
CA ASN B 270 17.68 1.47 8.05
C ASN B 270 17.77 2.92 7.62
N GLY B 271 17.07 3.78 8.34
CA GLY B 271 17.07 5.19 8.03
C GLY B 271 18.46 5.81 8.01
N ALA B 272 18.64 6.84 7.20
CA ALA B 272 19.92 7.51 7.11
C ALA B 272 20.34 7.99 8.50
N ALA B 273 19.38 8.52 9.24
CA ALA B 273 19.62 8.99 10.59
C ALA B 273 18.61 8.33 11.51
N MET B 274 19.12 7.66 12.54
CA MET B 274 18.27 6.99 13.53
C MET B 274 18.66 7.59 14.88
N SER B 275 18.21 8.82 15.13
CA SER B 275 18.52 9.55 16.34
C SER B 275 17.93 9.01 17.64
N PHE B 276 18.58 9.34 18.76
CA PHE B 276 18.19 8.90 20.08
C PHE B 276 17.16 9.81 20.73
N GLY B 277 17.32 11.12 20.54
CA GLY B 277 16.40 12.09 21.12
C GLY B 277 16.99 12.84 22.29
N ARG B 278 16.13 13.37 23.17
CA ARG B 278 16.55 14.11 24.37
C ARG B 278 16.30 13.16 25.55
N THR B 279 17.32 12.39 25.93
CA THR B 279 17.18 11.40 27.00
C THR B 279 18.06 11.53 28.24
N SER B 280 19.24 12.12 28.11
CA SER B 280 20.15 12.24 29.25
C SER B 280 19.50 12.76 30.54
N THR B 281 18.80 13.88 30.45
CA THR B 281 18.12 14.48 31.60
C THR B 281 17.02 13.56 32.12
N PHE B 282 16.23 12.99 31.21
CA PHE B 282 15.16 12.08 31.57
C PHE B 282 15.68 10.92 32.41
N LEU B 283 16.72 10.26 31.93
CA LEU B 283 17.30 9.14 32.65
C LEU B 283 17.87 9.52 34.01
N ASP B 284 18.30 10.77 34.14
CA ASP B 284 18.87 11.26 35.40
C ASP B 284 17.90 11.09 36.55
N VAL B 285 16.62 11.31 36.27
CA VAL B 285 15.58 11.18 37.28
C VAL B 285 15.64 9.81 37.93
N TYR B 286 15.91 8.77 37.14
CA TYR B 286 15.98 7.42 37.69
C TYR B 286 17.31 7.16 38.40
N ILE B 287 18.39 7.74 37.88
CA ILE B 287 19.70 7.56 38.47
C ILE B 287 19.74 8.26 39.82
N GLU B 288 19.24 9.50 39.87
CA GLU B 288 19.20 10.27 41.12
C GLU B 288 18.49 9.50 42.23
N ARG B 289 17.30 8.98 41.94
CA ARG B 289 16.53 8.23 42.91
C ARG B 289 17.32 7.03 43.47
N ASP B 290 18.02 6.32 42.59
CA ASP B 290 18.80 5.16 43.01
C ASP B 290 20.03 5.53 43.82
N LEU B 291 20.59 6.71 43.58
CA LEU B 291 21.76 7.17 44.32
C LEU B 291 21.28 7.54 45.72
N LYS B 292 20.25 8.39 45.76
CA LYS B 292 19.68 8.87 47.02
C LYS B 292 19.22 7.71 47.91
N ALA B 293 18.76 6.63 47.30
CA ALA B 293 18.28 5.46 48.05
C ALA B 293 19.45 4.53 48.36
N GLY B 294 20.65 4.94 47.92
CA GLY B 294 21.85 4.15 48.15
C GLY B 294 21.86 2.79 47.49
N LYS B 295 21.08 2.63 46.42
CA LYS B 295 20.99 1.36 45.67
C LYS B 295 21.99 1.31 44.53
N ILE B 296 22.62 2.45 44.26
CA ILE B 296 23.57 2.56 43.17
C ILE B 296 24.65 3.59 43.54
N THR B 297 25.91 3.26 43.27
CA THR B 297 27.03 4.16 43.55
C THR B 297 27.23 5.06 42.34
N GLU B 298 28.00 6.13 42.50
CA GLU B 298 28.24 7.03 41.38
C GLU B 298 28.98 6.36 40.22
N GLN B 299 29.86 5.43 40.56
CA GLN B 299 30.62 4.71 39.54
C GLN B 299 29.73 3.75 38.75
N GLU B 300 28.80 3.09 39.45
CA GLU B 300 27.87 2.15 38.82
C GLU B 300 26.96 2.89 37.87
N ALA B 301 26.72 4.17 38.17
CA ALA B 301 25.88 5.04 37.34
C ALA B 301 26.58 5.28 36.01
N GLN B 302 27.86 5.65 36.07
CA GLN B 302 28.65 5.89 34.87
C GLN B 302 28.70 4.61 34.04
N GLU B 303 29.00 3.49 34.70
CA GLU B 303 29.08 2.20 34.03
C GLU B 303 27.84 1.93 33.18
N MET B 304 26.68 2.23 33.75
CA MET B 304 25.40 2.04 33.06
C MET B 304 25.29 2.95 31.83
N VAL B 305 25.60 4.23 32.03
CA VAL B 305 25.58 5.20 30.94
C VAL B 305 26.62 4.81 29.89
N ASP B 306 27.75 4.31 30.36
CA ASP B 306 28.83 3.89 29.48
C ASP B 306 28.40 2.76 28.58
N HIS B 307 27.79 1.73 29.17
CA HIS B 307 27.32 0.58 28.44
C HIS B 307 26.23 0.91 27.43
N LEU B 308 25.41 1.93 27.74
CA LEU B 308 24.34 2.38 26.85
C LEU B 308 24.98 3.09 25.67
N VAL B 309 25.81 4.09 25.98
CA VAL B 309 26.50 4.87 24.97
C VAL B 309 27.39 3.97 24.12
N MET B 310 27.86 2.89 24.72
CA MET B 310 28.71 1.93 24.02
C MET B 310 27.88 1.20 22.96
N LYS B 311 26.62 0.91 23.28
CA LYS B 311 25.74 0.25 22.32
C LYS B 311 25.44 1.21 21.18
N LEU B 312 25.34 2.50 21.52
CA LEU B 312 25.08 3.50 20.50
C LEU B 312 26.30 3.68 19.61
N ARG B 313 27.45 3.18 20.07
CA ARG B 313 28.68 3.27 19.30
C ARG B 313 28.79 2.04 18.42
N MET B 314 27.84 1.12 18.60
CA MET B 314 27.84 -0.12 17.85
C MET B 314 26.74 -0.28 16.82
N VAL B 315 25.93 0.76 16.61
CA VAL B 315 24.86 0.67 15.62
C VAL B 315 25.46 0.73 14.23
N ARG B 316 25.04 -0.19 13.37
CA ARG B 316 25.54 -0.28 12.00
C ARG B 316 24.43 -0.66 11.02
N PHE B 317 24.63 -0.23 9.77
CA PHE B 317 23.71 -0.51 8.68
C PHE B 317 24.49 -0.86 7.41
N LEU B 318 24.00 -1.86 6.69
CA LEU B 318 24.63 -2.30 5.45
C LEU B 318 24.33 -1.25 4.38
N ARG B 319 25.37 -0.60 3.89
CA ARG B 319 25.21 0.43 2.87
C ARG B 319 25.97 0.12 1.59
N THR B 320 25.60 0.81 0.51
CA THR B 320 26.23 0.64 -0.79
C THR B 320 27.37 1.65 -0.94
N PRO B 321 28.32 1.41 -1.87
CA PRO B 321 29.44 2.34 -2.07
C PRO B 321 28.93 3.72 -2.49
N GLU B 322 27.78 3.72 -3.17
CA GLU B 322 27.14 4.95 -3.62
C GLU B 322 26.69 5.78 -2.43
N TYR B 323 26.10 5.09 -1.46
CA TYR B 323 25.63 5.71 -0.23
C TYR B 323 26.84 6.20 0.56
N ASP B 324 27.91 5.41 0.55
CA ASP B 324 29.14 5.73 1.26
C ASP B 324 29.75 7.06 0.86
N GLU B 325 29.53 7.49 -0.38
CA GLU B 325 30.09 8.76 -0.83
C GLU B 325 29.15 9.94 -0.60
N LEU B 326 27.85 9.65 -0.50
CA LEU B 326 26.83 10.66 -0.24
C LEU B 326 26.78 10.97 1.26
N PHE B 327 27.02 9.94 2.07
CA PHE B 327 27.05 10.02 3.52
C PHE B 327 28.34 9.32 3.97
N SER B 328 29.45 10.06 3.99
CA SER B 328 30.75 9.49 4.35
C SER B 328 31.03 9.19 5.82
N GLY B 329 31.99 8.29 6.04
CA GLY B 329 32.38 7.93 7.39
C GLY B 329 31.57 6.93 8.20
N ASP B 330 30.69 6.16 7.56
CA ASP B 330 29.89 5.16 8.27
C ASP B 330 29.09 5.82 9.40
N PRO B 331 28.32 6.88 9.09
CA PRO B 331 27.52 7.61 10.09
C PRO B 331 26.17 6.98 10.46
N ILE B 332 25.74 7.21 11.70
CA ILE B 332 24.48 6.67 12.19
C ILE B 332 23.56 7.80 12.64
N TRP B 333 24.18 8.88 13.13
CA TRP B 333 23.45 10.04 13.63
C TRP B 333 22.57 9.71 14.81
N ALA B 334 23.08 8.89 15.73
CA ALA B 334 22.36 8.53 16.95
C ALA B 334 22.49 9.75 17.85
N THR B 335 21.87 10.83 17.42
CA THR B 335 21.90 12.11 18.11
C THR B 335 21.26 12.15 19.49
N GLU B 336 21.96 12.79 20.42
CA GLU B 336 21.51 12.95 21.81
C GLU B 336 21.50 14.45 22.11
N SER B 337 20.35 14.97 22.50
CA SER B 337 20.26 16.38 22.83
C SER B 337 20.46 16.53 24.33
N ILE B 338 21.57 17.18 24.69
CA ILE B 338 21.96 17.38 26.08
C ILE B 338 21.84 18.82 26.57
N GLY B 339 21.34 18.95 27.81
CA GLY B 339 21.21 20.25 28.43
C GLY B 339 20.01 21.10 28.03
N GLY B 340 20.28 22.37 27.71
CA GLY B 340 19.21 23.30 27.35
C GLY B 340 18.55 23.91 28.57
N MET B 341 17.68 24.88 28.33
CA MET B 341 16.97 25.55 29.41
C MET B 341 15.50 25.21 29.31
N GLY B 342 14.79 25.28 30.44
CA GLY B 342 13.37 25.00 30.44
C GLY B 342 12.58 26.26 30.07
N LEU B 343 11.27 26.12 29.92
CA LEU B 343 10.44 27.27 29.58
C LEU B 343 10.28 28.15 30.82
N ASP B 344 10.32 27.50 31.99
CA ASP B 344 10.18 28.18 33.28
C ASP B 344 11.43 28.94 33.76
N GLY B 345 12.59 28.67 33.13
CA GLY B 345 13.80 29.36 33.52
C GLY B 345 14.96 28.51 34.00
N ARG B 346 14.68 27.41 34.69
CA ARG B 346 15.73 26.53 35.19
C ARG B 346 16.42 25.80 34.05
N THR B 347 17.66 25.37 34.29
CA THR B 347 18.41 24.65 33.26
C THR B 347 18.06 23.16 33.27
N LEU B 348 17.97 22.58 32.07
CA LEU B 348 17.68 21.16 31.96
C LEU B 348 18.96 20.35 32.18
N VAL B 349 20.09 21.04 32.40
CA VAL B 349 21.36 20.37 32.66
C VAL B 349 21.25 19.56 33.95
N THR B 350 21.85 18.38 33.97
CA THR B 350 21.82 17.50 35.13
C THR B 350 23.16 16.82 35.30
N LYS B 351 23.28 15.98 36.31
CA LYS B 351 24.51 15.24 36.54
C LYS B 351 24.74 14.29 35.37
N ASN B 352 23.65 13.77 34.81
CA ASN B 352 23.72 12.84 33.68
C ASN B 352 24.27 13.57 32.47
N SER B 353 24.06 14.88 32.40
CA SER B 353 24.59 15.66 31.28
C SER B 353 26.09 15.46 31.28
N PHE B 354 26.70 15.60 32.46
CA PHE B 354 28.14 15.41 32.63
C PHE B 354 28.54 13.96 32.37
N ARG B 355 27.74 13.03 32.88
CA ARG B 355 28.01 11.61 32.70
C ARG B 355 28.09 11.20 31.22
N PHE B 356 27.22 11.79 30.39
CA PHE B 356 27.19 11.51 28.97
C PHE B 356 28.43 12.06 28.28
N LEU B 357 28.78 13.31 28.58
CA LEU B 357 29.99 13.91 28.00
C LEU B 357 31.22 13.13 28.46
N ASN B 358 31.14 12.62 29.69
CA ASN B 358 32.22 11.84 30.29
C ASN B 358 32.54 10.56 29.53
N THR B 359 31.60 10.06 28.73
CA THR B 359 31.86 8.83 27.96
C THR B 359 33.01 9.04 26.98
N LEU B 360 33.28 10.31 26.65
CA LEU B 360 34.38 10.65 25.76
C LEU B 360 35.71 10.41 26.46
N TYR B 361 35.71 10.50 27.79
CA TYR B 361 36.91 10.27 28.58
C TYR B 361 37.01 8.82 29.03
N THR B 362 35.89 8.26 29.48
CA THR B 362 35.87 6.88 29.96
C THR B 362 36.15 5.84 28.87
N MET B 363 35.71 6.12 27.64
CA MET B 363 35.90 5.20 26.53
C MET B 363 36.57 5.84 25.32
N GLY B 364 37.17 7.02 25.53
CA GLY B 364 37.86 7.71 24.46
C GLY B 364 36.92 8.42 23.52
N PRO B 365 37.44 9.19 22.55
CA PRO B 365 36.62 9.93 21.58
C PRO B 365 35.83 9.00 20.67
N SER B 366 34.65 9.44 20.28
CA SER B 366 33.77 8.64 19.42
C SER B 366 32.83 9.54 18.60
N PRO B 367 32.63 9.19 17.32
CA PRO B 367 31.76 9.90 16.39
C PRO B 367 30.32 9.79 16.85
N GLU B 368 29.96 8.58 17.25
CA GLU B 368 28.61 8.28 17.74
C GLU B 368 28.67 7.96 19.24
N PRO B 369 27.64 8.37 20.00
CA PRO B 369 26.43 9.08 19.59
C PRO B 369 26.77 10.52 19.21
N ASN B 370 25.96 11.10 18.33
CA ASN B 370 26.17 12.47 17.90
C ASN B 370 25.69 13.37 19.02
N MET B 371 26.55 13.58 20.02
CA MET B 371 26.20 14.40 21.17
C MET B 371 26.10 15.89 20.88
N THR B 372 24.91 16.42 21.07
CA THR B 372 24.61 17.81 20.80
C THR B 372 24.23 18.57 22.06
N ILE B 373 24.95 19.66 22.31
CA ILE B 373 24.70 20.51 23.46
C ILE B 373 23.73 21.62 23.04
N LEU B 374 22.57 21.66 23.70
CA LEU B 374 21.58 22.70 23.42
C LEU B 374 22.08 23.91 24.20
N TRP B 375 22.79 24.78 23.49
CA TRP B 375 23.39 25.98 24.06
C TRP B 375 22.47 27.15 24.38
N SER B 376 22.71 27.73 25.56
CA SER B 376 21.97 28.89 26.03
C SER B 376 22.91 29.77 26.86
N GLU B 377 22.77 31.09 26.72
CA GLU B 377 23.58 32.03 27.47
C GLU B 377 23.32 31.90 28.97
N LYS B 378 22.12 31.44 29.32
CA LYS B 378 21.75 31.27 30.71
C LYS B 378 22.22 29.96 31.32
N LEU B 379 22.96 29.15 30.57
CA LEU B 379 23.47 27.88 31.10
C LEU B 379 24.44 28.10 32.28
N PRO B 380 24.56 27.12 33.19
CA PRO B 380 25.48 27.26 34.33
C PRO B 380 26.89 27.38 33.76
N LEU B 381 27.62 28.41 34.17
CA LEU B 381 28.98 28.63 33.67
C LEU B 381 29.85 27.38 33.76
N ASN B 382 29.60 26.58 34.80
CA ASN B 382 30.32 25.33 35.04
C ASN B 382 30.19 24.34 33.88
N PHE B 383 28.97 24.22 33.35
CA PHE B 383 28.70 23.33 32.25
C PHE B 383 29.28 23.88 30.94
N LYS B 384 29.16 25.20 30.74
CA LYS B 384 29.67 25.87 29.55
C LYS B 384 31.15 25.59 29.35
N LYS B 385 31.90 25.65 30.45
CA LYS B 385 33.34 25.39 30.42
C LYS B 385 33.67 23.93 30.17
N PHE B 386 33.04 23.03 30.93
CA PHE B 386 33.28 21.60 30.76
C PHE B 386 32.99 21.16 29.33
N ALA B 387 31.92 21.70 28.75
CA ALA B 387 31.55 21.36 27.38
C ALA B 387 32.68 21.77 26.43
N ALA B 388 33.18 23.00 26.61
CA ALA B 388 34.27 23.52 25.79
C ALA B 388 35.52 22.69 25.98
N LYS B 389 35.80 22.29 27.23
CA LYS B 389 36.97 21.47 27.57
C LYS B 389 36.93 20.19 26.76
N VAL B 390 35.76 19.54 26.75
CA VAL B 390 35.54 18.29 26.03
C VAL B 390 35.74 18.51 24.53
N SER B 391 35.30 19.67 24.03
CA SER B 391 35.47 19.98 22.62
C SER B 391 36.94 20.15 22.30
N ILE B 392 37.67 20.81 23.22
CA ILE B 392 39.10 21.04 23.05
C ILE B 392 39.85 19.72 23.04
N ASP B 393 39.48 18.83 23.95
CA ASP B 393 40.14 17.52 24.07
C ASP B 393 39.78 16.50 22.99
N THR B 394 38.53 16.50 22.55
CA THR B 394 38.08 15.50 21.58
C THR B 394 37.54 15.96 20.23
N SER B 395 37.01 17.18 20.16
CA SER B 395 36.42 17.68 18.92
C SER B 395 35.27 16.73 18.51
N SER B 396 34.56 16.21 19.51
CA SER B 396 33.47 15.28 19.28
C SER B 396 32.09 15.87 19.53
N LEU B 397 32.03 17.11 20.02
CA LEU B 397 30.76 17.75 20.32
C LEU B 397 30.29 18.76 19.28
N GLN B 398 28.99 19.07 19.31
CA GLN B 398 28.41 20.07 18.43
C GLN B 398 27.43 20.91 19.24
N TYR B 399 27.23 22.16 18.82
CA TYR B 399 26.37 23.06 19.56
C TYR B 399 25.24 23.62 18.72
N GLU B 400 24.06 23.68 19.32
CA GLU B 400 22.89 24.24 18.65
C GLU B 400 22.18 25.22 19.58
N ASN B 401 21.68 26.30 18.98
CA ASN B 401 21.02 27.39 19.70
C ASN B 401 19.67 27.11 20.39
N ASP B 402 19.73 26.87 21.70
CA ASP B 402 18.53 26.60 22.49
C ASP B 402 17.74 27.90 22.68
N ASP B 403 18.47 29.01 22.72
CA ASP B 403 17.85 30.33 22.90
C ASP B 403 17.00 30.72 21.69
N LEU B 404 17.22 30.03 20.57
CA LEU B 404 16.47 30.29 19.35
C LEU B 404 15.34 29.30 19.12
N MET B 405 15.67 28.01 19.23
CA MET B 405 14.71 26.94 19.00
C MET B 405 13.65 26.77 20.07
N ARG B 406 14.04 26.87 21.34
CA ARG B 406 13.07 26.73 22.43
C ARG B 406 11.91 27.71 22.30
N PRO B 407 12.19 29.02 22.15
CA PRO B 407 11.12 29.99 22.01
C PRO B 407 10.31 29.76 20.72
N ASP B 408 11.00 29.40 19.64
CA ASP B 408 10.34 29.15 18.37
C ASP B 408 9.27 28.08 18.51
N PHE B 409 9.65 26.95 19.12
CA PHE B 409 8.72 25.84 19.35
C PHE B 409 7.85 26.09 20.57
N ASN B 410 8.36 26.94 21.47
CA ASN B 410 7.69 27.22 22.72
C ASN B 410 7.50 25.87 23.39
N ASN B 411 8.61 25.14 23.48
CA ASN B 411 8.65 23.81 24.05
C ASN B 411 10.07 23.53 24.49
N ASP B 412 10.21 22.94 25.68
CA ASP B 412 11.52 22.60 26.22
C ASP B 412 11.85 21.12 26.10
N ASP B 413 11.08 20.41 25.28
CA ASP B 413 11.28 18.99 25.08
C ASP B 413 11.38 18.59 23.59
N TYR B 414 12.13 19.38 22.84
CA TYR B 414 12.35 19.11 21.42
C TYR B 414 13.73 18.45 21.30
N ALA B 415 13.95 17.70 20.22
CA ALA B 415 15.23 17.03 20.01
C ALA B 415 15.77 17.29 18.61
N ILE B 416 17.05 16.98 18.41
CA ILE B 416 17.69 17.18 17.13
C ILE B 416 17.79 15.87 16.38
N ALA B 417 17.24 15.84 15.17
CA ALA B 417 17.30 14.65 14.34
C ALA B 417 18.40 14.83 13.29
N CYS B 418 19.22 13.79 13.14
CA CYS B 418 20.33 13.76 12.19
C CYS B 418 21.42 14.76 12.56
N CYS B 419 21.42 15.92 11.91
CA CYS B 419 22.42 16.93 12.18
C CYS B 419 21.88 18.16 12.86
N VAL B 420 20.95 18.86 12.20
CA VAL B 420 20.40 20.10 12.72
C VAL B 420 18.89 20.29 12.63
N SER B 421 18.16 19.22 12.28
CA SER B 421 16.71 19.29 12.13
C SER B 421 15.96 19.01 13.44
N PRO B 422 15.38 20.07 14.05
CA PRO B 422 14.64 19.98 15.32
C PRO B 422 13.18 19.50 15.23
N MET B 423 12.76 18.80 16.28
CA MET B 423 11.40 18.29 16.36
C MET B 423 10.96 18.06 17.81
N ILE B 424 9.69 18.33 18.10
CA ILE B 424 9.15 18.12 19.44
C ILE B 424 8.96 16.62 19.62
N VAL B 425 9.70 16.05 20.58
CA VAL B 425 9.67 14.60 20.82
C VAL B 425 8.31 13.91 20.93
N GLY B 426 8.10 12.94 20.05
CA GLY B 426 6.87 12.17 20.03
C GLY B 426 5.65 12.86 19.44
N LYS B 427 5.82 14.09 18.95
CA LYS B 427 4.72 14.85 18.41
C LYS B 427 5.03 15.43 17.02
N GLN B 428 6.22 15.15 16.50
CA GLN B 428 6.62 15.72 15.21
C GLN B 428 7.77 14.98 14.54
N MET B 429 7.68 14.82 13.22
CA MET B 429 8.71 14.15 12.41
C MET B 429 8.97 14.94 11.12
N GLN B 430 9.94 14.49 10.35
CA GLN B 430 10.29 15.11 9.09
C GLN B 430 10.24 14.12 7.93
N PHE B 431 10.01 14.65 6.73
CA PHE B 431 10.01 13.85 5.52
C PHE B 431 11.34 14.23 4.91
N PHE B 432 12.37 13.45 5.20
CA PHE B 432 13.71 13.71 4.71
C PHE B 432 13.74 13.96 3.22
N GLY B 433 14.46 14.98 2.80
CA GLY B 433 14.53 15.30 1.38
C GLY B 433 15.91 15.45 0.81
N ALA B 434 16.95 15.13 1.59
CA ALA B 434 18.33 15.27 1.14
C ALA B 434 18.56 16.72 0.71
N ARG B 435 19.31 16.92 -0.37
CA ARG B 435 19.57 18.28 -0.84
C ARG B 435 19.68 18.42 -2.35
N ALA B 436 19.31 19.61 -2.84
CA ALA B 436 19.37 19.94 -4.27
C ALA B 436 20.65 20.73 -4.57
N ASN B 437 21.15 20.62 -5.79
CA ASN B 437 22.37 21.33 -6.21
C ASN B 437 22.05 22.74 -6.77
N LEU B 438 22.09 23.74 -5.90
CA LEU B 438 21.81 25.12 -6.29
C LEU B 438 22.83 25.70 -7.25
N ALA B 439 24.10 25.32 -7.05
CA ALA B 439 25.20 25.76 -7.87
C ALA B 439 24.95 25.41 -9.33
N LYS B 440 24.63 24.14 -9.58
CA LYS B 440 24.37 23.65 -10.93
C LYS B 440 23.13 24.33 -11.51
N THR B 441 22.22 24.78 -10.64
CA THR B 441 21.02 25.47 -11.09
C THR B 441 21.39 26.82 -11.71
N MET B 442 22.47 27.41 -11.22
CA MET B 442 22.94 28.68 -11.76
C MET B 442 23.56 28.44 -13.14
N LEU B 443 24.45 27.46 -13.23
CA LEU B 443 25.09 27.12 -14.52
C LEU B 443 24.05 26.76 -15.59
N TYR B 444 22.93 26.18 -15.16
CA TYR B 444 21.86 25.80 -16.07
C TYR B 444 21.17 27.05 -16.59
N ALA B 445 21.07 28.06 -15.73
CA ALA B 445 20.44 29.32 -16.11
C ALA B 445 21.27 29.96 -17.23
N ILE B 446 22.59 29.97 -17.03
CA ILE B 446 23.53 30.54 -17.99
C ILE B 446 23.61 29.73 -19.30
N ASN B 447 23.45 28.41 -19.20
CA ASN B 447 23.53 27.53 -20.37
C ASN B 447 22.21 27.05 -21.00
N GLY B 448 21.11 27.71 -20.65
CA GLY B 448 19.80 27.34 -21.20
C GLY B 448 19.27 25.95 -20.86
N GLY B 449 19.66 25.42 -19.71
CA GLY B 449 19.19 24.12 -19.29
C GLY B 449 20.02 22.92 -19.73
N VAL B 450 20.95 23.10 -20.65
CA VAL B 450 21.78 21.99 -21.11
C VAL B 450 22.88 21.73 -20.08
N ASP B 451 23.07 20.46 -19.71
CA ASP B 451 24.08 20.12 -18.73
C ASP B 451 25.48 20.40 -19.23
N GLU B 452 26.17 21.31 -18.55
CA GLU B 452 27.53 21.71 -18.90
C GLU B 452 28.59 20.61 -18.83
N LYS B 453 28.18 19.40 -18.45
CA LYS B 453 29.13 18.32 -18.35
C LYS B 453 28.69 17.16 -19.23
N LEU B 454 27.38 17.02 -19.38
CA LEU B 454 26.80 15.93 -20.18
C LEU B 454 26.25 16.38 -21.54
N LYS B 455 26.12 17.70 -21.70
CA LYS B 455 25.62 18.31 -22.93
C LYS B 455 24.30 17.69 -23.36
N MET B 456 23.35 17.64 -22.42
CA MET B 456 22.03 17.10 -22.69
C MET B 456 20.98 18.01 -22.06
N GLN B 457 19.81 18.08 -22.67
CA GLN B 457 18.75 18.93 -22.16
C GLN B 457 18.13 18.34 -20.90
N VAL B 458 18.53 18.92 -19.77
CA VAL B 458 18.06 18.50 -18.45
C VAL B 458 16.95 19.46 -18.02
N GLY B 459 17.30 20.73 -17.85
CA GLY B 459 16.32 21.73 -17.46
C GLY B 459 15.43 22.08 -18.65
N PRO B 460 14.45 22.99 -18.49
CA PRO B 460 13.57 23.35 -19.61
C PRO B 460 14.38 23.96 -20.77
N LYS B 461 13.94 23.70 -22.00
CA LYS B 461 14.61 24.20 -23.20
C LYS B 461 14.42 25.70 -23.41
N SER B 462 15.46 26.46 -23.06
CA SER B 462 15.44 27.91 -23.20
C SER B 462 16.76 28.41 -23.80
N GLU B 463 16.73 29.63 -24.34
CA GLU B 463 17.90 30.24 -24.97
C GLU B 463 18.96 30.67 -23.94
N PRO B 464 20.22 30.23 -24.17
CA PRO B 464 21.33 30.57 -23.28
C PRO B 464 21.68 32.06 -23.42
N ILE B 465 22.38 32.60 -22.42
CA ILE B 465 22.81 34.01 -22.44
C ILE B 465 23.81 34.25 -23.59
N LYS B 466 23.54 35.26 -24.40
CA LYS B 466 24.39 35.59 -25.55
C LYS B 466 25.52 36.57 -25.21
N GLY B 467 25.50 37.14 -24.01
CA GLY B 467 26.52 38.09 -23.60
C GLY B 467 27.98 37.66 -23.72
N ASP B 468 28.87 38.65 -23.65
CA ASP B 468 30.32 38.45 -23.73
C ASP B 468 30.90 38.51 -22.31
N VAL B 469 30.17 39.21 -21.42
CA VAL B 469 30.50 39.37 -20.01
C VAL B 469 29.20 39.19 -19.23
N LEU B 470 29.27 38.59 -18.05
CA LEU B 470 28.09 38.34 -17.24
C LEU B 470 27.53 39.56 -16.50
N ASN B 471 26.21 39.72 -16.61
CA ASN B 471 25.48 40.82 -15.97
C ASN B 471 24.55 40.29 -14.88
N TYR B 472 24.80 40.72 -13.64
CA TYR B 472 24.01 40.29 -12.48
C TYR B 472 22.49 40.30 -12.68
N ASP B 473 21.95 41.37 -13.22
CA ASP B 473 20.51 41.47 -13.45
C ASP B 473 19.99 40.39 -14.39
N GLU B 474 20.69 40.18 -15.51
CA GLU B 474 20.30 39.19 -16.52
C GLU B 474 20.38 37.74 -16.01
N VAL B 475 21.52 37.39 -15.43
CA VAL B 475 21.75 36.05 -14.90
C VAL B 475 20.75 35.66 -13.80
N MET B 476 20.56 36.55 -12.82
CA MET B 476 19.64 36.29 -11.72
C MET B 476 18.19 36.09 -12.19
N GLU B 477 17.83 36.79 -13.27
CA GLU B 477 16.49 36.68 -13.84
C GLU B 477 16.21 35.26 -14.31
N ARG B 478 17.27 34.59 -14.75
CA ARG B 478 17.17 33.22 -15.23
C ARG B 478 17.27 32.30 -14.02
N MET B 479 18.22 32.61 -13.14
CA MET B 479 18.46 31.85 -11.90
C MET B 479 17.14 31.67 -11.17
N ASP B 480 16.30 32.70 -11.19
CA ASP B 480 15.00 32.65 -10.54
C ASP B 480 14.07 31.67 -11.27
N HIS B 481 13.97 31.84 -12.59
CA HIS B 481 13.12 30.99 -13.42
C HIS B 481 13.54 29.51 -13.35
N PHE B 482 14.84 29.28 -13.13
CA PHE B 482 15.36 27.91 -13.02
C PHE B 482 15.14 27.34 -11.63
N MET B 483 15.12 28.23 -10.64
CA MET B 483 14.87 27.81 -9.27
C MET B 483 13.42 27.40 -9.12
N ASP B 484 12.54 28.01 -9.90
CA ASP B 484 11.12 27.66 -9.89
C ASP B 484 11.00 26.22 -10.36
N TRP B 485 11.72 25.93 -11.44
CA TRP B 485 11.74 24.60 -12.03
C TRP B 485 12.36 23.59 -11.04
N LEU B 486 13.49 23.96 -10.44
CA LEU B 486 14.16 23.08 -9.47
C LEU B 486 13.22 22.75 -8.31
N ALA B 487 12.48 23.76 -7.87
CA ALA B 487 11.55 23.58 -6.77
C ALA B 487 10.42 22.62 -7.12
N LYS B 488 9.93 22.69 -8.35
CA LYS B 488 8.85 21.80 -8.76
C LYS B 488 9.32 20.34 -8.89
N GLN B 489 10.48 20.13 -9.50
CA GLN B 489 11.02 18.78 -9.64
C GLN B 489 11.37 18.16 -8.29
N TYR B 490 11.92 18.99 -7.41
CA TYR B 490 12.32 18.56 -6.08
C TYR B 490 11.11 18.16 -5.25
N ILE B 491 10.07 18.99 -5.25
CA ILE B 491 8.89 18.66 -4.48
C ILE B 491 8.17 17.43 -5.03
N THR B 492 8.12 17.34 -6.35
CA THR B 492 7.46 16.21 -6.99
C THR B 492 8.18 14.91 -6.67
N ALA B 493 9.51 14.96 -6.66
CA ALA B 493 10.30 13.79 -6.35
C ALA B 493 10.05 13.34 -4.92
N LEU B 494 9.96 14.30 -4.00
CA LEU B 494 9.74 13.97 -2.61
C LEU B 494 8.33 13.44 -2.35
N ASN B 495 7.35 13.96 -3.10
CA ASN B 495 5.97 13.52 -2.96
C ASN B 495 5.85 12.05 -3.31
N ILE B 496 6.47 11.67 -4.41
CA ILE B 496 6.47 10.29 -4.85
C ILE B 496 7.17 9.44 -3.78
N ILE B 497 8.35 9.88 -3.39
CA ILE B 497 9.17 9.20 -2.40
C ILE B 497 8.47 8.87 -1.11
N HIS B 498 7.84 9.88 -0.51
CA HIS B 498 7.17 9.66 0.77
C HIS B 498 5.84 8.95 0.70
N TYR B 499 5.23 8.96 -0.47
CA TYR B 499 3.97 8.26 -0.66
C TYR B 499 4.35 6.77 -0.61
N MET B 500 5.42 6.44 -1.31
CA MET B 500 5.92 5.08 -1.40
C MET B 500 6.52 4.54 -0.11
N HIS B 501 7.16 5.42 0.66
CA HIS B 501 7.78 5.03 1.92
C HIS B 501 6.72 4.75 2.98
N ASP B 502 5.61 5.49 2.95
CA ASP B 502 4.50 5.26 3.88
C ASP B 502 3.82 3.94 3.51
N LYS B 503 3.90 3.58 2.23
CA LYS B 503 3.27 2.38 1.75
C LYS B 503 4.09 1.10 1.92
N TYR B 504 5.37 1.16 1.55
CA TYR B 504 6.20 -0.02 1.62
C TYR B 504 7.20 -0.14 2.77
N SER B 505 7.36 0.91 3.55
CA SER B 505 8.29 0.84 4.66
C SER B 505 7.92 1.78 5.81
N TYR B 506 6.66 1.71 6.24
CA TYR B 506 6.15 2.53 7.33
C TYR B 506 6.86 2.13 8.62
N GLU B 507 7.54 3.09 9.23
CA GLU B 507 8.29 2.88 10.45
C GLU B 507 7.37 2.65 11.66
N ALA B 508 6.75 1.48 11.66
CA ALA B 508 5.81 1.08 12.70
C ALA B 508 6.28 1.21 14.13
N SER B 509 7.47 0.70 14.44
CA SER B 509 7.96 0.77 15.81
C SER B 509 8.40 2.15 16.29
N LEU B 510 8.58 3.10 15.39
CA LEU B 510 8.97 4.43 15.81
C LEU B 510 7.73 5.29 16.00
N MET B 511 6.77 5.10 15.10
CA MET B 511 5.55 5.86 15.15
C MET B 511 4.66 5.37 16.29
N ALA B 512 4.94 4.19 16.80
CA ALA B 512 4.19 3.61 17.91
C ALA B 512 4.53 4.37 19.19
N LEU B 513 5.64 5.10 19.14
CA LEU B 513 6.09 5.87 20.29
C LEU B 513 5.94 7.36 20.01
N HIS B 514 4.86 7.69 19.30
CA HIS B 514 4.49 9.05 18.93
C HIS B 514 3.00 9.19 19.27
N ASP B 515 2.48 10.42 19.22
CA ASP B 515 1.07 10.67 19.50
C ASP B 515 0.26 10.14 18.30
N ARG B 516 -1.07 10.24 18.38
CA ARG B 516 -1.91 9.76 17.30
C ARG B 516 -1.71 10.53 16.01
N ASP B 517 -1.62 11.86 16.11
CA ASP B 517 -1.42 12.68 14.95
C ASP B 517 -0.06 13.32 15.11
N VAL B 518 0.79 13.13 14.10
CA VAL B 518 2.15 13.65 14.12
C VAL B 518 2.33 14.74 13.09
N ILE B 519 2.94 15.86 13.50
CA ILE B 519 3.21 16.98 12.61
C ILE B 519 4.33 16.58 11.65
N ARG B 520 4.10 16.82 10.36
CA ARG B 520 5.09 16.47 9.33
C ARG B 520 5.55 17.67 8.51
N THR B 521 6.84 17.68 8.18
CA THR B 521 7.44 18.73 7.37
C THR B 521 8.16 18.11 6.18
N MET B 522 8.16 18.82 5.05
CA MET B 522 8.81 18.37 3.81
C MET B 522 10.20 19.03 3.74
N ALA B 523 11.16 18.44 4.44
CA ALA B 523 12.52 18.94 4.52
C ALA B 523 13.32 18.98 3.23
N CYS B 524 13.51 20.19 2.70
CA CYS B 524 14.27 20.38 1.47
C CYS B 524 15.62 20.99 1.77
N GLY B 525 16.65 20.42 1.17
CA GLY B 525 18.00 20.92 1.38
C GLY B 525 18.62 21.62 0.18
N ILE B 526 19.50 22.58 0.48
CA ILE B 526 20.22 23.34 -0.52
C ILE B 526 21.71 23.05 -0.35
N ALA B 527 22.37 22.69 -1.45
CA ALA B 527 23.79 22.41 -1.41
C ALA B 527 24.53 23.43 -2.28
N GLY B 528 25.71 23.82 -1.82
CA GLY B 528 26.53 24.77 -2.55
C GLY B 528 26.04 26.20 -2.47
N LEU B 529 25.51 26.60 -1.31
CA LEU B 529 25.02 27.96 -1.13
C LEU B 529 26.12 28.97 -1.41
N SER B 530 27.27 28.78 -0.75
CA SER B 530 28.41 29.68 -0.91
C SER B 530 28.92 29.73 -2.36
N VAL B 531 29.00 28.58 -3.03
CA VAL B 531 29.46 28.57 -4.43
C VAL B 531 28.53 29.43 -5.28
N ALA B 532 27.23 29.31 -5.04
CA ALA B 532 26.25 30.08 -5.77
C ALA B 532 26.36 31.55 -5.38
N ALA B 533 26.39 31.82 -4.08
CA ALA B 533 26.48 33.18 -3.56
C ALA B 533 27.73 33.92 -4.06
N ASP B 534 28.89 33.29 -3.92
CA ASP B 534 30.15 33.89 -4.36
C ASP B 534 30.14 34.12 -5.86
N SER B 535 29.57 33.18 -6.62
CA SER B 535 29.49 33.30 -8.07
C SER B 535 28.71 34.55 -8.46
N LEU B 536 27.68 34.87 -7.68
CA LEU B 536 26.86 36.06 -7.91
C LEU B 536 27.65 37.32 -7.54
N SER B 537 28.50 37.19 -6.53
CA SER B 537 29.34 38.30 -6.07
C SER B 537 30.41 38.66 -7.10
N ALA B 538 30.84 37.65 -7.87
CA ALA B 538 31.86 37.83 -8.91
C ALA B 538 31.28 38.42 -10.20
N ILE B 539 29.97 38.64 -10.23
CA ILE B 539 29.30 39.17 -11.41
C ILE B 539 28.78 40.58 -11.16
N LYS B 540 28.61 40.92 -9.88
CA LYS B 540 28.09 42.22 -9.50
C LYS B 540 29.21 43.11 -8.94
N TYR B 541 30.40 42.53 -8.78
CA TYR B 541 31.54 43.27 -8.23
C TYR B 541 32.87 43.08 -8.99
N ALA B 542 32.81 42.45 -10.17
CA ALA B 542 34.01 42.23 -10.97
C ALA B 542 33.65 41.94 -12.43
N LYS B 543 34.64 41.45 -13.19
CA LYS B 543 34.46 41.12 -14.60
C LYS B 543 34.65 39.62 -14.89
N VAL B 544 33.56 38.98 -15.31
CA VAL B 544 33.57 37.55 -15.64
C VAL B 544 33.38 37.30 -17.13
N LYS B 545 34.31 36.56 -17.71
CA LYS B 545 34.27 36.24 -19.14
C LYS B 545 33.97 34.76 -19.38
N PRO B 546 32.77 34.46 -19.92
CA PRO B 546 32.29 33.12 -20.25
C PRO B 546 33.06 32.48 -21.41
N ILE B 547 33.89 31.48 -21.11
CA ILE B 547 34.67 30.78 -22.14
C ILE B 547 33.81 29.66 -22.75
N ARG B 548 33.13 29.96 -23.86
CA ARG B 548 32.27 28.97 -24.52
C ARG B 548 32.96 27.95 -25.41
N ASP B 549 32.20 26.92 -25.80
CA ASP B 549 32.70 25.86 -26.66
C ASP B 549 32.09 26.01 -28.06
N GLU B 550 32.26 24.99 -28.90
CA GLU B 550 31.74 25.01 -30.27
C GLU B 550 30.20 24.94 -30.39
N ASP B 551 29.50 25.26 -29.31
CA ASP B 551 28.03 25.25 -29.29
C ASP B 551 27.49 26.44 -28.52
N GLY B 552 28.39 27.17 -27.87
CA GLY B 552 28.02 28.34 -27.09
C GLY B 552 27.79 28.04 -25.63
N LEU B 553 28.13 26.82 -25.24
CA LEU B 553 27.96 26.35 -23.87
C LEU B 553 29.13 26.77 -22.98
N ALA B 554 28.86 27.67 -22.04
CA ALA B 554 29.91 28.15 -21.13
C ALA B 554 30.52 27.05 -20.25
N ILE B 555 31.73 26.62 -20.60
CA ILE B 555 32.41 25.57 -19.86
C ILE B 555 33.51 26.08 -18.92
N ASP B 556 33.68 27.41 -18.89
CA ASP B 556 34.69 28.02 -18.03
C ASP B 556 34.48 29.54 -18.04
N PHE B 557 35.12 30.23 -17.10
CA PHE B 557 35.00 31.69 -16.97
C PHE B 557 36.33 32.37 -16.60
N GLU B 558 36.47 33.64 -16.99
CA GLU B 558 37.66 34.44 -16.70
C GLU B 558 37.34 35.53 -15.69
N ILE B 559 38.16 35.62 -14.64
CA ILE B 559 37.94 36.59 -13.59
C ILE B 559 39.02 37.66 -13.43
N GLU B 560 38.58 38.92 -13.54
CA GLU B 560 39.45 40.09 -13.42
C GLU B 560 38.81 41.05 -12.42
N GLY B 561 39.48 41.27 -11.30
CA GLY B 561 38.97 42.18 -10.29
C GLY B 561 38.53 41.47 -9.02
N GLU B 562 39.13 41.86 -7.90
CA GLU B 562 38.79 41.26 -6.60
C GLU B 562 37.30 41.41 -6.31
N TYR B 563 36.65 40.30 -5.97
CA TYR B 563 35.22 40.29 -5.65
C TYR B 563 34.99 39.73 -4.24
N PRO B 564 33.92 40.17 -3.56
CA PRO B 564 33.55 39.73 -2.21
C PRO B 564 33.28 38.23 -2.08
N GLN B 565 33.57 37.71 -0.89
CA GLN B 565 33.37 36.29 -0.62
C GLN B 565 32.66 36.06 0.73
N PHE B 566 31.75 35.09 0.74
CA PHE B 566 30.97 34.74 1.91
C PHE B 566 31.90 34.22 3.02
N GLY B 567 31.74 34.78 4.22
CA GLY B 567 32.56 34.35 5.35
C GLY B 567 33.55 35.40 5.86
N ASN B 568 33.40 36.64 5.40
CA ASN B 568 34.30 37.70 5.83
C ASN B 568 33.55 38.89 6.49
N ASN B 569 32.31 38.64 6.88
CA ASN B 569 31.45 39.63 7.52
C ASN B 569 31.12 40.80 6.60
N ASP B 570 31.38 40.63 5.31
CA ASP B 570 31.09 41.67 4.32
C ASP B 570 29.64 41.51 3.83
N PRO B 571 28.76 42.46 4.19
CA PRO B 571 27.35 42.45 3.80
C PRO B 571 27.07 42.26 2.31
N ARG B 572 27.87 42.89 1.44
CA ARG B 572 27.68 42.80 0.00
C ARG B 572 27.53 41.36 -0.55
N VAL B 573 28.33 40.44 -0.04
CA VAL B 573 28.28 39.02 -0.45
C VAL B 573 27.31 38.24 0.46
N ASP B 574 27.35 38.55 1.76
CA ASP B 574 26.49 37.89 2.75
C ASP B 574 25.02 38.16 2.44
N ASP B 575 24.72 39.33 1.89
CA ASP B 575 23.34 39.69 1.56
C ASP B 575 22.77 38.84 0.44
N LEU B 576 23.64 38.31 -0.41
CA LEU B 576 23.23 37.47 -1.53
C LEU B 576 22.87 36.05 -1.13
N ALA B 577 23.59 35.52 -0.15
CA ALA B 577 23.35 34.17 0.37
C ALA B 577 22.00 34.15 1.09
N VAL B 578 21.79 35.16 1.92
CA VAL B 578 20.55 35.33 2.69
C VAL B 578 19.36 35.49 1.73
N ASP B 579 19.61 36.10 0.58
CA ASP B 579 18.59 36.30 -0.45
C ASP B 579 18.22 34.96 -1.10
N LEU B 580 19.24 34.17 -1.43
CA LEU B 580 19.04 32.86 -2.04
C LEU B 580 18.19 31.94 -1.15
N VAL B 581 18.54 31.87 0.14
CA VAL B 581 17.80 31.05 1.09
C VAL B 581 16.34 31.45 1.05
N GLU B 582 16.10 32.76 1.14
CA GLU B 582 14.76 33.29 1.11
C GLU B 582 14.00 32.95 -0.17
N ARG B 583 14.64 33.15 -1.32
CA ARG B 583 14.00 32.88 -2.60
C ARG B 583 13.48 31.46 -2.77
N PHE B 584 14.36 30.49 -2.53
CA PHE B 584 14.00 29.09 -2.65
C PHE B 584 12.89 28.70 -1.69
N MET B 585 13.02 29.14 -0.44
CA MET B 585 12.01 28.83 0.59
C MET B 585 10.62 29.33 0.18
N LYS B 586 10.58 30.51 -0.43
CA LYS B 586 9.30 31.10 -0.85
C LYS B 586 8.75 30.32 -2.03
N LYS B 587 9.64 29.72 -2.81
CA LYS B 587 9.25 28.96 -3.98
C LYS B 587 8.62 27.60 -3.68
N ILE B 588 9.33 26.76 -2.93
CA ILE B 588 8.82 25.45 -2.58
C ILE B 588 7.56 25.57 -1.72
N GLN B 589 7.45 26.71 -1.04
CA GLN B 589 6.33 27.01 -0.15
C GLN B 589 4.95 27.07 -0.81
N LYS B 590 4.93 27.36 -2.12
CA LYS B 590 3.67 27.48 -2.86
C LYS B 590 3.19 26.17 -3.50
N LEU B 591 3.93 25.09 -3.29
CA LEU B 591 3.59 23.80 -3.91
C LEU B 591 2.86 22.82 -3.01
N HIS B 592 1.99 22.00 -3.62
CA HIS B 592 1.23 20.98 -2.89
C HIS B 592 2.15 19.82 -2.51
N THR B 593 1.98 19.28 -1.31
CA THR B 593 2.81 18.18 -0.83
C THR B 593 2.02 17.00 -0.28
N TYR B 594 2.62 15.81 -0.36
CA TYR B 594 2.01 14.57 0.14
C TYR B 594 1.72 14.71 1.64
N ARG B 595 0.53 14.30 2.04
CA ARG B 595 0.09 14.39 3.44
C ARG B 595 0.12 15.79 4.00
N ASP B 596 0.17 16.79 3.12
CA ASP B 596 0.20 18.19 3.52
C ASP B 596 1.39 18.50 4.42
N ALA B 597 2.54 17.91 4.12
CA ALA B 597 3.73 18.15 4.90
C ALA B 597 4.20 19.58 4.63
N ILE B 598 4.28 20.38 5.69
CA ILE B 598 4.70 21.77 5.57
C ILE B 598 6.16 21.81 5.10
N PRO B 599 6.39 22.30 3.87
CA PRO B 599 7.74 22.39 3.33
C PRO B 599 8.63 23.31 4.14
N THR B 600 9.81 22.81 4.49
CA THR B 600 10.80 23.56 5.25
C THR B 600 12.10 23.46 4.48
N GLN B 601 13.08 24.29 4.86
CA GLN B 601 14.38 24.27 4.18
C GLN B 601 15.54 24.08 5.13
N SER B 602 16.67 23.65 4.58
CA SER B 602 17.88 23.46 5.36
C SER B 602 19.12 23.60 4.48
N VAL B 603 20.14 24.26 5.03
CA VAL B 603 21.40 24.45 4.32
C VAL B 603 22.31 23.38 4.95
N LEU B 604 22.17 22.17 4.41
CA LEU B 604 22.90 21.01 4.90
C LEU B 604 23.30 20.16 3.67
N THR B 605 24.48 19.56 3.71
CA THR B 605 24.94 18.78 2.58
C THR B 605 25.41 17.37 2.88
N ILE B 606 26.07 17.22 4.02
CA ILE B 606 26.67 15.94 4.42
C ILE B 606 27.83 15.81 3.42
N THR B 607 28.05 14.64 2.86
CA THR B 607 29.13 14.48 1.89
C THR B 607 28.65 14.76 0.45
N SER B 608 27.48 15.37 0.33
CA SER B 608 26.94 15.73 -0.97
C SER B 608 27.73 16.91 -1.56
N ASN B 609 28.49 17.59 -0.70
CA ASN B 609 29.32 18.70 -1.13
C ASN B 609 30.43 18.14 -2.03
N VAL B 610 30.86 16.92 -1.74
CA VAL B 610 31.90 16.25 -2.52
C VAL B 610 31.32 15.68 -3.81
N VAL B 611 30.23 14.94 -3.67
CA VAL B 611 29.55 14.30 -4.81
C VAL B 611 29.02 15.31 -5.83
N TYR B 612 28.31 16.34 -5.35
CA TYR B 612 27.77 17.36 -6.23
C TYR B 612 28.90 18.16 -6.88
N GLY B 613 29.86 18.59 -6.07
CA GLY B 613 30.98 19.36 -6.58
C GLY B 613 31.71 18.59 -7.67
N LYS B 614 31.73 17.28 -7.52
CA LYS B 614 32.37 16.38 -8.47
C LYS B 614 31.62 16.41 -9.82
N LYS B 615 30.29 16.50 -9.76
CA LYS B 615 29.45 16.54 -10.95
C LYS B 615 29.15 17.93 -11.47
N THR B 616 29.74 18.95 -10.85
CA THR B 616 29.53 20.34 -11.28
C THR B 616 30.82 20.93 -11.88
N GLY B 617 30.68 21.53 -13.07
CA GLY B 617 31.81 22.13 -13.77
C GLY B 617 32.30 23.45 -13.21
N ASN B 618 33.17 24.13 -13.95
CA ASN B 618 33.72 25.41 -13.54
C ASN B 618 32.61 26.44 -13.26
N THR B 619 32.70 27.10 -12.11
CA THR B 619 31.68 28.08 -11.75
C THR B 619 32.19 29.53 -11.77
N PRO B 620 31.27 30.50 -11.93
CA PRO B 620 31.58 31.94 -11.97
C PRO B 620 32.40 32.48 -10.79
N ASP B 621 32.46 31.72 -9.71
CA ASP B 621 33.21 32.16 -8.53
C ASP B 621 34.70 31.81 -8.60
N GLY B 622 35.08 31.07 -9.65
CA GLY B 622 36.48 30.69 -9.79
C GLY B 622 36.76 29.26 -9.38
N ARG B 623 35.77 28.60 -8.78
CA ARG B 623 35.92 27.20 -8.35
C ARG B 623 36.10 26.31 -9.59
N ARG B 624 37.12 25.47 -9.56
CA ARG B 624 37.42 24.58 -10.67
C ARG B 624 36.45 23.38 -10.68
N ALA B 625 36.21 22.83 -11.86
CA ALA B 625 35.32 21.68 -12.04
C ALA B 625 35.79 20.43 -11.28
N GLY B 626 34.85 19.75 -10.62
CA GLY B 626 35.17 18.55 -9.86
C GLY B 626 35.52 18.82 -8.40
N ALA B 627 35.75 20.08 -8.07
CA ALA B 627 36.10 20.49 -6.71
C ALA B 627 34.88 20.50 -5.80
N PRO B 628 35.05 20.03 -4.54
CA PRO B 628 33.97 19.98 -3.55
C PRO B 628 33.43 21.34 -3.15
N PHE B 629 32.15 21.39 -2.80
CA PHE B 629 31.52 22.63 -2.33
C PHE B 629 31.86 22.68 -0.85
N GLY B 630 31.36 23.69 -0.15
CA GLY B 630 31.63 23.80 1.28
C GLY B 630 30.63 22.95 2.06
N PRO B 631 31.08 22.24 3.11
CA PRO B 631 30.12 21.42 3.87
C PRO B 631 29.01 22.30 4.47
N GLY B 632 27.76 21.91 4.24
CA GLY B 632 26.64 22.67 4.76
C GLY B 632 26.57 24.12 4.28
N ALA B 633 26.48 25.04 5.23
CA ALA B 633 26.40 26.48 4.93
C ALA B 633 27.77 27.17 5.03
N ASN B 634 28.82 26.36 5.11
CA ASN B 634 30.19 26.87 5.21
C ASN B 634 30.65 27.67 3.99
N PRO B 635 31.60 28.59 4.21
CA PRO B 635 32.12 29.38 3.10
C PRO B 635 33.03 28.41 2.33
N MET B 636 33.26 28.65 1.04
CA MET B 636 34.11 27.77 0.26
C MET B 636 35.52 27.66 0.86
N HIS B 637 36.14 26.49 0.72
CA HIS B 637 37.47 26.20 1.28
C HIS B 637 38.50 27.34 1.31
N GLY B 638 38.86 27.74 2.53
CA GLY B 638 39.84 28.79 2.74
C GLY B 638 39.41 30.24 2.49
N ARG B 639 38.24 30.46 1.89
CA ARG B 639 37.78 31.81 1.58
C ARG B 639 37.52 32.75 2.76
N ASP B 640 37.21 32.20 3.94
CA ASP B 640 36.98 33.02 5.13
C ASP B 640 38.32 33.25 5.86
N GLN B 641 38.87 34.45 5.70
CA GLN B 641 40.17 34.78 6.28
C GLN B 641 40.22 35.86 7.36
N LYS B 642 39.07 36.40 7.75
CA LYS B 642 39.05 37.44 8.77
C LYS B 642 38.84 36.91 10.19
N GLY B 643 39.31 35.68 10.42
CA GLY B 643 39.19 35.05 11.73
C GLY B 643 37.81 34.53 12.08
N ALA B 644 37.72 33.95 13.28
CA ALA B 644 36.50 33.37 13.81
C ALA B 644 35.28 34.29 13.82
N VAL B 645 35.37 35.40 14.57
CA VAL B 645 34.26 36.36 14.67
C VAL B 645 33.66 36.72 13.32
N ALA B 646 34.50 36.90 12.32
CA ALA B 646 34.05 37.25 10.98
C ALA B 646 33.24 36.12 10.33
N SER B 647 33.84 34.93 10.26
CA SER B 647 33.17 33.78 9.64
C SER B 647 31.94 33.32 10.41
N LEU B 648 31.93 33.51 11.73
CA LEU B 648 30.79 33.14 12.56
C LEU B 648 29.64 34.11 12.31
N THR B 649 29.96 35.38 12.16
CA THR B 649 28.95 36.42 11.92
C THR B 649 28.24 36.27 10.57
N SER B 650 28.96 35.79 9.56
CA SER B 650 28.38 35.60 8.23
C SER B 650 27.34 34.48 8.23
N VAL B 651 27.69 33.34 8.85
CA VAL B 651 26.81 32.19 8.93
C VAL B 651 25.59 32.48 9.82
N ALA B 652 25.79 33.30 10.85
CA ALA B 652 24.71 33.66 11.76
C ALA B 652 23.68 34.56 11.07
N LYS B 653 24.14 35.31 10.07
CA LYS B 653 23.29 36.21 9.31
C LYS B 653 22.25 35.44 8.50
N LEU B 654 22.53 34.16 8.25
CA LEU B 654 21.62 33.30 7.50
C LEU B 654 20.33 33.09 8.30
N PRO B 655 19.18 33.40 7.68
CA PRO B 655 17.83 33.28 8.27
C PRO B 655 17.29 31.88 8.58
N PHE B 656 17.31 31.51 9.86
CA PHE B 656 16.80 30.22 10.31
C PHE B 656 15.27 30.24 10.12
N ALA B 657 14.73 31.44 9.95
CA ALA B 657 13.30 31.63 9.73
C ALA B 657 12.89 31.16 8.33
N TYR B 658 13.90 30.96 7.48
CA TYR B 658 13.68 30.49 6.11
C TYR B 658 14.32 29.14 5.87
N ALA B 659 14.90 28.61 6.94
CA ALA B 659 15.56 27.30 6.90
C ALA B 659 15.25 26.59 8.22
N LYS B 660 13.97 26.39 8.49
CA LYS B 660 13.52 25.75 9.72
C LYS B 660 14.07 24.33 9.92
N ASP B 661 14.56 23.72 8.85
CA ASP B 661 15.11 22.37 8.94
C ASP B 661 16.58 22.39 9.35
N GLY B 662 17.14 23.59 9.48
CA GLY B 662 18.53 23.72 9.91
C GLY B 662 19.56 24.41 9.01
N ILE B 663 20.63 24.86 9.65
CA ILE B 663 21.74 25.56 8.99
C ILE B 663 23.04 25.05 9.61
N SER B 664 23.68 24.10 8.92
CA SER B 664 24.92 23.47 9.38
C SER B 664 26.18 24.26 9.10
N TYR B 665 27.02 24.41 10.11
CA TYR B 665 28.28 25.12 9.98
C TYR B 665 29.43 24.41 10.70
N THR B 666 30.39 23.89 9.94
CA THR B 666 31.56 23.20 10.49
C THR B 666 32.67 24.24 10.75
N PHE B 667 33.01 24.43 12.02
CA PHE B 667 34.04 25.39 12.42
C PHE B 667 35.27 24.72 13.04
N SER B 668 36.42 24.91 12.41
CA SER B 668 37.69 24.35 12.87
C SER B 668 38.65 25.48 13.28
N ILE B 669 39.31 25.33 14.44
CA ILE B 669 40.22 26.33 14.96
C ILE B 669 41.43 25.69 15.64
N VAL B 670 42.59 26.30 15.42
CA VAL B 670 43.86 25.84 16.00
C VAL B 670 43.88 26.08 17.52
N PRO B 671 44.49 25.15 18.29
CA PRO B 671 44.58 25.25 19.75
C PRO B 671 45.05 26.63 20.23
N ASN B 672 46.13 27.14 19.62
CA ASN B 672 46.68 28.43 19.99
C ASN B 672 45.81 29.64 19.68
N ALA B 673 44.91 29.50 18.72
CA ALA B 673 44.02 30.61 18.37
C ALA B 673 43.05 30.91 19.51
N LEU B 674 42.82 29.90 20.36
CA LEU B 674 41.91 30.03 21.50
C LEU B 674 42.57 30.51 22.79
N GLY B 675 43.90 30.36 22.90
CA GLY B 675 44.58 30.79 24.10
C GLY B 675 45.93 30.13 24.32
N LYS B 676 46.60 30.51 25.40
CA LYS B 676 47.91 29.97 25.75
C LYS B 676 47.83 28.68 26.58
N ASP B 677 46.75 28.56 27.36
CA ASP B 677 46.49 27.38 28.20
C ASP B 677 44.99 27.06 28.16
N ASP B 678 44.62 25.88 28.64
CA ASP B 678 43.22 25.44 28.62
C ASP B 678 42.19 26.40 29.24
N GLU B 679 42.49 26.96 30.42
CA GLU B 679 41.58 27.88 31.09
C GLU B 679 41.16 29.06 30.22
N VAL B 680 42.13 29.63 29.51
CA VAL B 680 41.88 30.76 28.62
C VAL B 680 41.06 30.28 27.43
N ARG B 681 41.44 29.11 26.90
CA ARG B 681 40.77 28.50 25.74
C ARG B 681 39.29 28.21 26.00
N LYS B 682 39.00 27.59 27.14
CA LYS B 682 37.63 27.25 27.51
C LYS B 682 36.79 28.52 27.61
N THR B 683 37.32 29.50 28.33
CA THR B 683 36.64 30.77 28.52
C THR B 683 36.36 31.46 27.18
N ASN B 684 37.35 31.47 26.31
CA ASN B 684 37.21 32.10 24.99
C ASN B 684 36.26 31.38 24.06
N LEU B 685 36.35 30.05 24.04
CA LEU B 685 35.49 29.22 23.20
C LEU B 685 34.03 29.43 23.61
N ALA B 686 33.78 29.35 24.91
CA ALA B 686 32.44 29.55 25.46
C ALA B 686 31.97 30.95 25.06
N GLY B 687 32.88 31.93 25.17
CA GLY B 687 32.56 33.31 24.82
C GLY B 687 32.19 33.45 23.35
N LEU B 688 32.87 32.70 22.49
CA LEU B 688 32.62 32.73 21.04
C LEU B 688 31.20 32.26 20.76
N MET B 689 30.84 31.11 21.36
CA MET B 689 29.53 30.52 21.19
C MET B 689 28.44 31.40 21.80
N ASP B 690 28.77 32.14 22.86
CA ASP B 690 27.80 33.04 23.48
C ASP B 690 27.48 34.16 22.50
N GLY B 691 28.52 34.66 21.83
CA GLY B 691 28.34 35.72 20.86
C GLY B 691 27.66 35.21 19.60
N TYR B 692 28.03 34.00 19.19
CA TYR B 692 27.48 33.36 17.99
C TYR B 692 26.00 33.02 18.14
N PHE B 693 25.66 32.36 19.24
CA PHE B 693 24.29 31.96 19.50
C PHE B 693 23.45 33.07 20.13
N HIS B 694 24.04 34.24 20.38
CA HIS B 694 23.30 35.35 21.00
C HIS B 694 21.99 35.67 20.28
N HIS B 695 20.89 35.47 20.99
CA HIS B 695 19.55 35.73 20.46
C HIS B 695 18.94 36.97 21.09
N GLU B 696 18.17 37.70 20.29
CA GLU B 696 17.51 38.93 20.69
C GLU B 696 16.37 39.18 19.69
N ALA B 697 15.54 40.18 19.96
CA ALA B 697 14.41 40.48 19.07
C ALA B 697 14.78 41.01 17.67
N SER B 698 15.93 41.68 17.57
CA SER B 698 16.40 42.23 16.28
C SER B 698 17.62 41.50 15.72
N ILE B 699 18.05 40.48 16.45
CA ILE B 699 19.20 39.65 16.07
C ILE B 699 18.80 38.18 16.27
N GLU B 700 18.65 37.45 15.17
CA GLU B 700 18.27 36.04 15.23
C GLU B 700 19.40 35.20 15.82
N GLY B 701 20.58 35.23 15.18
CA GLY B 701 21.72 34.48 15.66
C GLY B 701 21.96 33.15 14.98
N GLY B 702 23.13 32.55 15.23
CA GLY B 702 23.45 31.26 14.63
C GLY B 702 22.63 30.10 15.20
N GLN B 703 22.43 29.08 14.36
CA GLN B 703 21.64 27.91 14.76
C GLN B 703 22.50 26.70 15.14
N HIS B 704 23.58 26.48 14.38
CA HIS B 704 24.46 25.34 14.62
C HIS B 704 25.95 25.67 14.58
N LEU B 705 26.74 24.84 15.27
CA LEU B 705 28.18 25.01 15.33
C LEU B 705 28.93 23.71 15.65
N ASN B 706 29.71 23.23 14.67
CA ASN B 706 30.56 22.06 14.84
C ASN B 706 31.86 22.63 15.37
N VAL B 707 32.43 22.06 16.42
CA VAL B 707 33.68 22.59 16.93
C VAL B 707 34.86 21.64 16.89
N ASN B 708 35.84 22.01 16.09
CA ASN B 708 37.07 21.24 15.93
C ASN B 708 38.22 22.10 16.42
N VAL B 709 38.97 21.58 17.38
CA VAL B 709 40.13 22.28 17.93
C VAL B 709 41.33 21.39 17.60
N MET B 710 42.00 21.71 16.50
CA MET B 710 43.14 20.90 16.02
C MET B 710 44.07 21.67 15.08
N ASN B 711 45.15 20.99 14.67
CA ASN B 711 46.13 21.55 13.74
C ASN B 711 46.13 20.70 12.48
N ARG B 712 46.22 21.34 11.31
CA ARG B 712 46.21 20.64 10.03
C ARG B 712 47.31 19.57 9.94
N GLU B 713 48.46 19.86 10.56
CA GLU B 713 49.62 18.96 10.57
C GLU B 713 49.34 17.63 11.26
N MET B 714 48.50 17.69 12.30
CA MET B 714 48.14 16.52 13.08
C MET B 714 47.32 15.56 12.21
N LEU B 715 46.47 16.12 11.35
CA LEU B 715 45.66 15.34 10.43
C LEU B 715 46.53 14.78 9.31
N LEU B 716 47.51 15.57 8.87
CA LEU B 716 48.42 15.14 7.81
C LEU B 716 49.19 13.93 8.32
N ASP B 717 49.54 13.95 9.61
CA ASP B 717 50.27 12.88 10.26
C ASP B 717 49.35 11.67 10.42
N ALA B 718 48.06 11.94 10.57
CA ALA B 718 47.04 10.90 10.73
C ALA B 718 46.85 10.15 9.41
N MET B 719 46.99 10.88 8.30
CA MET B 719 46.83 10.30 6.97
C MET B 719 47.98 9.35 6.68
N GLU B 720 49.18 9.69 7.17
CA GLU B 720 50.37 8.86 6.97
C GLU B 720 50.39 7.67 7.92
N ASN B 721 50.01 7.92 9.18
CA ASN B 721 50.00 6.88 10.21
C ASN B 721 48.62 6.71 10.86
N PRO B 722 47.75 5.90 10.24
CA PRO B 722 46.39 5.61 10.72
C PRO B 722 46.37 4.90 12.06
N GLU B 723 47.19 3.86 12.20
CA GLU B 723 47.26 3.05 13.42
C GLU B 723 47.61 3.84 14.70
N LYS B 724 48.09 5.06 14.53
CA LYS B 724 48.47 5.92 15.67
C LYS B 724 47.29 6.73 16.24
N TYR B 725 46.25 6.91 15.44
CA TYR B 725 45.04 7.66 15.84
C TYR B 725 43.77 6.81 15.61
N PRO B 726 43.62 5.69 16.35
CA PRO B 726 42.45 4.82 16.20
C PRO B 726 41.11 5.46 16.53
N GLN B 727 41.06 6.23 17.61
CA GLN B 727 39.82 6.87 18.04
C GLN B 727 39.69 8.35 17.69
N LEU B 728 40.56 8.83 16.80
CA LEU B 728 40.53 10.24 16.38
C LEU B 728 39.18 10.57 15.73
N THR B 729 38.53 11.61 16.23
CA THR B 729 37.22 12.03 15.72
C THR B 729 37.17 13.51 15.34
N ILE B 730 36.45 13.80 14.25
CA ILE B 730 36.30 15.18 13.78
C ILE B 730 34.87 15.47 13.30
N ARG B 731 34.48 16.73 13.43
CA ARG B 731 33.16 17.19 13.00
C ARG B 731 33.34 17.47 11.51
N VAL B 732 32.46 16.95 10.67
CA VAL B 732 32.62 17.14 9.22
C VAL B 732 31.51 17.80 8.43
N SER B 733 30.29 17.84 8.94
CA SER B 733 29.19 18.47 8.19
C SER B 733 27.90 18.58 8.99
N GLY B 734 27.96 18.26 10.28
CA GLY B 734 26.80 18.30 11.13
C GLY B 734 26.76 17.03 11.96
N TYR B 735 27.84 16.25 11.84
CA TYR B 735 28.00 14.99 12.54
C TYR B 735 29.50 14.74 12.67
N ALA B 736 29.87 13.68 13.38
CA ALA B 736 31.27 13.36 13.56
C ALA B 736 31.62 12.05 12.90
N VAL B 737 32.91 11.84 12.61
CA VAL B 737 33.42 10.61 11.98
C VAL B 737 34.85 10.37 12.43
N ARG B 738 35.23 9.11 12.51
CA ARG B 738 36.60 8.77 12.84
C ARG B 738 37.36 9.14 11.56
N PHE B 739 38.51 9.77 11.70
CA PHE B 739 39.29 10.19 10.53
C PHE B 739 39.66 9.01 9.62
N ASN B 740 40.01 7.88 10.24
CA ASN B 740 40.38 6.69 9.50
C ASN B 740 39.23 5.98 8.78
N SER B 741 38.00 6.46 8.98
CA SER B 741 36.82 5.86 8.35
C SER B 741 36.51 6.48 6.99
N LEU B 742 37.17 7.59 6.70
CA LEU B 742 37.00 8.30 5.43
C LEU B 742 37.91 7.76 4.33
N THR B 743 37.53 8.02 3.08
CA THR B 743 38.33 7.59 1.92
C THR B 743 39.39 8.66 1.68
N LYS B 744 40.38 8.35 0.86
CA LYS B 744 41.47 9.28 0.57
C LYS B 744 40.94 10.62 0.04
N GLU B 745 39.91 10.54 -0.80
CA GLU B 745 39.29 11.72 -1.40
C GLU B 745 38.46 12.54 -0.40
N GLN B 746 37.79 11.84 0.51
CA GLN B 746 36.97 12.47 1.54
C GLN B 746 37.87 13.17 2.55
N GLN B 747 39.04 12.58 2.81
CA GLN B 747 40.00 13.18 3.71
C GLN B 747 40.59 14.42 3.05
N GLN B 748 40.80 14.33 1.74
CA GLN B 748 41.34 15.42 0.94
C GLN B 748 40.48 16.67 1.11
N ASP B 749 39.17 16.45 1.18
CA ASP B 749 38.17 17.51 1.36
C ASP B 749 38.39 18.18 2.71
N VAL B 750 38.53 17.36 3.74
CA VAL B 750 38.73 17.84 5.10
C VAL B 750 39.99 18.72 5.26
N ILE B 751 41.16 18.15 5.01
CA ILE B 751 42.44 18.86 5.13
C ILE B 751 42.54 20.19 4.36
N THR B 752 41.78 20.31 3.27
CA THR B 752 41.81 21.52 2.46
C THR B 752 40.76 22.57 2.90
N ARG B 753 40.09 22.28 4.02
CA ARG B 753 39.08 23.20 4.55
C ARG B 753 39.72 24.30 5.39
N THR B 754 38.91 25.30 5.76
CA THR B 754 39.39 26.42 6.56
C THR B 754 39.74 26.07 8.01
N PHE B 755 40.99 26.34 8.39
CA PHE B 755 41.47 26.11 9.74
C PHE B 755 41.71 27.50 10.33
N THR B 756 40.72 28.01 11.03
CA THR B 756 40.81 29.35 11.63
C THR B 756 42.08 29.51 12.48
N GLN B 757 42.89 30.50 12.11
CA GLN B 757 44.16 30.80 12.78
C GLN B 757 44.08 31.89 13.85
N SER B 758 43.11 32.78 13.73
CA SER B 758 42.93 33.87 14.68
C SER B 758 41.45 34.01 15.03
N MET B 759 41.11 35.12 15.68
CA MET B 759 39.72 35.38 16.05
C MET B 759 39.19 36.65 15.35
CL CL C . 5.93 2.03 -17.64
NA NA D . -37.77 -5.08 -13.58
CL CL E . -5.80 -2.65 17.37
NA NA F . 20.49 32.69 12.02
#